data_5XRC
#
_entry.id   5XRC
#
_cell.length_a   120.144
_cell.length_b   120.144
_cell.length_c   615.337
_cell.angle_alpha   90.00
_cell.angle_beta   90.00
_cell.angle_gamma   90.00
#
_symmetry.space_group_name_H-M   'I 4 2 2'
#
loop_
_entity.id
_entity.type
_entity.pdbx_description
1 polymer Cellulase
2 water water
#
_entity_poly.entity_id   1
_entity_poly.type   'polypeptide(L)'
_entity_poly.pdbx_seq_one_letter_code
;MGSSHHHHHHSSGLVPRGSHMASMTGGQQMGRGSDEGAKQTDIQSYVADMQPGWNLGNTFDAVGDDETAWGNPRVTRELI
KTIADEGYKSIRIPVTWENQMGNAPDYTINEDFFSRVEQVIDWALEEDLYVMLNLHHDSWLWIYNMEHNYDEVMAKYTAL
WEQLSERFQGHSHKLMFESVNEPRFTRDWGEIQENHHAFLEELNTAFYHIVRESGGSNTERPLVLPTLETATSQDLLNRL
HQTMKDLNDPNLIATVHYYGFWPFSVNVAGYTRFEEETQQDIIDTFNRVHNTFTANGIPVVLGEFGLLGFDTSTDVIQQG
EKLKFFEFLIHHLNERDVTHMLWDNGQHLNRETYSWYDQEFHNMLKASWEGRSATAESNLIHVRDGEPIRDQDIQLHLHG
NELTGLQVDGDSLALGEDYELAGDVLTMKADALTALMTPGELGTNAVITAQFNSGADWHFQLQNVDEPTLENTEGSTSNF
AIPAHFNGDSVATMEAVYANGEFAGPQNWTSFKEFGYTFSPVYDKGEIVITDAFFNEVRDDDIHLTFHFWSGEMVEYTLS
KNGNHVQGRRVDKLAAALEHHHHHH
;
_entity_poly.pdbx_strand_id   A,B,C
#
# COMPACT_ATOMS: atom_id res chain seq x y z
N GLN A 40 -19.51 -11.21 21.84
CA GLN A 40 -19.12 -10.02 21.09
C GLN A 40 -20.31 -9.09 20.86
N THR A 41 -20.05 -7.79 20.94
CA THR A 41 -21.07 -6.78 20.72
C THR A 41 -21.35 -6.60 19.23
N ASP A 42 -22.49 -5.97 18.94
CA ASP A 42 -22.89 -5.75 17.54
C ASP A 42 -21.90 -4.86 16.80
N ILE A 43 -21.35 -3.85 17.49
CA ILE A 43 -20.43 -2.93 16.81
C ILE A 43 -19.09 -3.61 16.55
N GLN A 44 -18.66 -4.51 17.44
CA GLN A 44 -17.40 -5.20 17.20
C GLN A 44 -17.52 -6.23 16.08
N SER A 45 -18.70 -6.82 15.91
CA SER A 45 -18.94 -7.68 14.75
C SER A 45 -18.95 -6.87 13.46
N TYR A 46 -19.40 -5.62 13.54
CA TYR A 46 -19.37 -4.70 12.40
C TYR A 46 -17.92 -4.42 11.99
N VAL A 47 -17.15 -3.84 12.90
CA VAL A 47 -15.75 -3.53 12.62
C VAL A 47 -14.98 -4.77 12.22
N ALA A 48 -15.24 -5.91 12.88
CA ALA A 48 -14.58 -7.15 12.51
C ALA A 48 -15.00 -7.60 11.11
N ASP A 49 -16.24 -7.33 10.72
CA ASP A 49 -16.69 -7.64 9.37
C ASP A 49 -16.10 -6.70 8.33
N MET A 50 -15.52 -5.57 8.76
CA MET A 50 -14.82 -4.72 7.80
C MET A 50 -13.50 -5.33 7.35
N GLN A 51 -12.84 -6.12 8.20
CA GLN A 51 -11.50 -6.62 7.90
C GLN A 51 -11.50 -7.44 6.61
N PRO A 52 -10.60 -7.15 5.65
CA PRO A 52 -9.65 -6.05 5.67
C PRO A 52 -10.10 -4.83 4.84
N GLY A 53 -9.45 -3.70 5.04
CA GLY A 53 -9.85 -2.47 4.37
C GLY A 53 -8.85 -1.91 3.38
N TRP A 54 -9.31 -1.00 2.53
CA TRP A 54 -8.48 -0.41 1.48
C TRP A 54 -8.87 1.05 1.28
N ASN A 55 -7.86 1.89 1.08
CA ASN A 55 -8.05 3.34 0.93
C ASN A 55 -8.00 3.72 -0.55
N LEU A 56 -9.00 4.46 -1.01
CA LEU A 56 -8.99 5.06 -2.34
C LEU A 56 -8.35 6.43 -2.22
N GLY A 57 -7.01 6.42 -2.10
CA GLY A 57 -6.27 7.63 -1.80
C GLY A 57 -5.88 8.42 -3.03
N ASN A 58 -5.52 9.68 -2.79
CA ASN A 58 -5.17 10.64 -3.84
C ASN A 58 -6.20 10.66 -4.96
N THR A 59 -7.48 10.65 -4.57
CA THR A 59 -8.58 10.73 -5.52
C THR A 59 -9.45 11.91 -5.12
N PHE A 60 -10.63 11.65 -4.53
CA PHE A 60 -11.49 12.73 -4.07
C PHE A 60 -10.81 13.57 -2.98
N ASP A 61 -9.77 13.06 -2.36
CA ASP A 61 -9.04 13.78 -1.33
C ASP A 61 -7.99 14.73 -1.89
N ALA A 62 -7.72 14.67 -3.19
CA ALA A 62 -6.70 15.52 -3.78
C ALA A 62 -7.11 16.99 -3.69
N VAL A 63 -6.14 17.84 -3.34
CA VAL A 63 -6.38 19.28 -3.24
C VAL A 63 -6.27 19.85 -4.64
N GLY A 64 -7.40 20.00 -5.30
CA GLY A 64 -7.43 20.53 -6.66
C GLY A 64 -8.85 20.75 -7.11
N ASP A 65 -9.01 20.88 -8.42
CA ASP A 65 -10.32 21.15 -8.98
C ASP A 65 -11.20 19.89 -9.05
N ASP A 66 -10.61 18.71 -9.06
CA ASP A 66 -11.37 17.47 -9.09
C ASP A 66 -10.49 16.34 -8.57
N GLU A 67 -11.06 15.13 -8.56
CA GLU A 67 -10.40 13.94 -8.01
C GLU A 67 -9.12 13.57 -8.74
N THR A 68 -8.82 14.17 -9.89
CA THR A 68 -7.69 13.77 -10.71
C THR A 68 -6.52 14.74 -10.61
N ALA A 69 -6.56 15.67 -9.65
CA ALA A 69 -5.51 16.68 -9.53
C ALA A 69 -4.16 16.05 -9.19
N TRP A 70 -4.14 14.94 -8.47
CA TRP A 70 -2.91 14.33 -8.00
C TRP A 70 -2.54 13.07 -8.77
N GLY A 71 -2.98 12.96 -10.03
CA GLY A 71 -2.49 11.95 -10.94
C GLY A 71 -3.34 10.70 -11.07
N ASN A 72 -4.38 10.56 -10.26
CA ASN A 72 -5.15 9.34 -10.45
C ASN A 72 -6.28 9.57 -11.46
N PRO A 73 -6.70 8.54 -12.18
CA PRO A 73 -7.84 8.71 -13.09
C PRO A 73 -9.14 8.78 -12.31
N ARG A 74 -10.20 9.17 -13.01
CA ARG A 74 -11.51 9.20 -12.38
C ARG A 74 -11.95 7.78 -12.07
N VAL A 75 -12.73 7.65 -10.98
CA VAL A 75 -13.08 6.33 -10.47
C VAL A 75 -13.95 5.58 -11.47
N THR A 76 -13.57 4.35 -11.77
CA THR A 76 -14.34 3.45 -12.60
C THR A 76 -15.10 2.44 -11.73
N ARG A 77 -16.20 1.93 -12.28
CA ARG A 77 -16.94 0.87 -11.61
C ARG A 77 -16.15 -0.43 -11.59
N GLU A 78 -15.17 -0.58 -12.48
CA GLU A 78 -14.29 -1.74 -12.42
C GLU A 78 -13.37 -1.68 -11.21
N LEU A 79 -12.86 -0.49 -10.87
CA LEU A 79 -11.96 -0.32 -9.73
C LEU A 79 -12.56 -0.92 -8.46
N ILE A 80 -13.77 -0.49 -8.10
CA ILE A 80 -14.38 -0.96 -6.86
C ILE A 80 -14.60 -2.47 -6.93
N LYS A 81 -15.02 -2.97 -8.10
CA LYS A 81 -15.25 -4.41 -8.24
C LYS A 81 -13.97 -5.21 -8.01
N THR A 82 -12.84 -4.79 -8.60
CA THR A 82 -11.59 -5.53 -8.36
C THR A 82 -11.18 -5.42 -6.89
N ILE A 83 -11.37 -4.24 -6.30
CA ILE A 83 -11.03 -4.06 -4.89
C ILE A 83 -11.85 -5.04 -4.06
N ALA A 84 -13.07 -5.35 -4.49
CA ALA A 84 -13.89 -6.34 -3.80
C ALA A 84 -13.39 -7.76 -4.05
N ASP A 85 -13.07 -8.09 -5.31
CA ASP A 85 -12.69 -9.47 -5.62
C ASP A 85 -11.27 -9.80 -5.22
N GLU A 86 -10.48 -8.83 -4.74
CA GLU A 86 -9.16 -9.13 -4.22
C GLU A 86 -9.16 -9.51 -2.75
N GLY A 87 -10.34 -9.58 -2.11
CA GLY A 87 -10.46 -10.05 -0.75
C GLY A 87 -10.78 -8.98 0.27
N TYR A 88 -10.77 -7.71 -0.12
CA TYR A 88 -11.09 -6.63 0.81
C TYR A 88 -12.60 -6.57 1.02
N LYS A 89 -13.00 -6.32 2.27
CA LYS A 89 -14.42 -6.23 2.62
C LYS A 89 -14.82 -4.88 3.15
N SER A 90 -13.95 -3.87 3.06
CA SER A 90 -14.31 -2.50 3.39
C SER A 90 -13.40 -1.56 2.61
N ILE A 91 -13.94 -0.39 2.27
CA ILE A 91 -13.22 0.60 1.49
C ILE A 91 -13.40 1.97 2.14
N ARG A 92 -12.30 2.71 2.28
CA ARG A 92 -12.32 4.04 2.85
C ARG A 92 -12.21 5.05 1.70
N ILE A 93 -13.18 5.97 1.62
CA ILE A 93 -13.18 6.99 0.58
C ILE A 93 -12.87 8.33 1.22
N PRO A 94 -11.60 8.75 1.25
CA PRO A 94 -11.28 10.10 1.73
C PRO A 94 -11.64 11.13 0.67
N VAL A 95 -12.15 12.27 1.14
CA VAL A 95 -12.57 13.34 0.25
C VAL A 95 -12.15 14.68 0.84
N THR A 96 -11.62 15.56 -0.01
CA THR A 96 -11.29 16.94 0.36
C THR A 96 -12.31 17.86 -0.28
N TRP A 97 -13.01 18.64 0.55
CA TRP A 97 -14.21 19.35 0.10
C TRP A 97 -14.02 20.83 -0.15
N GLU A 98 -12.91 21.44 0.29
CA GLU A 98 -12.77 22.89 0.22
C GLU A 98 -13.01 23.44 -1.19
N ASN A 99 -12.47 22.77 -2.20
CA ASN A 99 -12.54 23.26 -3.57
C ASN A 99 -13.80 22.84 -4.30
N GLN A 100 -14.85 22.46 -3.59
CA GLN A 100 -16.18 22.32 -4.20
C GLN A 100 -17.26 22.80 -3.23
N MET A 101 -16.89 23.70 -2.32
CA MET A 101 -17.82 24.31 -1.39
C MET A 101 -18.13 25.73 -1.83
N GLY A 102 -19.37 26.17 -1.60
CA GLY A 102 -19.78 27.52 -1.91
C GLY A 102 -19.32 28.50 -0.84
N ASN A 103 -20.06 29.59 -0.72
CA ASN A 103 -19.75 30.66 0.20
C ASN A 103 -20.82 30.71 1.29
N ALA A 104 -20.53 31.49 2.34
CA ALA A 104 -21.41 31.61 3.49
C ALA A 104 -22.83 32.00 3.08
N PRO A 105 -23.86 31.52 3.79
CA PRO A 105 -23.75 30.59 4.91
C PRO A 105 -24.00 29.12 4.53
N ASP A 106 -24.32 28.85 3.27
CA ASP A 106 -24.68 27.50 2.88
C ASP A 106 -23.47 26.61 2.66
N TYR A 107 -22.43 27.14 1.99
CA TYR A 107 -21.26 26.34 1.61
C TYR A 107 -21.69 25.08 0.86
N THR A 108 -22.70 25.23 0.00
CA THR A 108 -23.23 24.09 -0.73
C THR A 108 -22.13 23.39 -1.53
N ILE A 109 -22.15 22.07 -1.50
CA ILE A 109 -21.18 21.27 -2.24
C ILE A 109 -21.60 21.21 -3.71
N ASN A 110 -20.63 21.22 -4.60
CA ASN A 110 -20.93 21.23 -6.02
C ASN A 110 -21.56 19.90 -6.40
N GLU A 111 -22.67 19.95 -7.16
CA GLU A 111 -23.53 18.79 -7.26
C GLU A 111 -22.88 17.65 -8.04
N ASP A 112 -22.00 17.97 -9.00
CA ASP A 112 -21.40 16.91 -9.79
C ASP A 112 -20.33 16.17 -9.01
N PHE A 113 -19.50 16.91 -8.26
CA PHE A 113 -18.57 16.27 -7.33
C PHE A 113 -19.31 15.44 -6.28
N PHE A 114 -20.32 16.05 -5.65
CA PHE A 114 -21.15 15.36 -4.67
C PHE A 114 -21.74 14.08 -5.25
N SER A 115 -22.32 14.18 -6.45
CA SER A 115 -22.96 13.01 -7.06
C SER A 115 -21.93 11.96 -7.46
N ARG A 116 -20.70 12.35 -7.77
CA ARG A 116 -19.67 11.37 -8.08
C ARG A 116 -19.24 10.61 -6.83
N VAL A 117 -18.95 11.34 -5.74
CA VAL A 117 -18.73 10.69 -4.45
C VAL A 117 -19.84 9.71 -4.13
N GLU A 118 -21.09 10.19 -4.18
CA GLU A 118 -22.25 9.34 -3.89
C GLU A 118 -22.30 8.14 -4.83
N GLN A 119 -21.91 8.32 -6.09
CA GLN A 119 -21.93 7.21 -7.04
C GLN A 119 -20.93 6.14 -6.63
N VAL A 120 -19.71 6.55 -6.27
CA VAL A 120 -18.69 5.59 -5.85
C VAL A 120 -19.12 4.85 -4.59
N ILE A 121 -19.70 5.57 -3.62
CA ILE A 121 -20.19 4.92 -2.40
C ILE A 121 -21.26 3.89 -2.75
N ASP A 122 -22.23 4.30 -3.59
CA ASP A 122 -23.27 3.38 -4.02
C ASP A 122 -22.66 2.12 -4.61
N TRP A 123 -21.70 2.27 -5.52
CA TRP A 123 -21.03 1.12 -6.12
C TRP A 123 -20.43 0.22 -5.04
N ALA A 124 -19.69 0.82 -4.09
CA ALA A 124 -19.08 0.06 -3.02
C ALA A 124 -20.11 -0.73 -2.22
N LEU A 125 -21.35 -0.21 -2.10
CA LEU A 125 -22.37 -0.94 -1.38
C LEU A 125 -23.07 -1.98 -2.25
N GLU A 126 -23.09 -1.80 -3.57
CA GLU A 126 -23.48 -2.89 -4.46
C GLU A 126 -22.51 -4.06 -4.37
N GLU A 127 -21.23 -3.78 -4.13
CA GLU A 127 -20.25 -4.86 -3.99
C GLU A 127 -20.21 -5.45 -2.58
N ASP A 128 -21.23 -5.19 -1.76
CA ASP A 128 -21.26 -5.59 -0.35
C ASP A 128 -19.95 -5.27 0.36
N LEU A 129 -19.59 -3.99 0.34
CA LEU A 129 -18.43 -3.49 1.06
C LEU A 129 -18.89 -2.51 2.13
N TYR A 130 -18.05 -2.33 3.14
CA TYR A 130 -18.26 -1.24 4.09
C TYR A 130 -17.56 0.01 3.56
N VAL A 131 -18.22 1.15 3.73
CA VAL A 131 -17.75 2.41 3.19
C VAL A 131 -17.54 3.35 4.37
N MET A 132 -16.38 4.00 4.40
CA MET A 132 -16.07 4.98 5.43
C MET A 132 -15.80 6.31 4.75
N LEU A 133 -16.62 7.31 5.08
CA LEU A 133 -16.60 8.61 4.42
C LEU A 133 -16.12 9.67 5.41
N ASN A 134 -15.19 10.51 4.97
CA ASN A 134 -14.61 11.51 5.84
C ASN A 134 -14.48 12.83 5.08
N LEU A 135 -14.24 13.89 5.83
CA LEU A 135 -13.64 15.10 5.28
C LEU A 135 -12.14 14.96 5.49
N HIS A 136 -11.36 15.03 4.40
CA HIS A 136 -9.96 14.62 4.47
C HIS A 136 -9.02 15.79 4.71
N HIS A 137 -8.38 16.27 3.65
CA HIS A 137 -7.35 17.29 3.76
C HIS A 137 -7.89 18.64 4.20
N ASP A 138 -9.22 18.78 4.31
CA ASP A 138 -9.78 19.97 4.95
C ASP A 138 -9.22 20.17 6.35
N SER A 139 -8.81 19.08 7.00
CA SER A 139 -8.14 19.12 8.30
C SER A 139 -7.17 20.28 8.46
N TRP A 140 -6.15 20.33 7.61
CA TRP A 140 -5.15 21.38 7.66
C TRP A 140 -5.47 22.55 6.74
N LEU A 141 -6.44 22.40 5.86
CA LEU A 141 -6.72 23.45 4.88
C LEU A 141 -7.42 24.65 5.53
N TRP A 142 -8.32 24.40 6.48
CA TRP A 142 -9.01 25.48 7.17
C TRP A 142 -9.42 25.13 8.59
N ILE A 143 -9.79 23.86 8.84
CA ILE A 143 -10.14 23.44 10.20
C ILE A 143 -8.98 23.66 11.15
N TYR A 144 -7.75 23.52 10.65
CA TYR A 144 -6.53 23.89 11.37
C TYR A 144 -6.73 25.20 12.11
N ASN A 145 -7.39 26.16 11.44
CA ASN A 145 -7.47 27.55 11.85
C ASN A 145 -8.59 27.85 12.86
N MET A 146 -8.86 26.97 13.83
CA MET A 146 -10.03 27.19 14.69
C MET A 146 -9.78 28.14 15.85
N GLU A 147 -8.56 28.19 16.35
CA GLU A 147 -8.28 29.08 17.46
C GLU A 147 -8.49 30.54 17.06
N HIS A 148 -8.25 30.86 15.79
CA HIS A 148 -8.31 32.22 15.30
C HIS A 148 -9.38 32.41 14.22
N ASN A 149 -10.30 31.44 14.08
CA ASN A 149 -11.38 31.54 13.09
C ASN A 149 -12.53 30.62 13.48
N TYR A 150 -12.86 30.59 14.78
CA TYR A 150 -13.70 29.55 15.33
C TYR A 150 -15.05 29.45 14.63
N ASP A 151 -15.75 30.58 14.48
CA ASP A 151 -17.13 30.48 14.02
C ASP A 151 -17.19 30.14 12.53
N GLU A 152 -16.22 30.59 11.73
CA GLU A 152 -16.14 30.15 10.34
C GLU A 152 -15.85 28.65 10.22
N VAL A 153 -14.84 28.15 10.93
CA VAL A 153 -14.48 26.74 10.79
C VAL A 153 -15.68 25.85 11.16
N MET A 154 -16.40 26.18 12.21
CA MET A 154 -17.53 25.37 12.63
C MET A 154 -18.78 25.65 11.79
N ALA A 155 -18.85 26.81 11.14
CA ALA A 155 -19.93 27.03 10.18
C ALA A 155 -19.77 26.15 8.94
N LYS A 156 -18.57 26.14 8.35
CA LYS A 156 -18.32 25.28 7.21
C LYS A 156 -18.37 23.81 7.60
N TYR A 157 -17.89 23.48 8.80
CA TYR A 157 -17.94 22.11 9.31
C TYR A 157 -19.39 21.65 9.47
N THR A 158 -20.16 22.37 10.28
CA THR A 158 -21.57 22.04 10.49
C THR A 158 -22.32 21.94 9.18
N ALA A 159 -22.12 22.93 8.29
CA ALA A 159 -22.81 22.90 7.00
C ALA A 159 -22.43 21.64 6.22
N LEU A 160 -21.14 21.33 6.17
CA LEU A 160 -20.67 20.16 5.42
C LEU A 160 -21.34 18.88 5.93
N TRP A 161 -21.30 18.65 7.24
CA TRP A 161 -21.88 17.42 7.74
C TRP A 161 -23.40 17.42 7.71
N GLU A 162 -24.03 18.60 7.62
CA GLU A 162 -25.45 18.64 7.35
C GLU A 162 -25.77 18.14 5.95
N GLN A 163 -25.07 18.69 4.95
CA GLN A 163 -25.23 18.19 3.58
C GLN A 163 -24.97 16.69 3.49
N LEU A 164 -23.84 16.24 4.02
CA LEU A 164 -23.51 14.81 4.00
C LEU A 164 -24.62 13.97 4.63
N SER A 165 -24.95 14.27 5.89
CA SER A 165 -25.93 13.46 6.61
C SER A 165 -27.28 13.45 5.91
N GLU A 166 -27.69 14.60 5.37
CA GLU A 166 -28.95 14.64 4.62
C GLU A 166 -28.86 13.82 3.34
N ARG A 167 -27.69 13.86 2.69
CA ARG A 167 -27.53 13.16 1.42
C ARG A 167 -27.62 11.64 1.60
N PHE A 168 -26.89 11.11 2.58
CA PHE A 168 -26.82 9.67 2.79
C PHE A 168 -27.75 9.19 3.91
N GLN A 169 -28.88 9.88 4.10
CA GLN A 169 -29.80 9.52 5.18
C GLN A 169 -30.36 8.12 5.00
N GLY A 170 -30.81 7.79 3.78
CA GLY A 170 -31.48 6.52 3.55
C GLY A 170 -30.57 5.38 3.13
N HIS A 171 -29.28 5.51 3.44
CA HIS A 171 -28.32 4.50 3.03
C HIS A 171 -28.20 3.39 4.06
N SER A 172 -27.51 2.32 3.68
CA SER A 172 -27.28 1.17 4.55
C SER A 172 -26.38 1.53 5.72
N HIS A 173 -26.38 0.66 6.73
CA HIS A 173 -25.48 0.84 7.87
C HIS A 173 -24.05 0.40 7.56
N LYS A 174 -23.78 -0.10 6.37
CA LYS A 174 -22.40 -0.36 5.99
C LYS A 174 -21.73 0.89 5.43
N LEU A 175 -22.43 2.03 5.49
CA LEU A 175 -21.85 3.34 5.29
C LEU A 175 -21.65 3.99 6.65
N MET A 176 -20.40 4.32 6.98
CA MET A 176 -20.05 4.99 8.24
C MET A 176 -19.51 6.37 7.93
N PHE A 177 -19.67 7.28 8.89
CA PHE A 177 -19.13 8.64 8.79
C PHE A 177 -17.91 8.79 9.70
N GLU A 178 -16.84 9.33 9.15
CA GLU A 178 -15.63 9.66 9.91
C GLU A 178 -15.50 11.18 10.00
N SER A 179 -15.33 11.69 11.22
CA SER A 179 -15.46 13.13 11.45
C SER A 179 -14.41 13.92 10.68
N VAL A 180 -13.13 13.69 10.99
CA VAL A 180 -12.04 14.48 10.43
C VAL A 180 -10.80 13.59 10.31
N ASN A 181 -10.13 13.68 9.17
CA ASN A 181 -8.86 13.00 9.00
C ASN A 181 -7.75 13.75 9.73
N GLU A 182 -6.86 12.97 10.38
CA GLU A 182 -5.66 13.41 11.07
C GLU A 182 -5.75 14.87 11.51
N PRO A 183 -6.62 15.19 12.46
CA PRO A 183 -6.86 16.60 12.79
C PRO A 183 -5.66 17.27 13.41
N ARG A 184 -5.51 18.56 13.12
CA ARG A 184 -4.47 19.38 13.73
C ARG A 184 -4.99 20.80 13.90
N PHE A 185 -4.27 21.56 14.71
CA PHE A 185 -4.63 22.94 14.99
C PHE A 185 -3.35 23.76 15.12
N THR A 186 -3.50 25.07 15.05
CA THR A 186 -2.35 25.96 14.88
C THR A 186 -1.49 25.99 16.14
N ARG A 187 -0.18 25.83 15.93
CA ARG A 187 0.82 25.88 17.00
C ARG A 187 0.99 27.32 17.46
N ASP A 188 0.58 27.63 18.69
CA ASP A 188 0.97 28.89 19.32
C ASP A 188 2.36 28.77 19.91
N TRP A 189 2.55 27.75 20.74
CA TRP A 189 3.81 27.41 21.38
C TRP A 189 4.38 26.10 20.88
N GLY A 190 3.67 25.40 20.00
CA GLY A 190 4.06 24.08 19.54
C GLY A 190 2.95 23.06 19.74
N GLU A 191 3.16 21.91 19.12
CA GLU A 191 2.23 20.78 19.23
C GLU A 191 2.62 19.84 20.39
N ILE A 192 1.66 19.45 21.23
CA ILE A 192 0.28 19.93 21.29
C ILE A 192 -0.02 20.21 22.78
N GLN A 193 -1.07 20.98 23.09
CA GLN A 193 -1.55 21.19 24.46
C GLN A 193 -3.00 21.62 24.44
N GLU A 194 -3.64 21.50 25.60
CA GLU A 194 -4.80 22.32 25.93
C GLU A 194 -5.85 22.55 24.85
N ASN A 195 -5.58 23.55 24.02
CA ASN A 195 -6.53 24.02 23.02
C ASN A 195 -6.97 22.90 22.08
N HIS A 196 -6.01 22.10 21.60
CA HIS A 196 -6.29 21.15 20.52
C HIS A 196 -7.30 20.11 20.96
N HIS A 197 -7.14 19.58 22.18
CA HIS A 197 -8.07 18.58 22.67
C HIS A 197 -9.49 19.13 22.75
N ALA A 198 -9.63 20.32 23.30
CA ALA A 198 -10.95 20.96 23.33
C ALA A 198 -11.52 21.08 21.93
N PHE A 199 -10.74 21.66 21.01
CA PHE A 199 -11.21 21.86 19.64
C PHE A 199 -11.69 20.55 19.01
N LEU A 200 -10.84 19.51 19.10
CA LEU A 200 -11.18 18.22 18.50
C LEU A 200 -12.41 17.62 19.15
N GLU A 201 -12.53 17.75 20.47
CA GLU A 201 -13.72 17.24 21.14
C GLU A 201 -14.97 17.96 20.66
N GLU A 202 -14.89 19.28 20.49
CA GLU A 202 -16.04 20.06 20.02
C GLU A 202 -16.40 19.66 18.59
N LEU A 203 -15.40 19.39 17.76
CA LEU A 203 -15.67 18.90 16.41
C LEU A 203 -16.37 17.55 16.45
N ASN A 204 -15.86 16.64 17.28
CA ASN A 204 -16.45 15.30 17.39
C ASN A 204 -17.89 15.35 17.88
N THR A 205 -18.16 16.13 18.94
CA THR A 205 -19.51 16.17 19.47
C THR A 205 -20.47 16.91 18.55
N ALA A 206 -20.00 18.00 17.93
CA ALA A 206 -20.85 18.70 16.97
C ALA A 206 -21.22 17.78 15.81
N PHE A 207 -20.22 17.11 15.24
CA PHE A 207 -20.45 16.17 14.15
C PHE A 207 -21.43 15.08 14.59
N TYR A 208 -21.15 14.46 15.73
CA TYR A 208 -22.02 13.44 16.32
C TYR A 208 -23.46 13.92 16.40
N HIS A 209 -23.68 15.07 17.06
CA HIS A 209 -25.04 15.55 17.30
C HIS A 209 -25.74 15.90 15.99
N ILE A 210 -25.00 16.37 14.99
CA ILE A 210 -25.60 16.61 13.68
C ILE A 210 -26.10 15.31 13.07
N VAL A 211 -25.22 14.31 12.99
CA VAL A 211 -25.61 13.04 12.36
C VAL A 211 -26.76 12.39 13.11
N ARG A 212 -26.67 12.35 14.44
CA ARG A 212 -27.73 11.75 15.25
C ARG A 212 -29.04 12.53 15.12
N GLU A 213 -28.96 13.85 14.97
CA GLU A 213 -30.17 14.66 14.84
C GLU A 213 -30.75 14.62 13.44
N SER A 214 -29.99 14.12 12.46
CA SER A 214 -30.55 13.87 11.13
C SER A 214 -31.57 12.74 11.15
N GLY A 215 -31.48 11.82 12.10
CA GLY A 215 -32.39 10.70 12.20
C GLY A 215 -32.27 9.74 11.02
N GLY A 216 -33.28 8.87 10.92
CA GLY A 216 -33.28 7.87 9.86
C GLY A 216 -32.22 6.81 10.12
N SER A 217 -31.58 6.36 9.03
CA SER A 217 -30.46 5.45 9.17
C SER A 217 -29.24 6.09 9.82
N ASN A 218 -29.23 7.41 9.96
CA ASN A 218 -28.14 8.09 10.66
C ASN A 218 -28.27 7.98 12.17
N THR A 219 -29.40 7.49 12.67
CA THR A 219 -29.56 7.31 14.11
C THR A 219 -28.65 6.20 14.62
N GLU A 220 -28.65 5.05 13.93
CA GLU A 220 -27.81 3.93 14.33
C GLU A 220 -26.54 3.81 13.50
N ARG A 221 -26.39 4.63 12.46
CA ARG A 221 -25.19 4.68 11.63
C ARG A 221 -23.94 4.75 12.51
N PRO A 222 -22.99 3.83 12.35
CA PRO A 222 -21.75 3.93 13.12
C PRO A 222 -20.98 5.18 12.76
N LEU A 223 -20.26 5.72 13.76
CA LEU A 223 -19.55 6.97 13.63
C LEU A 223 -18.11 6.74 14.07
N VAL A 224 -17.17 7.13 13.23
CA VAL A 224 -15.76 6.86 13.44
C VAL A 224 -15.09 8.15 13.92
N LEU A 225 -14.44 8.10 15.09
CA LEU A 225 -13.85 9.32 15.64
C LEU A 225 -12.36 9.16 15.92
N PRO A 226 -11.55 10.19 15.63
CA PRO A 226 -10.10 10.04 15.70
C PRO A 226 -9.45 10.61 16.95
N THR A 227 -8.33 10.00 17.35
CA THR A 227 -7.37 10.69 18.20
C THR A 227 -6.78 11.88 17.46
N LEU A 228 -6.01 12.69 18.18
CA LEU A 228 -5.51 13.92 17.58
C LEU A 228 -4.33 13.58 16.67
N GLU A 229 -4.39 14.06 15.43
CA GLU A 229 -3.52 13.60 14.33
C GLU A 229 -3.58 12.09 14.15
N THR A 230 -4.64 11.44 14.62
CA THR A 230 -4.78 9.99 14.60
C THR A 230 -3.56 9.29 15.21
N ALA A 231 -2.91 9.96 16.16
CA ALA A 231 -1.71 9.43 16.80
C ALA A 231 -2.09 8.40 17.86
N THR A 232 -1.08 7.71 18.39
CA THR A 232 -1.28 6.55 19.25
C THR A 232 -0.47 6.67 20.54
N SER A 233 -0.52 7.82 21.18
CA SER A 233 0.10 7.97 22.50
C SER A 233 -0.98 8.06 23.56
N GLN A 234 -0.59 7.71 24.80
CA GLN A 234 -1.56 7.35 25.82
C GLN A 234 -2.54 8.49 26.10
N ASP A 235 -2.03 9.71 26.30
CA ASP A 235 -2.89 10.85 26.58
C ASP A 235 -3.96 11.01 25.50
N LEU A 236 -3.53 11.08 24.22
CA LEU A 236 -4.47 11.17 23.11
C LEU A 236 -5.54 10.09 23.20
N LEU A 237 -5.12 8.84 23.42
CA LEU A 237 -6.05 7.72 23.52
C LEU A 237 -7.05 7.92 24.66
N ASN A 238 -6.60 8.52 25.77
CA ASN A 238 -7.50 8.72 26.90
C ASN A 238 -8.45 9.89 26.69
N ARG A 239 -8.06 10.88 25.89
CA ARG A 239 -9.00 11.93 25.54
C ARG A 239 -10.05 11.45 24.55
N LEU A 240 -9.66 10.68 23.53
CA LEU A 240 -10.68 10.09 22.67
C LEU A 240 -11.57 9.16 23.48
N HIS A 241 -10.99 8.44 24.43
CA HIS A 241 -11.77 7.54 25.28
C HIS A 241 -12.82 8.31 26.08
N GLN A 242 -12.39 9.39 26.74
CA GLN A 242 -13.33 10.19 27.53
C GLN A 242 -14.38 10.89 26.67
N THR A 243 -14.02 11.30 25.45
CA THR A 243 -15.02 11.87 24.56
C THR A 243 -16.06 10.83 24.18
N MET A 244 -15.60 9.62 23.86
CA MET A 244 -16.52 8.56 23.46
C MET A 244 -17.48 8.16 24.60
N LYS A 245 -16.96 7.99 25.85
CA LYS A 245 -17.83 7.75 27.02
C LYS A 245 -18.81 8.89 27.15
N ASP A 246 -18.28 10.12 26.98
CA ASP A 246 -19.10 11.33 27.05
C ASP A 246 -20.30 11.22 26.15
N LEU A 247 -20.08 10.73 24.92
CA LEU A 247 -21.16 10.68 23.95
C LEU A 247 -22.09 9.49 24.19
N ASN A 248 -21.63 8.50 24.95
CA ASN A 248 -22.53 7.47 25.49
C ASN A 248 -23.36 6.81 24.40
N ASP A 249 -22.68 6.30 23.39
CA ASP A 249 -23.31 5.71 22.21
C ASP A 249 -22.72 4.33 21.93
N PRO A 250 -23.55 3.34 21.63
CA PRO A 250 -23.03 2.00 21.35
C PRO A 250 -22.38 1.87 19.99
N ASN A 251 -22.72 2.72 19.03
CA ASN A 251 -22.23 2.56 17.66
C ASN A 251 -21.16 3.58 17.31
N LEU A 252 -20.08 3.61 18.08
CA LEU A 252 -18.93 4.47 17.83
C LEU A 252 -17.72 3.59 17.54
N ILE A 253 -16.78 4.13 16.75
CA ILE A 253 -15.57 3.42 16.37
C ILE A 253 -14.36 4.34 16.52
N ALA A 254 -13.29 3.83 17.13
CA ALA A 254 -12.05 4.57 17.33
C ALA A 254 -11.09 4.36 16.15
N THR A 255 -10.47 5.46 15.69
CA THR A 255 -9.55 5.42 14.56
C THR A 255 -8.14 5.83 15.00
N VAL A 256 -7.15 5.22 14.35
CA VAL A 256 -5.74 5.58 14.52
C VAL A 256 -5.07 5.34 13.18
N HIS A 257 -3.97 6.04 12.95
CA HIS A 257 -3.12 5.79 11.79
C HIS A 257 -1.73 5.38 12.28
N TYR A 258 -0.99 4.72 11.40
CA TYR A 258 0.31 4.19 11.75
C TYR A 258 1.10 3.91 10.47
N TYR A 259 2.30 4.48 10.38
CA TYR A 259 3.14 4.28 9.20
C TYR A 259 4.52 3.78 9.59
N GLY A 260 4.63 3.09 10.71
CA GLY A 260 5.86 2.43 11.10
C GLY A 260 6.79 3.32 11.88
N PHE A 261 7.70 2.67 12.62
CA PHE A 261 8.79 3.37 13.29
C PHE A 261 9.47 4.33 12.33
N TRP A 262 9.44 5.63 12.67
CA TRP A 262 9.80 6.69 11.74
C TRP A 262 11.09 6.43 10.97
N PRO A 263 12.24 6.14 11.60
CA PRO A 263 13.48 6.06 10.80
C PRO A 263 13.49 4.87 9.85
N PHE A 264 12.93 3.73 10.26
CA PHE A 264 12.80 2.61 9.33
C PHE A 264 11.81 2.94 8.22
N SER A 265 10.74 3.68 8.54
CA SER A 265 9.70 3.94 7.56
C SER A 265 10.16 4.87 6.45
N VAL A 266 11.22 5.64 6.68
CA VAL A 266 11.73 6.59 5.70
C VAL A 266 13.19 6.31 5.33
N ASN A 267 13.78 5.25 5.87
CA ASN A 267 15.15 4.85 5.59
C ASN A 267 16.13 5.97 5.95
N VAL A 268 16.20 6.23 7.26
CA VAL A 268 17.05 7.27 7.83
C VAL A 268 17.84 6.64 8.98
N ALA A 269 18.97 7.25 9.29
CA ALA A 269 19.78 6.93 10.46
C ALA A 269 20.29 5.49 10.44
N GLY A 270 20.38 4.89 9.25
CA GLY A 270 20.92 3.56 9.10
C GLY A 270 19.95 2.44 9.32
N TYR A 271 18.72 2.73 9.75
CA TYR A 271 17.71 1.71 9.97
C TYR A 271 17.24 1.21 8.61
N THR A 272 18.08 0.36 8.01
CA THR A 272 17.78 -0.20 6.70
C THR A 272 17.04 -1.52 6.78
N ARG A 273 17.21 -2.26 7.87
CA ARG A 273 16.59 -3.56 8.05
C ARG A 273 15.44 -3.47 9.05
N PHE A 274 14.56 -4.46 8.99
CA PHE A 274 13.41 -4.54 9.90
C PHE A 274 13.86 -5.28 11.16
N GLU A 275 14.41 -4.52 12.09
CA GLU A 275 15.03 -5.11 13.27
C GLU A 275 14.13 -4.83 14.48
N GLU A 276 14.67 -5.04 15.69
CA GLU A 276 13.85 -5.15 16.89
C GLU A 276 13.14 -3.83 17.23
N GLU A 277 13.72 -2.69 16.85
CA GLU A 277 13.16 -1.40 17.23
C GLU A 277 11.79 -1.18 16.58
N THR A 278 11.69 -1.43 15.28
CA THR A 278 10.39 -1.34 14.60
C THR A 278 9.37 -2.27 15.24
N GLN A 279 9.74 -3.55 15.41
CA GLN A 279 8.83 -4.53 16.00
C GLN A 279 8.33 -4.07 17.37
N GLN A 280 9.24 -3.58 18.21
CA GLN A 280 8.84 -3.10 19.53
C GLN A 280 7.92 -1.89 19.43
N ASP A 281 8.18 -1.00 18.47
CA ASP A 281 7.27 0.14 18.29
C ASP A 281 5.86 -0.34 17.96
N ILE A 282 5.75 -1.30 17.04
CA ILE A 282 4.44 -1.90 16.74
C ILE A 282 3.81 -2.44 18.01
N ILE A 283 4.55 -3.26 18.76
CA ILE A 283 3.99 -3.97 19.90
C ILE A 283 3.47 -2.99 20.95
N ASP A 284 4.29 -1.99 21.30
CA ASP A 284 3.87 -1.01 22.30
C ASP A 284 2.67 -0.21 21.81
N THR A 285 2.76 0.32 20.58
CA THR A 285 1.68 1.13 20.02
C THR A 285 0.34 0.40 20.11
N PHE A 286 0.26 -0.80 19.53
CA PHE A 286 -1.03 -1.45 19.48
C PHE A 286 -1.39 -2.19 20.77
N ASN A 287 -0.44 -2.37 21.68
CA ASN A 287 -0.81 -2.78 23.03
C ASN A 287 -1.52 -1.66 23.77
N ARG A 288 -1.09 -0.42 23.56
CA ARG A 288 -1.81 0.71 24.13
C ARG A 288 -3.17 0.86 23.50
N VAL A 289 -3.23 0.79 22.16
CA VAL A 289 -4.52 0.86 21.47
C VAL A 289 -5.46 -0.24 21.98
N HIS A 290 -4.93 -1.46 22.14
CA HIS A 290 -5.77 -2.58 22.54
C HIS A 290 -6.26 -2.43 23.98
N ASN A 291 -5.37 -2.04 24.88
CA ASN A 291 -5.77 -1.91 26.29
C ASN A 291 -6.76 -0.76 26.48
N THR A 292 -6.60 0.33 25.72
CA THR A 292 -7.46 1.48 25.93
C THR A 292 -8.81 1.35 25.23
N PHE A 293 -8.85 0.69 24.07
CA PHE A 293 -10.08 0.68 23.28
C PHE A 293 -10.66 -0.72 23.10
N THR A 294 -9.93 -1.64 22.48
CA THR A 294 -10.51 -2.94 22.19
C THR A 294 -10.90 -3.68 23.49
N ALA A 295 -10.04 -3.60 24.52
CA ALA A 295 -10.28 -4.34 25.75
C ALA A 295 -11.56 -3.91 26.47
N ASN A 296 -11.98 -2.65 26.32
CA ASN A 296 -13.20 -2.16 26.95
C ASN A 296 -14.37 -2.02 25.98
N GLY A 297 -14.36 -2.82 24.92
CA GLY A 297 -15.54 -3.00 24.09
C GLY A 297 -15.74 -2.00 22.99
N ILE A 298 -14.83 -1.07 22.78
CA ILE A 298 -14.92 -0.10 21.69
C ILE A 298 -13.92 -0.55 20.59
N PRO A 299 -14.40 -0.90 19.41
CA PRO A 299 -13.49 -1.42 18.37
C PRO A 299 -12.70 -0.32 17.67
N VAL A 300 -11.56 -0.74 17.12
CA VAL A 300 -10.58 0.16 16.52
C VAL A 300 -10.42 -0.16 15.04
N VAL A 301 -10.54 0.87 14.20
CA VAL A 301 -10.19 0.79 12.79
C VAL A 301 -8.87 1.49 12.60
N LEU A 302 -7.82 0.75 12.28
CA LEU A 302 -6.58 1.37 11.81
C LEU A 302 -6.87 1.80 10.39
N GLY A 303 -7.41 3.01 10.25
CA GLY A 303 -7.97 3.44 8.99
C GLY A 303 -6.98 3.76 7.90
N GLU A 304 -5.69 3.78 8.23
CA GLU A 304 -4.64 4.07 7.24
C GLU A 304 -3.35 3.52 7.79
N PHE A 305 -2.69 2.64 7.03
CA PHE A 305 -1.38 2.12 7.41
C PHE A 305 -0.55 1.90 6.17
N GLY A 306 0.75 1.79 6.38
CA GLY A 306 1.71 1.70 5.29
C GLY A 306 3.11 1.97 5.81
N LEU A 307 3.99 2.34 4.89
CA LEU A 307 5.30 2.86 5.24
C LEU A 307 5.41 4.29 4.76
N LEU A 308 5.86 5.18 5.66
CA LEU A 308 5.94 6.60 5.33
C LEU A 308 6.75 6.83 4.06
N GLY A 309 7.85 6.07 3.90
CA GLY A 309 8.71 6.22 2.74
C GLY A 309 8.04 5.97 1.41
N PHE A 310 6.89 5.31 1.40
CA PHE A 310 6.20 5.11 0.13
C PHE A 310 5.63 6.40 -0.44
N ASP A 311 5.67 7.50 0.32
CA ASP A 311 5.35 8.79 -0.26
C ASP A 311 6.42 9.23 -1.25
N THR A 312 7.65 8.76 -1.07
CA THR A 312 8.67 8.93 -2.09
C THR A 312 8.55 7.84 -3.16
N SER A 313 8.75 6.58 -2.77
CA SER A 313 8.67 5.44 -3.67
C SER A 313 8.73 4.17 -2.83
N THR A 314 8.09 3.11 -3.32
CA THR A 314 8.21 1.81 -2.68
C THR A 314 9.63 1.25 -2.72
N ASP A 315 10.52 1.89 -3.48
CA ASP A 315 11.92 1.48 -3.56
C ASP A 315 12.76 2.03 -2.41
N VAL A 316 12.16 2.83 -1.52
CA VAL A 316 12.92 3.37 -0.40
C VAL A 316 13.18 2.31 0.65
N ILE A 317 12.28 1.33 0.77
CA ILE A 317 12.46 0.20 1.68
C ILE A 317 12.81 -1.02 0.84
N GLN A 318 13.80 -1.79 1.30
CA GLN A 318 14.20 -2.96 0.53
C GLN A 318 13.09 -4.00 0.59
N GLN A 319 12.95 -4.78 -0.48
CA GLN A 319 11.78 -5.64 -0.68
C GLN A 319 11.55 -6.58 0.50
N GLY A 320 12.55 -7.38 0.87
CA GLY A 320 12.35 -8.35 1.92
C GLY A 320 12.00 -7.73 3.26
N GLU A 321 12.61 -6.58 3.57
CA GLU A 321 12.33 -5.92 4.84
C GLU A 321 10.91 -5.34 4.86
N LYS A 322 10.45 -4.84 3.71
CA LYS A 322 9.05 -4.42 3.62
C LYS A 322 8.11 -5.60 3.91
N LEU A 323 8.37 -6.74 3.28
CA LEU A 323 7.52 -7.92 3.48
C LEU A 323 7.50 -8.34 4.94
N LYS A 324 8.69 -8.39 5.58
CA LYS A 324 8.75 -8.76 6.98
C LYS A 324 8.00 -7.76 7.86
N PHE A 325 8.15 -6.46 7.58
CA PHE A 325 7.43 -5.45 8.33
C PHE A 325 5.93 -5.66 8.25
N PHE A 326 5.41 -5.83 7.03
CA PHE A 326 3.96 -5.95 6.87
C PHE A 326 3.44 -7.25 7.48
N GLU A 327 4.21 -8.33 7.40
CA GLU A 327 3.76 -9.58 8.00
C GLU A 327 3.69 -9.47 9.51
N PHE A 328 4.75 -8.90 10.12
CA PHE A 328 4.73 -8.65 11.57
C PHE A 328 3.53 -7.80 11.96
N LEU A 329 3.36 -6.65 11.29
CA LEU A 329 2.30 -5.72 11.63
C LEU A 329 0.93 -6.38 11.54
N ILE A 330 0.61 -7.00 10.40
CA ILE A 330 -0.70 -7.61 10.24
C ILE A 330 -0.90 -8.73 11.25
N HIS A 331 0.16 -9.46 11.58
CA HIS A 331 0.04 -10.49 12.62
C HIS A 331 -0.43 -9.89 13.93
N HIS A 332 0.25 -8.84 14.41
CA HIS A 332 -0.10 -8.30 15.72
C HIS A 332 -1.46 -7.61 15.70
N LEU A 333 -1.80 -6.96 14.58
CA LEU A 333 -3.13 -6.36 14.45
C LEU A 333 -4.22 -7.41 14.54
N ASN A 334 -4.02 -8.54 13.84
CA ASN A 334 -4.95 -9.66 13.97
C ASN A 334 -5.04 -10.13 15.41
N GLU A 335 -3.89 -10.23 16.08
CA GLU A 335 -3.88 -10.69 17.46
C GLU A 335 -4.61 -9.73 18.40
N ARG A 336 -4.76 -8.46 18.02
CA ARG A 336 -5.46 -7.49 18.84
C ARG A 336 -6.76 -6.98 18.21
N ASP A 337 -7.32 -7.73 17.26
CA ASP A 337 -8.64 -7.42 16.70
C ASP A 337 -8.72 -5.98 16.19
N VAL A 338 -7.66 -5.52 15.55
CA VAL A 338 -7.61 -4.19 14.98
C VAL A 338 -7.86 -4.31 13.49
N THR A 339 -8.96 -3.73 13.01
CA THR A 339 -9.29 -3.80 11.59
C THR A 339 -8.49 -2.73 10.84
N HIS A 340 -7.66 -3.18 9.91
CA HIS A 340 -6.71 -2.33 9.22
C HIS A 340 -7.18 -2.01 7.80
N MET A 341 -6.89 -0.80 7.34
CA MET A 341 -7.19 -0.35 5.99
C MET A 341 -5.92 0.21 5.36
N LEU A 342 -5.46 -0.42 4.28
CA LEU A 342 -4.21 -0.01 3.64
C LEU A 342 -4.39 1.29 2.88
N TRP A 343 -3.39 2.16 2.99
CA TRP A 343 -3.39 3.44 2.28
C TRP A 343 -2.80 3.21 0.89
N ASP A 344 -3.64 3.36 -0.14
CA ASP A 344 -3.23 3.18 -1.53
C ASP A 344 -3.56 4.46 -2.27
N ASN A 345 -2.57 5.33 -2.43
CA ASN A 345 -2.73 6.56 -3.21
C ASN A 345 -2.68 6.31 -4.72
N GLY A 346 -2.67 5.05 -5.15
CA GLY A 346 -2.45 4.69 -6.54
C GLY A 346 -1.12 4.03 -6.82
N GLN A 347 -0.24 3.92 -5.82
CA GLN A 347 1.08 3.35 -6.02
C GLN A 347 1.12 1.83 -5.90
N HIS A 348 0.09 1.21 -5.31
CA HIS A 348 0.13 -0.23 -5.05
C HIS A 348 -0.68 -1.05 -6.04
N LEU A 349 -1.88 -0.64 -6.40
CA LEU A 349 -2.65 -1.33 -7.43
C LEU A 349 -2.75 -0.44 -8.65
N ASN A 350 -2.43 -0.99 -9.81
CA ASN A 350 -2.45 -0.24 -11.06
C ASN A 350 -3.92 -0.04 -11.45
N ARG A 351 -4.47 1.15 -11.16
CA ARG A 351 -5.89 1.44 -11.39
C ARG A 351 -6.26 1.50 -12.85
N GLU A 352 -5.28 1.28 -13.74
CA GLU A 352 -5.47 1.21 -15.18
C GLU A 352 -5.31 -0.21 -15.72
N THR A 353 -4.38 -1.03 -15.22
CA THR A 353 -4.48 -2.48 -15.49
C THR A 353 -5.50 -3.19 -14.59
N TYR A 354 -5.76 -2.67 -13.38
CA TYR A 354 -6.47 -3.37 -12.29
C TYR A 354 -5.75 -4.64 -11.85
N SER A 355 -4.43 -4.52 -11.67
CA SER A 355 -3.62 -5.55 -11.04
C SER A 355 -2.56 -4.86 -10.20
N TRP A 356 -2.00 -5.59 -9.24
CA TRP A 356 -1.10 -5.00 -8.26
C TRP A 356 0.27 -4.78 -8.88
N TYR A 357 0.80 -3.55 -8.70
CA TYR A 357 2.14 -3.24 -9.21
C TYR A 357 3.19 -4.21 -8.70
N ASP A 358 3.03 -4.69 -7.47
CA ASP A 358 3.96 -5.63 -6.84
C ASP A 358 3.14 -6.78 -6.28
N GLN A 359 3.06 -7.87 -7.04
CA GLN A 359 2.22 -8.99 -6.64
C GLN A 359 2.76 -9.67 -5.38
N GLU A 360 4.08 -9.76 -5.26
CA GLU A 360 4.70 -10.35 -4.07
C GLU A 360 4.21 -9.65 -2.80
N PHE A 361 4.17 -8.32 -2.84
CA PHE A 361 3.67 -7.53 -1.72
C PHE A 361 2.23 -7.91 -1.39
N HIS A 362 1.34 -7.84 -2.37
CA HIS A 362 -0.07 -8.14 -2.11
C HIS A 362 -0.26 -9.60 -1.72
N ASN A 363 0.55 -10.51 -2.26
CA ASN A 363 0.48 -11.89 -1.82
C ASN A 363 0.81 -12.01 -0.34
N MET A 364 1.82 -11.28 0.12
CA MET A 364 2.16 -11.33 1.53
C MET A 364 1.07 -10.70 2.39
N LEU A 365 0.44 -9.63 1.90
CA LEU A 365 -0.70 -9.04 2.60
C LEU A 365 -1.82 -10.04 2.74
N LYS A 366 -2.24 -10.65 1.62
CA LYS A 366 -3.41 -11.51 1.62
C LYS A 366 -3.15 -12.86 2.28
N ALA A 367 -1.88 -13.23 2.46
CA ALA A 367 -1.56 -14.33 3.37
C ALA A 367 -1.61 -13.89 4.82
N SER A 368 -1.16 -12.67 5.11
CA SER A 368 -1.17 -12.18 6.47
C SER A 368 -2.58 -11.92 6.99
N TRP A 369 -3.57 -11.79 6.09
CA TRP A 369 -4.95 -11.77 6.52
C TRP A 369 -5.33 -13.07 7.24
N GLU A 370 -4.87 -14.21 6.73
CA GLU A 370 -5.26 -15.50 7.27
C GLU A 370 -4.33 -15.96 8.38
N GLY A 371 -3.04 -15.71 8.26
CA GLY A 371 -2.12 -16.16 9.29
C GLY A 371 -0.71 -15.72 8.97
N ARG A 372 0.22 -16.16 9.83
CA ARG A 372 1.59 -15.74 9.68
C ARG A 372 2.25 -16.47 8.52
N SER A 373 3.21 -15.80 7.89
CA SER A 373 3.96 -16.37 6.79
C SER A 373 5.44 -16.41 7.17
N ALA A 374 6.13 -17.44 6.69
CA ALA A 374 7.55 -17.56 6.98
C ALA A 374 8.33 -16.49 6.22
N THR A 375 9.36 -15.96 6.87
CA THR A 375 10.25 -14.97 6.28
C THR A 375 11.68 -15.46 6.45
N ALA A 376 12.64 -14.64 6.03
CA ALA A 376 14.05 -14.98 6.11
C ALA A 376 14.83 -13.73 6.51
N GLU A 377 16.10 -13.94 6.88
CA GLU A 377 16.98 -12.81 7.15
C GLU A 377 17.04 -11.86 5.96
N SER A 378 16.95 -12.39 4.75
CA SER A 378 16.98 -11.58 3.55
C SER A 378 16.13 -12.27 2.48
N ASN A 379 15.72 -11.47 1.50
CA ASN A 379 15.09 -11.98 0.28
C ASN A 379 16.08 -12.11 -0.85
N LEU A 380 17.38 -11.96 -0.56
CA LEU A 380 18.41 -12.05 -1.58
C LEU A 380 19.47 -13.07 -1.16
N ILE A 381 20.07 -13.69 -2.16
CA ILE A 381 21.21 -14.59 -1.97
C ILE A 381 22.32 -14.04 -2.85
N HIS A 382 23.46 -13.73 -2.24
CA HIS A 382 24.56 -13.12 -2.98
C HIS A 382 25.63 -14.18 -3.28
N VAL A 383 26.19 -14.08 -4.49
CA VAL A 383 27.16 -15.03 -5.01
C VAL A 383 28.13 -14.23 -5.86
N ARG A 384 29.40 -14.22 -5.47
CA ARG A 384 30.37 -13.44 -6.22
C ARG A 384 30.72 -14.14 -7.52
N ASP A 385 30.78 -13.38 -8.60
CA ASP A 385 31.01 -13.98 -9.92
C ASP A 385 32.43 -14.52 -10.04
N GLY A 386 33.36 -13.97 -9.27
CA GLY A 386 34.76 -14.35 -9.35
C GLY A 386 35.16 -15.49 -8.44
N GLU A 387 34.32 -15.78 -7.39
CA GLU A 387 34.74 -16.84 -6.47
C GLU A 387 34.16 -18.18 -6.89
N PRO A 388 34.87 -19.27 -6.57
CA PRO A 388 34.29 -20.60 -6.74
C PRO A 388 33.02 -20.72 -5.92
N ILE A 389 32.02 -21.39 -6.48
CA ILE A 389 30.71 -21.45 -5.85
C ILE A 389 30.71 -22.52 -4.77
N ARG A 390 30.22 -22.15 -3.59
CA ARG A 390 30.21 -23.02 -2.42
C ARG A 390 28.79 -23.13 -1.90
N ASP A 391 28.54 -24.15 -1.08
CA ASP A 391 27.28 -24.23 -0.34
C ASP A 391 27.05 -22.95 0.45
N GLN A 392 25.78 -22.54 0.53
CA GLN A 392 25.40 -21.27 1.11
C GLN A 392 24.24 -21.46 2.08
N ASP A 393 24.37 -20.87 3.26
CA ASP A 393 23.36 -20.96 4.31
C ASP A 393 22.46 -19.74 4.31
N ILE A 394 21.22 -19.94 4.74
CA ILE A 394 20.18 -18.90 4.73
C ILE A 394 19.28 -19.09 5.94
N GLN A 395 19.23 -18.10 6.81
CA GLN A 395 18.47 -18.21 8.06
C GLN A 395 17.00 -17.95 7.77
N LEU A 396 16.15 -18.90 8.14
CA LEU A 396 14.72 -18.75 7.95
C LEU A 396 14.06 -18.18 9.21
N HIS A 397 12.81 -17.77 9.05
CA HIS A 397 11.96 -17.30 10.15
C HIS A 397 10.62 -18.00 9.95
N LEU A 398 10.49 -19.19 10.55
CA LEU A 398 9.34 -20.05 10.26
C LEU A 398 8.02 -19.45 10.75
N HIS A 399 8.07 -18.59 11.77
CA HIS A 399 6.87 -17.94 12.32
C HIS A 399 5.76 -18.95 12.59
N GLY A 400 6.12 -20.12 13.10
CA GLY A 400 5.15 -21.13 13.45
C GLY A 400 4.82 -22.11 12.35
N ASN A 401 5.51 -22.05 11.22
CA ASN A 401 5.20 -22.87 10.05
C ASN A 401 6.37 -23.79 9.74
N GLU A 402 6.17 -24.65 8.74
CA GLU A 402 7.15 -25.65 8.37
C GLU A 402 7.42 -25.56 6.88
N LEU A 403 8.66 -25.87 6.49
CA LEU A 403 9.05 -25.82 5.10
C LEU A 403 8.73 -27.15 4.42
N THR A 404 8.20 -27.06 3.20
CA THR A 404 7.75 -28.24 2.47
C THR A 404 8.48 -28.48 1.16
N GLY A 405 9.10 -27.47 0.58
CA GLY A 405 9.90 -27.66 -0.62
C GLY A 405 10.38 -26.33 -1.16
N LEU A 406 11.20 -26.41 -2.19
CA LEU A 406 11.64 -25.23 -2.94
C LEU A 406 11.43 -25.47 -4.44
N GLN A 407 11.00 -24.41 -5.13
CA GLN A 407 10.73 -24.44 -6.56
C GLN A 407 11.56 -23.38 -7.26
N VAL A 408 12.08 -23.73 -8.43
CA VAL A 408 12.65 -22.76 -9.36
C VAL A 408 11.90 -22.88 -10.68
N ASP A 409 11.29 -21.78 -11.11
CA ASP A 409 10.43 -21.74 -12.30
C ASP A 409 9.35 -22.82 -12.27
N GLY A 410 8.66 -22.92 -11.14
CA GLY A 410 7.53 -23.82 -11.02
C GLY A 410 7.88 -25.27 -10.84
N ASP A 411 9.16 -25.63 -10.87
CA ASP A 411 9.60 -27.01 -10.74
C ASP A 411 10.26 -27.20 -9.38
N SER A 412 9.77 -28.19 -8.63
CA SER A 412 10.34 -28.51 -7.33
C SER A 412 11.81 -28.87 -7.47
N LEU A 413 12.59 -28.61 -6.42
CA LEU A 413 14.01 -28.88 -6.47
C LEU A 413 14.35 -30.15 -5.71
N ALA A 414 15.61 -30.55 -5.81
CA ALA A 414 16.05 -31.86 -5.36
C ALA A 414 16.41 -31.80 -3.88
N LEU A 415 15.79 -32.66 -3.08
CA LEU A 415 16.25 -32.82 -1.71
C LEU A 415 17.65 -33.39 -1.68
N GLY A 416 18.47 -32.89 -0.75
CA GLY A 416 19.83 -33.36 -0.62
C GLY A 416 20.77 -32.84 -1.69
N GLU A 417 20.45 -33.12 -2.96
CA GLU A 417 21.33 -32.74 -4.06
C GLU A 417 21.27 -31.25 -4.34
N ASP A 418 20.14 -30.60 -4.06
CA ASP A 418 20.01 -29.17 -4.28
C ASP A 418 19.97 -28.36 -2.99
N TYR A 419 19.42 -28.90 -1.91
CA TYR A 419 19.30 -28.12 -0.69
C TYR A 419 19.15 -29.04 0.51
N GLU A 420 19.55 -28.52 1.67
CA GLU A 420 19.38 -29.19 2.96
C GLU A 420 18.65 -28.25 3.91
N LEU A 421 18.10 -28.83 4.98
CA LEU A 421 17.44 -28.05 6.03
C LEU A 421 17.88 -28.59 7.38
N ALA A 422 18.51 -27.73 8.18
CA ALA A 422 18.90 -28.05 9.55
C ALA A 422 18.14 -27.11 10.47
N GLY A 423 17.08 -27.61 11.11
CA GLY A 423 16.23 -26.78 11.94
C GLY A 423 15.51 -25.74 11.12
N ASP A 424 15.97 -24.49 11.18
CA ASP A 424 15.44 -23.42 10.36
C ASP A 424 16.53 -22.72 9.56
N VAL A 425 17.69 -23.35 9.42
CA VAL A 425 18.76 -22.86 8.58
C VAL A 425 18.72 -23.68 7.29
N LEU A 426 18.41 -23.02 6.18
CA LEU A 426 18.34 -23.69 4.89
C LEU A 426 19.64 -23.46 4.13
N THR A 427 20.06 -24.47 3.38
CA THR A 427 21.34 -24.46 2.70
C THR A 427 21.13 -24.78 1.23
N MET A 428 21.53 -23.86 0.36
CA MET A 428 21.55 -24.12 -1.07
C MET A 428 22.88 -24.79 -1.40
N LYS A 429 22.80 -25.96 -2.04
CA LYS A 429 24.01 -26.73 -2.32
C LYS A 429 24.76 -26.11 -3.49
N ALA A 430 26.07 -26.31 -3.50
CA ALA A 430 26.94 -25.66 -4.50
C ALA A 430 26.52 -26.02 -5.92
N ASP A 431 26.27 -27.30 -6.17
CA ASP A 431 25.93 -27.74 -7.53
C ASP A 431 24.65 -27.08 -8.03
N ALA A 432 23.67 -26.89 -7.13
CA ALA A 432 22.41 -26.27 -7.53
C ALA A 432 22.60 -24.82 -7.94
N LEU A 433 23.36 -24.06 -7.16
CA LEU A 433 23.62 -22.67 -7.51
C LEU A 433 24.46 -22.58 -8.79
N THR A 434 25.47 -23.46 -8.92
CA THR A 434 26.28 -23.50 -10.13
C THR A 434 25.41 -23.73 -11.35
N ALA A 435 24.45 -24.66 -11.26
CA ALA A 435 23.57 -24.92 -12.39
C ALA A 435 22.64 -23.74 -12.67
N LEU A 436 22.09 -23.14 -11.61
CA LEU A 436 21.12 -22.07 -11.79
C LEU A 436 21.72 -20.72 -12.14
N MET A 437 23.05 -20.58 -12.11
CA MET A 437 23.68 -19.29 -12.36
C MET A 437 24.50 -19.31 -13.64
N THR A 438 24.81 -18.12 -14.13
CA THR A 438 25.53 -17.93 -15.38
C THR A 438 26.80 -17.12 -15.13
N PRO A 439 27.98 -17.67 -15.37
CA PRO A 439 29.23 -16.91 -15.15
C PRO A 439 29.32 -15.69 -16.04
N GLY A 440 29.40 -14.52 -15.42
CA GLY A 440 29.49 -13.28 -16.17
C GLY A 440 28.23 -12.44 -16.06
N GLU A 441 27.09 -13.11 -16.13
CA GLU A 441 25.78 -12.45 -16.06
C GLU A 441 25.54 -11.93 -14.66
N LEU A 442 25.73 -10.63 -14.47
CA LEU A 442 25.51 -10.01 -13.18
C LEU A 442 24.06 -9.60 -13.01
N GLY A 443 23.57 -9.67 -11.78
CA GLY A 443 22.18 -9.39 -11.48
C GLY A 443 21.44 -10.62 -11.01
N THR A 444 20.11 -10.54 -11.11
CA THR A 444 19.24 -11.63 -10.67
C THR A 444 19.30 -12.76 -11.68
N ASN A 445 19.92 -13.89 -11.28
CA ASN A 445 20.00 -15.05 -12.15
C ASN A 445 18.77 -15.96 -12.06
N ALA A 446 18.21 -16.11 -10.85
CA ALA A 446 17.08 -17.01 -10.68
C ALA A 446 16.33 -16.60 -9.41
N VAL A 447 15.18 -17.22 -9.21
CA VAL A 447 14.36 -16.99 -8.03
C VAL A 447 14.07 -18.33 -7.38
N ILE A 448 14.53 -18.51 -6.14
CA ILE A 448 14.31 -19.73 -5.38
C ILE A 448 13.10 -19.50 -4.48
N THR A 449 12.05 -20.28 -4.68
CA THR A 449 10.78 -20.10 -3.98
C THR A 449 10.68 -21.09 -2.83
N ALA A 450 10.61 -20.57 -1.60
CA ALA A 450 10.48 -21.41 -0.42
C ALA A 450 8.98 -21.58 -0.10
N GLN A 451 8.50 -22.81 -0.20
CA GLN A 451 7.09 -23.12 0.08
C GLN A 451 6.96 -23.73 1.46
N PHE A 452 5.86 -23.40 2.13
CA PHE A 452 5.61 -23.82 3.51
C PHE A 452 4.21 -24.41 3.63
N ASN A 453 3.98 -25.11 4.74
CA ASN A 453 2.67 -25.72 4.97
C ASN A 453 1.58 -24.67 5.16
N SER A 454 1.95 -23.45 5.54
CA SER A 454 1.01 -22.36 5.71
C SER A 454 1.71 -21.05 5.43
N GLY A 455 0.94 -20.09 4.91
CA GLY A 455 1.45 -18.76 4.65
C GLY A 455 1.91 -18.57 3.23
N ALA A 456 2.38 -17.36 2.95
CA ALA A 456 2.86 -17.01 1.62
C ALA A 456 4.21 -17.64 1.33
N ASP A 457 4.44 -17.94 0.06
CA ASP A 457 5.77 -18.35 -0.38
C ASP A 457 6.76 -17.22 -0.20
N TRP A 458 7.98 -17.57 0.19
CA TRP A 458 9.06 -16.60 0.30
C TRP A 458 9.98 -16.78 -0.90
N HIS A 459 10.30 -15.68 -1.56
CA HIS A 459 11.04 -15.70 -2.82
C HIS A 459 12.43 -15.13 -2.60
N PHE A 460 13.45 -15.93 -2.93
CA PHE A 460 14.83 -15.50 -2.87
C PHE A 460 15.28 -15.04 -4.24
N GLN A 461 15.86 -13.84 -4.31
CA GLN A 461 16.47 -13.37 -5.54
C GLN A 461 17.94 -13.75 -5.51
N LEU A 462 18.34 -14.62 -6.44
CA LEU A 462 19.70 -15.13 -6.49
C LEU A 462 20.54 -14.15 -7.30
N GLN A 463 21.34 -13.34 -6.60
CA GLN A 463 22.05 -12.22 -7.19
C GLN A 463 23.49 -12.63 -7.46
N ASN A 464 23.91 -12.56 -8.72
CA ASN A 464 25.31 -12.70 -9.09
C ASN A 464 25.93 -11.31 -9.09
N VAL A 465 26.84 -11.05 -8.15
CA VAL A 465 27.33 -9.70 -7.92
C VAL A 465 28.84 -9.66 -8.01
N ASP A 466 29.35 -8.52 -8.47
CA ASP A 466 30.75 -8.14 -8.35
C ASP A 466 30.84 -6.95 -7.40
N GLU A 467 32.05 -6.52 -7.10
CA GLU A 467 32.21 -5.37 -6.22
C GLU A 467 31.83 -4.10 -6.98
N PRO A 468 30.86 -3.32 -6.51
CA PRO A 468 30.43 -2.14 -7.27
C PRO A 468 31.49 -1.06 -7.28
N THR A 469 31.59 -0.36 -8.41
CA THR A 469 32.59 0.68 -8.65
C THR A 469 31.91 1.96 -9.07
N LEU A 470 32.53 3.08 -8.71
CA LEU A 470 32.06 4.41 -9.09
C LEU A 470 33.04 5.06 -10.06
N GLU A 471 32.66 6.22 -10.58
CA GLU A 471 33.44 6.94 -11.56
C GLU A 471 33.53 8.40 -11.13
N ASN A 472 34.48 9.12 -11.72
CA ASN A 472 34.58 10.56 -11.46
C ASN A 472 33.52 11.30 -12.27
N THR A 473 33.10 12.45 -11.76
CA THR A 473 32.12 13.28 -12.44
C THR A 473 32.25 14.70 -11.90
N GLU A 474 31.65 15.64 -12.64
CA GLU A 474 31.61 17.03 -12.24
C GLU A 474 30.36 17.68 -12.81
N GLY A 475 29.69 18.47 -11.98
CA GLY A 475 28.45 19.11 -12.39
C GLY A 475 27.93 20.02 -11.30
N SER A 476 26.77 20.60 -11.58
CA SER A 476 26.12 21.53 -10.67
C SER A 476 25.38 20.79 -9.56
N THR A 477 25.07 21.51 -8.49
CA THR A 477 24.23 20.97 -7.44
C THR A 477 22.86 20.57 -7.99
N SER A 478 22.38 21.29 -9.00
CA SER A 478 21.05 21.04 -9.55
C SER A 478 21.00 19.77 -10.38
N ASN A 479 22.14 19.29 -10.89
CA ASN A 479 22.16 18.08 -11.71
C ASN A 479 23.50 17.36 -11.49
N PHE A 480 23.60 16.68 -10.35
CA PHE A 480 24.81 15.94 -9.98
C PHE A 480 24.45 14.47 -9.86
N ALA A 481 25.11 13.63 -10.67
CA ALA A 481 24.87 12.20 -10.66
C ALA A 481 26.20 11.47 -10.81
N ILE A 482 26.46 10.52 -9.91
CA ILE A 482 27.70 9.75 -9.91
C ILE A 482 27.51 8.55 -10.84
N PRO A 483 28.23 8.45 -11.95
CA PRO A 483 28.15 7.25 -12.79
C PRO A 483 28.61 6.02 -12.02
N ALA A 484 27.79 4.97 -12.04
CA ALA A 484 28.00 3.80 -11.21
C ALA A 484 27.88 2.51 -12.01
N HIS A 485 28.58 1.49 -11.56
CA HIS A 485 28.43 0.11 -12.04
C HIS A 485 27.97 -0.70 -10.84
N PHE A 486 26.64 -0.87 -10.70
CA PHE A 486 26.11 -1.59 -9.54
C PHE A 486 26.54 -3.04 -9.54
N ASN A 487 26.83 -3.62 -10.71
CA ASN A 487 27.32 -4.99 -10.82
C ASN A 487 26.39 -5.99 -10.13
N GLY A 488 25.09 -5.77 -10.26
CA GLY A 488 24.10 -6.64 -9.66
C GLY A 488 23.73 -6.33 -8.22
N ASP A 489 24.37 -5.34 -7.62
CA ASP A 489 24.22 -5.05 -6.20
C ASP A 489 23.04 -4.08 -5.99
N SER A 490 22.91 -3.59 -4.76
CA SER A 490 21.78 -2.74 -4.40
C SER A 490 22.21 -1.78 -3.31
N VAL A 491 21.94 -0.50 -3.50
CA VAL A 491 22.28 0.51 -2.50
C VAL A 491 21.24 0.49 -1.40
N ALA A 492 21.68 0.36 -0.15
CA ALA A 492 20.79 0.37 0.99
C ALA A 492 20.67 1.75 1.62
N THR A 493 21.81 2.40 1.90
CA THR A 493 21.80 3.73 2.49
C THR A 493 23.11 4.44 2.14
N MET A 494 23.15 5.73 2.46
CA MET A 494 24.33 6.56 2.22
C MET A 494 24.59 7.46 3.42
N GLU A 495 25.85 7.56 3.83
CA GLU A 495 26.26 8.53 4.83
C GLU A 495 27.05 9.68 4.23
N ALA A 496 27.01 10.82 4.92
CA ALA A 496 27.71 12.02 4.48
C ALA A 496 28.37 12.66 5.69
N VAL A 497 29.70 12.64 5.73
CA VAL A 497 30.47 13.26 6.79
C VAL A 497 31.53 14.18 6.18
N TYR A 498 31.75 15.32 6.82
CA TYR A 498 32.83 16.20 6.42
C TYR A 498 34.18 15.57 6.74
N ALA A 499 35.23 16.07 6.07
CA ALA A 499 36.57 15.52 6.24
C ALA A 499 37.07 15.59 7.68
N ASN A 500 36.39 16.34 8.56
CA ASN A 500 36.72 16.38 9.98
C ASN A 500 35.88 15.44 10.80
N GLY A 501 34.94 14.71 10.19
CA GLY A 501 34.11 13.76 10.88
C GLY A 501 32.75 14.27 11.31
N GLU A 502 32.43 15.55 11.07
CA GLU A 502 31.09 16.02 11.41
C GLU A 502 30.08 15.52 10.40
N PHE A 503 28.87 15.24 10.89
CA PHE A 503 27.78 14.76 10.04
C PHE A 503 27.37 15.87 9.08
N ALA A 504 27.46 15.59 7.78
CA ALA A 504 27.10 16.56 6.75
C ALA A 504 25.63 16.38 6.35
N GLY A 505 25.18 17.17 5.39
CA GLY A 505 23.87 16.99 4.80
C GLY A 505 22.72 17.27 5.74
N PRO A 506 21.50 17.05 5.24
CA PRO A 506 20.29 17.25 6.07
C PRO A 506 20.15 16.20 7.17
N GLN A 507 19.18 16.46 8.05
CA GLN A 507 19.04 15.75 9.32
C GLN A 507 20.41 15.55 9.97
N ASN A 508 21.04 16.69 10.30
CA ASN A 508 22.39 16.79 10.84
C ASN A 508 22.67 15.87 12.04
N TRP A 509 21.65 15.33 12.72
CA TRP A 509 21.89 14.54 13.93
C TRP A 509 22.37 13.12 13.68
N THR A 510 22.53 12.70 12.43
CA THR A 510 22.98 11.34 12.14
C THR A 510 23.84 11.34 10.89
N SER A 511 24.70 10.33 10.80
CA SER A 511 25.57 10.19 9.65
C SER A 511 24.82 9.64 8.44
N PHE A 512 23.80 8.81 8.66
CA PHE A 512 23.08 8.15 7.57
C PHE A 512 22.03 9.11 7.02
N LYS A 513 22.22 9.54 5.78
CA LYS A 513 21.25 10.38 5.08
C LYS A 513 19.97 9.60 4.75
N GLU A 514 18.92 10.35 4.40
CA GLU A 514 17.64 9.80 4.00
C GLU A 514 17.63 9.32 2.55
N PHE A 515 17.09 8.13 2.32
CA PHE A 515 16.93 7.58 0.98
C PHE A 515 15.94 8.43 0.18
N GLY A 516 16.25 8.63 -1.10
CA GLY A 516 15.37 9.35 -2.00
C GLY A 516 15.51 10.86 -1.93
N TYR A 517 15.28 11.44 -0.74
CA TYR A 517 15.24 12.88 -0.62
C TYR A 517 16.63 13.50 -0.74
N THR A 518 17.68 12.77 -0.34
CA THR A 518 19.04 13.25 -0.45
C THR A 518 19.85 12.56 -1.54
N PHE A 519 19.47 11.34 -1.93
CA PHE A 519 20.16 10.59 -2.95
C PHE A 519 19.24 9.49 -3.45
N SER A 520 19.40 9.10 -4.71
CA SER A 520 18.57 8.01 -5.21
C SER A 520 19.33 7.22 -6.28
N PRO A 521 19.46 5.90 -6.11
CA PRO A 521 20.09 5.08 -7.16
C PRO A 521 19.13 4.81 -8.31
N VAL A 522 19.57 5.15 -9.52
CA VAL A 522 18.81 4.89 -10.73
C VAL A 522 19.57 3.81 -11.49
N TYR A 523 19.06 2.58 -11.43
CA TYR A 523 19.81 1.44 -11.95
C TYR A 523 19.73 1.33 -13.47
N ASP A 524 18.56 1.60 -14.05
CA ASP A 524 18.42 1.53 -15.51
C ASP A 524 19.29 2.56 -16.23
N LYS A 525 19.76 3.58 -15.52
CA LYS A 525 20.61 4.61 -16.12
C LYS A 525 22.00 4.63 -15.46
N GLY A 526 22.30 3.64 -14.64
CA GLY A 526 23.64 3.43 -14.09
C GLY A 526 24.29 4.62 -13.43
N GLU A 527 23.62 5.21 -12.44
CA GLU A 527 24.17 6.36 -11.76
C GLU A 527 23.51 6.53 -10.40
N ILE A 528 24.15 7.32 -9.54
CA ILE A 528 23.66 7.64 -8.22
C ILE A 528 23.46 9.15 -8.16
N VAL A 529 22.21 9.57 -8.04
CA VAL A 529 21.89 10.99 -8.02
C VAL A 529 22.13 11.54 -6.62
N ILE A 530 22.69 12.74 -6.55
CA ILE A 530 22.78 13.50 -5.31
C ILE A 530 21.89 14.72 -5.50
N THR A 531 20.91 14.87 -4.62
CA THR A 531 19.83 15.81 -4.91
C THR A 531 20.22 17.24 -4.53
N ASP A 532 19.48 18.19 -5.13
CA ASP A 532 19.62 19.59 -4.74
C ASP A 532 19.38 19.80 -3.26
N ALA A 533 18.42 19.06 -2.70
CA ALA A 533 18.10 19.19 -1.28
C ALA A 533 19.29 18.83 -0.40
N PHE A 534 20.11 17.88 -0.84
CA PHE A 534 21.31 17.52 -0.07
C PHE A 534 22.33 18.65 -0.08
N PHE A 535 22.67 19.16 -1.27
CA PHE A 535 23.70 20.19 -1.38
C PHE A 535 23.28 21.49 -0.70
N ASN A 536 21.97 21.74 -0.62
CA ASN A 536 21.48 22.96 0.01
C ASN A 536 21.73 22.99 1.53
N GLU A 537 22.21 21.90 2.13
CA GLU A 537 22.45 21.84 3.56
C GLU A 537 23.88 21.39 3.88
N VAL A 538 24.83 21.68 2.99
CA VAL A 538 26.23 21.31 3.17
C VAL A 538 27.06 22.57 2.98
N ARG A 539 28.09 22.73 3.81
CA ARG A 539 29.02 23.86 3.66
C ARG A 539 30.00 23.62 2.51
N ASP A 540 30.63 24.71 2.04
CA ASP A 540 31.66 24.61 1.02
C ASP A 540 32.87 23.87 1.58
N ASP A 541 33.04 22.60 1.19
CA ASP A 541 34.00 21.71 1.83
C ASP A 541 34.13 20.44 0.99
N ASP A 542 34.92 19.49 1.49
CA ASP A 542 35.03 18.15 0.90
C ASP A 542 34.14 17.19 1.68
N ILE A 543 33.39 16.37 0.96
CA ILE A 543 32.39 15.47 1.55
C ILE A 543 32.84 14.03 1.31
N HIS A 544 32.98 13.26 2.39
CA HIS A 544 33.18 11.82 2.26
C HIS A 544 31.82 11.13 2.33
N LEU A 545 31.47 10.39 1.29
CA LEU A 545 30.30 9.54 1.30
C LEU A 545 30.71 8.07 1.35
N THR A 546 29.87 7.27 2.00
CA THR A 546 30.12 5.84 2.20
C THR A 546 28.82 5.11 1.85
N PHE A 547 28.79 4.52 0.66
CA PHE A 547 27.59 3.86 0.16
C PHE A 547 27.50 2.44 0.72
N HIS A 548 26.42 2.15 1.45
CA HIS A 548 26.18 0.84 2.01
C HIS A 548 25.34 0.02 1.03
N PHE A 549 25.86 -1.13 0.62
CA PHE A 549 25.14 -2.02 -0.28
C PHE A 549 24.54 -3.19 0.47
N TRP A 550 23.43 -3.71 -0.09
CA TRP A 550 22.74 -4.83 0.54
C TRP A 550 23.53 -6.13 0.46
N SER A 551 24.61 -6.17 -0.32
CA SER A 551 25.53 -7.29 -0.31
C SER A 551 26.48 -7.27 0.88
N GLY A 552 26.50 -6.18 1.65
CA GLY A 552 27.43 -5.99 2.73
C GLY A 552 28.56 -5.05 2.38
N GLU A 553 28.93 -4.96 1.10
CA GLU A 553 30.05 -4.15 0.67
C GLU A 553 29.77 -2.67 0.87
N MET A 554 30.85 -1.90 0.87
CA MET A 554 30.78 -0.46 1.06
C MET A 554 31.76 0.24 0.13
N VAL A 555 31.26 1.25 -0.58
CA VAL A 555 32.05 2.00 -1.55
C VAL A 555 32.21 3.43 -1.02
N GLU A 556 33.43 3.95 -1.14
CA GLU A 556 33.73 5.30 -0.67
C GLU A 556 33.82 6.25 -1.84
N TYR A 557 33.44 7.50 -1.58
CA TYR A 557 33.42 8.54 -2.60
C TYR A 557 33.62 9.87 -1.89
N THR A 558 34.29 10.80 -2.58
CA THR A 558 34.55 12.12 -2.02
C THR A 558 34.06 13.18 -2.99
N LEU A 559 33.32 14.16 -2.47
CA LEU A 559 32.85 15.31 -3.22
C LEU A 559 33.59 16.56 -2.76
N SER A 560 33.77 17.50 -3.68
CA SER A 560 34.34 18.81 -3.38
C SER A 560 33.27 19.86 -3.66
N LYS A 561 32.75 20.46 -2.60
CA LYS A 561 31.66 21.42 -2.71
C LYS A 561 32.19 22.85 -2.58
N ASN A 562 31.88 23.68 -3.58
CA ASN A 562 32.07 25.13 -3.51
C ASN A 562 30.95 25.82 -4.26
N GLY A 563 30.09 26.54 -3.54
CA GLY A 563 28.98 27.23 -4.18
C GLY A 563 28.01 26.28 -4.86
N ASN A 564 27.83 26.47 -6.16
CA ASN A 564 26.88 25.71 -6.95
C ASN A 564 27.58 24.65 -7.83
N HIS A 565 28.87 24.42 -7.63
CA HIS A 565 29.61 23.44 -8.43
C HIS A 565 30.25 22.41 -7.51
N VAL A 566 30.28 21.16 -7.97
CA VAL A 566 30.79 20.03 -7.19
C VAL A 566 31.50 19.07 -8.14
N GLN A 567 32.69 18.60 -7.73
CA GLN A 567 33.39 17.54 -8.43
C GLN A 567 33.48 16.31 -7.53
N GLY A 568 33.28 15.14 -8.12
CA GLY A 568 33.35 13.87 -7.42
C GLY A 568 34.47 12.96 -7.89
N ARG A 569 35.23 12.40 -6.95
CA ARG A 569 36.37 11.55 -7.24
C ARG A 569 36.23 10.25 -6.45
N ARG A 570 36.95 9.22 -6.90
CA ARG A 570 36.71 7.88 -6.38
C ARG A 570 37.30 7.74 -4.99
N THR B 41 58.05 54.70 -6.64
CA THR B 41 58.77 53.46 -6.89
C THR B 41 58.28 52.79 -8.16
N ASP B 42 59.12 51.89 -8.69
CA ASP B 42 58.75 51.16 -9.90
C ASP B 42 57.54 50.26 -9.66
N ILE B 43 57.46 49.64 -8.49
CA ILE B 43 56.37 48.71 -8.22
C ILE B 43 55.05 49.44 -7.99
N GLN B 44 55.08 50.60 -7.33
CA GLN B 44 53.85 51.35 -7.12
C GLN B 44 53.39 52.04 -8.40
N SER B 45 54.33 52.43 -9.27
CA SER B 45 53.95 52.94 -10.58
C SER B 45 53.34 51.84 -11.44
N TYR B 46 53.83 50.62 -11.27
CA TYR B 46 53.31 49.45 -11.98
C TYR B 46 51.87 49.17 -11.54
N VAL B 47 51.68 48.90 -10.25
CA VAL B 47 50.35 48.61 -9.71
C VAL B 47 49.39 49.76 -9.95
N ALA B 48 49.84 51.00 -9.76
CA ALA B 48 48.97 52.14 -10.02
C ALA B 48 48.62 52.25 -11.51
N ASP B 49 49.56 51.89 -12.38
CA ASP B 49 49.29 51.91 -13.81
C ASP B 49 48.40 50.76 -14.26
N MET B 50 48.17 49.74 -13.42
CA MET B 50 47.21 48.71 -13.79
C MET B 50 45.78 49.26 -13.80
N GLN B 51 45.48 50.24 -12.95
CA GLN B 51 44.11 50.71 -12.79
C GLN B 51 43.57 51.18 -14.14
N PRO B 52 42.37 50.72 -14.55
CA PRO B 52 41.53 49.74 -13.84
C PRO B 52 41.63 48.31 -14.38
N GLY B 53 41.13 47.35 -13.61
CA GLY B 53 41.23 45.95 -14.01
C GLY B 53 39.90 45.27 -14.29
N TRP B 54 39.95 44.14 -14.99
CA TRP B 54 38.77 43.39 -15.38
C TRP B 54 39.11 41.90 -15.37
N ASN B 55 38.18 41.08 -14.89
CA ASN B 55 38.39 39.64 -14.78
C ASN B 55 37.75 38.91 -15.95
N LEU B 56 38.53 38.06 -16.61
CA LEU B 56 38.04 37.16 -17.66
C LEU B 56 37.59 35.85 -16.99
N GLY B 57 36.42 35.92 -16.36
CA GLY B 57 35.94 34.84 -15.54
C GLY B 57 35.04 33.82 -16.23
N ASN B 58 34.87 32.69 -15.55
CA ASN B 58 34.09 31.56 -16.07
C ASN B 58 34.50 31.24 -17.50
N THR B 59 35.81 31.27 -17.75
CA THR B 59 36.33 30.96 -19.07
C THR B 59 37.37 29.85 -18.93
N PHE B 60 38.65 30.19 -19.05
CA PHE B 60 39.70 29.19 -18.82
C PHE B 60 39.67 28.64 -17.41
N ASP B 61 38.98 29.34 -16.51
CA ASP B 61 38.88 28.96 -15.11
C ASP B 61 37.78 27.95 -14.84
N ALA B 62 36.91 27.66 -15.82
CA ALA B 62 35.82 26.73 -15.61
C ALA B 62 36.35 25.30 -15.39
N VAL B 63 35.74 24.60 -14.44
CA VAL B 63 36.11 23.22 -14.14
C VAL B 63 35.41 22.34 -15.16
N GLY B 64 36.13 22.00 -16.23
CA GLY B 64 35.56 21.19 -17.27
C GLY B 64 36.60 20.83 -18.30
N ASP B 65 36.14 20.41 -19.47
CA ASP B 65 37.05 20.02 -20.53
C ASP B 65 37.66 21.22 -21.25
N ASP B 66 37.02 22.38 -21.23
CA ASP B 66 37.56 23.56 -21.90
C ASP B 66 36.91 24.81 -21.32
N GLU B 67 37.27 25.95 -21.90
CA GLU B 67 36.85 27.28 -21.44
C GLU B 67 35.35 27.53 -21.52
N THR B 68 34.56 26.70 -22.20
CA THR B 68 33.15 27.00 -22.40
C THR B 68 32.23 26.13 -21.54
N ALA B 69 32.80 25.33 -20.63
CA ALA B 69 31.99 24.38 -19.87
C ALA B 69 30.90 25.08 -19.06
N TRP B 70 31.16 26.32 -18.64
CA TRP B 70 30.22 27.04 -17.79
C TRP B 70 29.47 28.14 -18.55
N GLY B 71 29.31 27.95 -19.87
CA GLY B 71 28.39 28.75 -20.66
C GLY B 71 28.98 29.92 -21.41
N ASN B 72 30.25 30.23 -21.20
CA ASN B 72 30.74 31.34 -21.99
C ASN B 72 31.33 30.83 -23.30
N PRO B 73 31.31 31.62 -24.37
CA PRO B 73 31.95 31.20 -25.62
C PRO B 73 33.46 31.26 -25.50
N ARG B 74 34.14 30.67 -26.49
CA ARG B 74 35.59 30.76 -26.50
C ARG B 74 36.02 32.20 -26.74
N VAL B 75 37.16 32.56 -26.13
CA VAL B 75 37.58 33.94 -26.11
C VAL B 75 37.90 34.42 -27.52
N THR B 76 37.36 35.58 -27.87
CA THR B 76 37.69 36.23 -29.12
C THR B 76 38.71 37.32 -28.85
N ARG B 77 39.55 37.61 -29.85
CA ARG B 77 40.50 38.69 -29.68
C ARG B 77 39.81 40.05 -29.78
N GLU B 78 38.61 40.09 -30.37
CA GLU B 78 37.77 41.29 -30.31
C GLU B 78 37.32 41.55 -28.89
N LEU B 79 37.07 40.47 -28.14
CA LEU B 79 36.68 40.60 -26.73
C LEU B 79 37.67 41.48 -25.97
N ILE B 80 38.94 41.06 -25.96
CA ILE B 80 39.96 41.79 -25.22
C ILE B 80 40.20 43.17 -25.86
N LYS B 81 40.11 43.27 -27.19
CA LYS B 81 40.24 44.58 -27.81
C LYS B 81 39.21 45.54 -27.23
N THR B 82 37.96 45.08 -27.13
CA THR B 82 36.90 45.90 -26.59
C THR B 82 37.12 46.19 -25.11
N ILE B 83 37.57 45.20 -24.35
CA ILE B 83 37.85 45.40 -22.93
C ILE B 83 38.95 46.44 -22.74
N ALA B 84 39.88 46.53 -23.70
CA ALA B 84 40.91 47.55 -23.63
C ALA B 84 40.34 48.92 -23.99
N ASP B 85 39.56 49.00 -25.07
CA ASP B 85 39.06 50.29 -25.51
C ASP B 85 37.89 50.81 -24.67
N GLU B 86 37.41 50.02 -23.71
CA GLU B 86 36.44 50.54 -22.75
C GLU B 86 37.10 51.23 -21.57
N GLY B 87 38.43 51.32 -21.56
CA GLY B 87 39.16 52.09 -20.57
C GLY B 87 39.95 51.28 -19.57
N TYR B 88 39.81 49.96 -19.55
CA TYR B 88 40.56 49.15 -18.60
C TYR B 88 42.01 49.01 -19.05
N LYS B 89 42.93 49.08 -18.11
CA LYS B 89 44.35 48.96 -18.43
C LYS B 89 45.01 47.76 -17.78
N SER B 90 44.23 46.84 -17.22
CA SER B 90 44.76 45.57 -16.75
C SER B 90 43.65 44.54 -16.81
N ILE B 91 44.02 43.28 -17.07
CA ILE B 91 43.07 42.18 -17.18
C ILE B 91 43.61 40.99 -16.40
N ARG B 92 42.73 40.37 -15.62
CA ARG B 92 43.07 39.20 -14.82
C ARG B 92 42.56 37.96 -15.55
N ILE B 93 43.46 37.01 -15.81
CA ILE B 93 43.08 35.78 -16.49
C ILE B 93 43.14 34.63 -15.48
N PRO B 94 42.02 34.30 -14.83
CA PRO B 94 42.00 33.11 -13.98
C PRO B 94 41.92 31.85 -14.81
N VAL B 95 42.65 30.83 -14.38
CA VAL B 95 42.71 29.56 -15.11
C VAL B 95 42.71 28.42 -14.10
N THR B 96 41.91 27.39 -14.37
CA THR B 96 41.92 26.14 -13.62
C THR B 96 42.49 25.04 -14.51
N TRP B 97 43.59 24.43 -14.06
CA TRP B 97 44.34 23.48 -14.87
C TRP B 97 44.07 22.02 -14.52
N GLU B 98 43.37 21.73 -13.42
CA GLU B 98 43.27 20.35 -12.95
C GLU B 98 42.87 19.38 -14.05
N ASN B 99 41.85 19.73 -14.83
CA ASN B 99 41.32 18.82 -15.82
C ASN B 99 42.04 18.91 -17.17
N GLN B 100 43.24 19.49 -17.19
CA GLN B 100 44.14 19.37 -18.32
C GLN B 100 45.59 19.23 -17.85
N MET B 101 45.80 18.67 -16.68
CA MET B 101 47.14 18.33 -16.20
C MET B 101 47.34 16.83 -16.39
N GLY B 102 48.58 16.44 -16.67
CA GLY B 102 48.93 15.05 -16.84
C GLY B 102 49.06 14.32 -15.52
N ASN B 103 49.86 13.26 -15.54
CA ASN B 103 50.06 12.39 -14.40
C ASN B 103 51.50 12.52 -13.92
N ALA B 104 51.74 12.03 -12.70
CA ALA B 104 53.05 12.09 -12.05
C ALA B 104 54.12 11.47 -12.95
N PRO B 105 55.37 11.97 -12.91
CA PRO B 105 55.79 13.12 -12.11
C PRO B 105 55.82 14.45 -12.87
N ASP B 106 55.50 14.41 -14.16
CA ASP B 106 55.60 15.63 -14.97
C ASP B 106 54.38 16.54 -14.78
N TYR B 107 53.18 15.96 -14.75
CA TYR B 107 51.94 16.74 -14.69
C TYR B 107 51.86 17.76 -15.81
N THR B 108 52.38 17.38 -16.99
CA THR B 108 52.43 18.30 -18.12
C THR B 108 51.05 18.81 -18.49
N ILE B 109 50.96 20.10 -18.80
CA ILE B 109 49.72 20.72 -19.24
C ILE B 109 49.50 20.42 -20.71
N ASN B 110 48.24 20.24 -21.09
CA ASN B 110 47.90 19.89 -22.47
C ASN B 110 48.20 21.07 -23.38
N GLU B 111 48.83 20.77 -24.52
CA GLU B 111 49.53 21.79 -25.31
C GLU B 111 48.59 22.82 -25.92
N ASP B 112 47.39 22.41 -26.34
CA ASP B 112 46.46 23.32 -27.01
C ASP B 112 45.74 24.24 -26.04
N PHE B 113 45.35 23.73 -24.86
CA PHE B 113 44.86 24.60 -23.81
C PHE B 113 45.95 25.59 -23.44
N PHE B 114 47.18 25.10 -23.25
CA PHE B 114 48.34 25.94 -22.97
C PHE B 114 48.53 27.00 -24.05
N SER B 115 48.44 26.58 -25.31
CA SER B 115 48.60 27.52 -26.42
C SER B 115 47.46 28.55 -26.42
N ARG B 116 46.28 28.17 -25.92
CA ARG B 116 45.17 29.11 -25.84
C ARG B 116 45.39 30.15 -24.75
N VAL B 117 45.78 29.73 -23.54
CA VAL B 117 46.16 30.72 -22.54
C VAL B 117 47.22 31.67 -23.11
N GLU B 118 48.33 31.13 -23.61
CA GLU B 118 49.38 31.98 -24.14
C GLU B 118 48.88 32.91 -25.24
N GLN B 119 47.95 32.44 -26.07
CA GLN B 119 47.39 33.28 -27.14
C GLN B 119 46.63 34.46 -26.56
N VAL B 120 45.79 34.21 -25.54
CA VAL B 120 45.02 35.28 -24.91
C VAL B 120 45.94 36.29 -24.23
N ILE B 121 46.96 35.81 -23.52
CA ILE B 121 47.87 36.71 -22.81
C ILE B 121 48.61 37.60 -23.81
N ASP B 122 49.20 36.97 -24.85
CA ASP B 122 49.89 37.71 -25.90
C ASP B 122 49.00 38.81 -26.46
N TRP B 123 47.77 38.45 -26.80
CA TRP B 123 46.79 39.43 -27.30
C TRP B 123 46.59 40.58 -26.31
N ALA B 124 46.32 40.23 -25.06
CA ALA B 124 46.04 41.23 -24.04
C ALA B 124 47.16 42.26 -23.95
N LEU B 125 48.41 41.82 -24.19
CA LEU B 125 49.53 42.77 -24.22
C LEU B 125 49.73 43.45 -25.56
N GLU B 126 49.20 42.89 -26.66
CA GLU B 126 49.07 43.71 -27.86
C GLU B 126 48.21 44.93 -27.59
N GLU B 127 47.23 44.81 -26.68
CA GLU B 127 46.44 45.99 -26.33
C GLU B 127 47.09 46.85 -25.25
N ASP B 128 48.39 46.64 -24.96
CA ASP B 128 49.08 47.34 -23.87
C ASP B 128 48.26 47.34 -22.59
N LEU B 129 47.96 46.14 -22.11
CA LEU B 129 47.24 45.90 -20.87
C LEU B 129 48.20 45.21 -19.91
N TYR B 130 47.86 45.21 -18.63
CA TYR B 130 48.57 44.39 -17.65
C TYR B 130 47.82 43.06 -17.47
N VAL B 131 48.57 41.96 -17.33
CA VAL B 131 47.99 40.63 -17.18
C VAL B 131 48.42 40.04 -15.85
N MET B 132 47.47 39.47 -15.13
CA MET B 132 47.74 38.73 -13.91
C MET B 132 47.22 37.31 -14.09
N LEU B 133 48.11 36.35 -13.95
CA LEU B 133 47.81 34.94 -14.18
C LEU B 133 47.86 34.23 -12.83
N ASN B 134 46.84 33.42 -12.55
CA ASN B 134 46.72 32.79 -11.25
C ASN B 134 46.36 31.32 -11.41
N LEU B 135 46.50 30.59 -10.30
CA LEU B 135 45.84 29.30 -10.14
C LEU B 135 44.47 29.57 -9.52
N HIS B 136 43.41 29.11 -10.20
CA HIS B 136 42.05 29.52 -9.89
C HIS B 136 41.33 28.54 -8.97
N HIS B 137 40.40 27.78 -9.55
CA HIS B 137 39.55 26.87 -8.80
C HIS B 137 40.29 25.63 -8.30
N ASP B 138 41.55 25.46 -8.70
CA ASP B 138 42.38 24.42 -8.07
C ASP B 138 42.43 24.60 -6.57
N SER B 139 42.30 25.85 -6.10
CA SER B 139 42.25 26.20 -4.68
C SER B 139 41.53 25.15 -3.84
N TRP B 140 40.27 24.89 -4.16
CA TRP B 140 39.47 23.91 -3.45
C TRP B 140 39.48 22.53 -4.08
N LEU B 141 39.97 22.40 -5.32
CA LEU B 141 39.90 21.09 -5.98
C LEU B 141 40.94 20.11 -5.44
N TRP B 142 42.14 20.58 -5.10
CA TRP B 142 43.14 19.67 -4.58
C TRP B 142 44.09 20.36 -3.61
N ILE B 143 44.37 21.64 -3.83
CA ILE B 143 45.21 22.41 -2.92
C ILE B 143 44.63 22.38 -1.51
N TYR B 144 43.30 22.39 -1.41
CA TYR B 144 42.58 22.20 -0.16
C TYR B 144 43.16 21.08 0.69
N ASN B 145 43.46 19.94 0.07
CA ASN B 145 43.87 18.72 0.76
C ASN B 145 45.34 18.72 1.14
N MET B 146 45.84 19.82 1.70
CA MET B 146 47.28 19.92 1.93
C MET B 146 47.73 19.23 3.21
N GLU B 147 46.87 19.19 4.23
CA GLU B 147 47.22 18.55 5.48
C GLU B 147 47.38 17.04 5.31
N HIS B 148 46.64 16.46 4.37
CA HIS B 148 46.59 15.01 4.18
C HIS B 148 47.14 14.56 2.84
N ASN B 149 47.85 15.42 2.12
CA ASN B 149 48.39 15.04 0.82
C ASN B 149 49.55 15.96 0.45
N TYR B 150 50.43 16.25 1.42
CA TYR B 150 51.39 17.34 1.28
C TYR B 150 52.29 17.16 0.05
N ASP B 151 52.92 16.00 -0.10
CA ASP B 151 53.94 15.88 -1.14
C ASP B 151 53.32 15.83 -2.52
N GLU B 152 52.12 15.27 -2.65
CA GLU B 152 51.44 15.26 -3.94
C GLU B 152 51.02 16.67 -4.37
N VAL B 153 50.36 17.42 -3.47
CA VAL B 153 49.88 18.77 -3.81
C VAL B 153 51.04 19.68 -4.18
N MET B 154 52.16 19.59 -3.45
CA MET B 154 53.31 20.45 -3.77
C MET B 154 54.12 19.92 -4.95
N ALA B 155 53.97 18.63 -5.27
CA ALA B 155 54.54 18.14 -6.52
C ALA B 155 53.82 18.73 -7.71
N LYS B 156 52.48 18.68 -7.69
CA LYS B 156 51.69 19.29 -8.76
C LYS B 156 51.86 20.80 -8.78
N TYR B 157 51.99 21.41 -7.61
CA TYR B 157 52.20 22.85 -7.51
C TYR B 157 53.53 23.24 -8.15
N THR B 158 54.63 22.67 -7.65
CA THR B 158 55.95 22.94 -8.21
C THR B 158 55.98 22.70 -9.71
N ALA B 159 55.43 21.56 -10.14
CA ALA B 159 55.40 21.26 -11.58
C ALA B 159 54.65 22.34 -12.34
N LEU B 160 53.46 22.72 -11.84
CA LEU B 160 52.64 23.72 -12.52
C LEU B 160 53.39 25.03 -12.68
N TRP B 161 53.96 25.54 -11.60
CA TRP B 161 54.59 26.85 -11.73
C TRP B 161 55.91 26.75 -12.50
N GLU B 162 56.49 25.54 -12.62
CA GLU B 162 57.59 25.32 -13.56
C GLU B 162 57.13 25.44 -15.01
N GLN B 163 56.04 24.74 -15.37
CA GLN B 163 55.47 24.90 -16.70
C GLN B 163 55.22 26.37 -17.00
N LEU B 164 54.56 27.02 -16.04
CA LEU B 164 54.22 28.43 -16.15
C LEU B 164 55.44 29.31 -16.42
N SER B 165 56.40 29.31 -15.50
CA SER B 165 57.56 30.20 -15.63
C SER B 165 58.36 29.88 -16.88
N GLU B 166 58.50 28.60 -17.21
CA GLU B 166 59.23 28.23 -18.41
C GLU B 166 58.51 28.71 -19.66
N ARG B 167 57.17 28.65 -19.67
CA ARG B 167 56.43 29.05 -20.85
C ARG B 167 56.54 30.57 -21.07
N PHE B 168 56.33 31.36 -20.03
CA PHE B 168 56.33 32.81 -20.19
C PHE B 168 57.65 33.45 -19.79
N GLN B 169 58.77 32.75 -19.99
CA GLN B 169 60.07 33.29 -19.59
C GLN B 169 60.41 34.56 -20.36
N GLY B 170 60.24 34.55 -21.69
CA GLY B 170 60.65 35.67 -22.50
C GLY B 170 59.59 36.71 -22.78
N HIS B 171 58.55 36.75 -21.95
CA HIS B 171 57.45 37.67 -22.16
C HIS B 171 57.72 39.02 -21.49
N SER B 172 56.86 39.98 -21.78
CA SER B 172 57.01 41.30 -21.19
C SER B 172 56.81 41.22 -19.67
N HIS B 173 57.34 42.23 -18.97
CA HIS B 173 57.27 42.28 -17.52
C HIS B 173 55.96 42.84 -16.97
N LYS B 174 55.05 43.32 -17.82
CA LYS B 174 53.72 43.69 -17.36
C LYS B 174 52.78 42.50 -17.33
N LEU B 175 53.33 41.29 -17.48
CA LEU B 175 52.62 40.06 -17.15
C LEU B 175 53.01 39.65 -15.74
N MET B 176 52.01 39.47 -14.89
CA MET B 176 52.16 39.16 -13.48
C MET B 176 51.76 37.72 -13.19
N PHE B 177 52.37 37.16 -12.15
CA PHE B 177 52.00 35.85 -11.65
C PHE B 177 51.30 36.01 -10.30
N GLU B 178 50.12 35.42 -10.17
CA GLU B 178 49.40 35.36 -8.90
C GLU B 178 49.41 33.92 -8.40
N SER B 179 49.83 33.72 -7.15
CA SER B 179 50.18 32.39 -6.67
C SER B 179 48.97 31.45 -6.68
N VAL B 180 47.96 31.77 -5.89
CA VAL B 180 46.85 30.84 -5.68
C VAL B 180 45.61 31.67 -5.41
N ASN B 181 44.50 31.31 -6.04
CA ASN B 181 43.26 32.00 -5.78
C ASN B 181 42.66 31.56 -4.45
N GLU B 182 42.14 32.54 -3.69
CA GLU B 182 41.43 32.38 -2.41
C GLU B 182 41.77 31.07 -1.72
N PRO B 183 43.00 30.91 -1.22
CA PRO B 183 43.43 29.61 -0.71
C PRO B 183 42.64 29.19 0.52
N ARG B 184 42.42 27.87 0.60
CA ARG B 184 41.79 27.23 1.74
C ARG B 184 42.39 25.84 1.89
N PHE B 185 42.18 25.26 3.07
CA PHE B 185 42.66 23.91 3.38
C PHE B 185 41.64 23.28 4.33
N THR B 186 41.79 21.97 4.56
CA THR B 186 40.76 21.20 5.23
C THR B 186 40.60 21.61 6.69
N ARG B 187 39.36 21.81 7.11
CA ARG B 187 39.00 22.16 8.49
C ARG B 187 39.15 20.93 9.39
N ASP B 188 40.08 20.97 10.35
CA ASP B 188 40.08 19.96 11.40
C ASP B 188 38.99 20.27 12.42
N TRP B 189 39.06 21.45 13.03
CA TRP B 189 38.00 21.95 13.88
C TRP B 189 37.32 23.19 13.31
N GLY B 190 37.71 23.63 12.12
CA GLY B 190 37.14 24.81 11.51
C GLY B 190 38.20 25.80 11.07
N GLU B 191 37.74 26.78 10.30
CA GLU B 191 38.55 27.90 9.85
C GLU B 191 38.48 28.98 10.92
N ILE B 192 39.64 29.56 11.25
CA ILE B 192 40.90 29.20 10.63
C ILE B 192 41.82 28.62 11.69
N GLN B 193 42.91 28.02 11.25
CA GLN B 193 43.82 27.40 12.19
C GLN B 193 45.27 27.61 11.79
N GLU B 194 46.08 27.44 12.81
CA GLU B 194 47.52 27.30 12.93
C GLU B 194 48.08 26.72 11.63
N ASN B 195 47.61 25.53 11.23
CA ASN B 195 48.09 24.84 10.03
C ASN B 195 47.96 25.70 8.77
N HIS B 196 46.80 26.33 8.57
CA HIS B 196 46.50 27.00 7.29
C HIS B 196 47.50 28.10 6.95
N HIS B 197 47.85 28.92 7.94
CA HIS B 197 48.79 30.00 7.70
C HIS B 197 50.16 29.46 7.27
N ALA B 198 50.66 28.43 7.97
CA ALA B 198 51.91 27.79 7.57
C ALA B 198 51.82 27.30 6.14
N PHE B 199 50.76 26.54 5.83
CA PHE B 199 50.60 26.02 4.47
C PHE B 199 50.69 27.12 3.43
N LEU B 200 49.89 28.19 3.59
CA LEU B 200 49.88 29.25 2.58
C LEU B 200 51.24 29.91 2.46
N GLU B 201 51.95 30.09 3.59
CA GLU B 201 53.29 30.65 3.49
C GLU B 201 54.21 29.73 2.69
N GLU B 202 54.08 28.42 2.88
CA GLU B 202 54.91 27.48 2.14
C GLU B 202 54.62 27.52 0.64
N LEU B 203 53.35 27.67 0.26
CA LEU B 203 53.04 27.82 -1.17
C LEU B 203 53.63 29.11 -1.72
N ASN B 204 53.47 30.21 -0.98
CA ASN B 204 53.99 31.50 -1.42
C ASN B 204 55.50 31.42 -1.63
N THR B 205 56.21 30.81 -0.68
CA THR B 205 57.66 30.73 -0.76
C THR B 205 58.12 29.79 -1.87
N ALA B 206 57.42 28.67 -2.04
CA ALA B 206 57.77 27.73 -3.11
C ALA B 206 57.60 28.38 -4.48
N PHE B 207 56.43 28.97 -4.73
CA PHE B 207 56.17 29.66 -5.98
C PHE B 207 57.19 30.77 -6.21
N TYR B 208 57.40 31.62 -5.20
CA TYR B 208 58.40 32.68 -5.27
C TYR B 208 59.74 32.14 -5.74
N HIS B 209 60.27 31.13 -5.05
CA HIS B 209 61.60 30.63 -5.38
C HIS B 209 61.64 29.94 -6.74
N ILE B 210 60.55 29.30 -7.16
CA ILE B 210 60.51 28.68 -8.48
C ILE B 210 60.65 29.74 -9.57
N VAL B 211 59.79 30.76 -9.54
CA VAL B 211 59.85 31.80 -10.57
C VAL B 211 61.18 32.55 -10.49
N ARG B 212 61.66 32.85 -9.28
CA ARG B 212 62.93 33.56 -9.13
C ARG B 212 64.08 32.76 -9.71
N GLU B 213 64.04 31.45 -9.56
CA GLU B 213 65.09 30.58 -10.06
C GLU B 213 64.92 30.28 -11.54
N SER B 214 63.76 30.59 -12.11
CA SER B 214 63.58 30.47 -13.56
C SER B 214 64.42 31.48 -14.32
N GLY B 215 64.75 32.61 -13.71
CA GLY B 215 65.55 33.64 -14.37
C GLY B 215 64.89 34.26 -15.60
N GLY B 216 65.71 34.96 -16.38
CA GLY B 216 65.21 35.64 -17.56
C GLY B 216 64.39 36.86 -17.18
N SER B 217 63.32 37.11 -17.95
CA SER B 217 62.38 38.16 -17.58
C SER B 217 61.62 37.83 -16.31
N ASN B 218 61.71 36.60 -15.83
CA ASN B 218 61.12 36.23 -14.55
C ASN B 218 61.98 36.71 -13.38
N THR B 219 63.18 37.25 -13.63
CA THR B 219 64.03 37.73 -12.54
C THR B 219 63.43 38.98 -11.89
N GLU B 220 63.07 40.03 -12.66
CA GLU B 220 62.29 41.07 -11.98
C GLU B 220 60.79 40.99 -12.23
N ARG B 221 60.27 39.89 -12.77
CA ARG B 221 58.84 39.64 -12.84
C ARG B 221 58.17 39.96 -11.50
N PRO B 222 57.19 40.86 -11.46
CA PRO B 222 56.44 41.05 -10.22
C PRO B 222 55.62 39.82 -9.85
N LEU B 223 55.37 39.67 -8.55
CA LEU B 223 54.68 38.49 -8.01
C LEU B 223 53.53 38.93 -7.12
N VAL B 224 52.35 38.36 -7.36
CA VAL B 224 51.14 38.71 -6.63
C VAL B 224 50.87 37.63 -5.60
N LEU B 225 50.75 38.02 -4.34
CA LEU B 225 50.55 37.02 -3.30
C LEU B 225 49.28 37.31 -2.52
N PRO B 226 48.50 36.30 -2.19
CA PRO B 226 47.20 36.53 -1.55
C PRO B 226 47.26 36.30 -0.05
N THR B 227 46.48 37.07 0.70
CA THR B 227 46.10 36.64 2.03
C THR B 227 45.21 35.41 1.91
N LEU B 228 44.96 34.75 3.04
CA LEU B 228 44.25 33.47 2.99
C LEU B 228 42.75 33.69 2.85
N GLU B 229 42.14 32.93 1.93
CA GLU B 229 40.78 33.16 1.44
C GLU B 229 40.60 34.58 0.90
N THR B 230 41.69 35.27 0.59
CA THR B 230 41.66 36.66 0.13
C THR B 230 40.83 37.54 1.07
N ALA B 231 40.77 37.14 2.35
CA ALA B 231 39.96 37.84 3.33
C ALA B 231 40.67 39.12 3.80
N THR B 232 39.95 39.93 4.57
CA THR B 232 40.42 41.28 4.91
C THR B 232 40.32 41.53 6.40
N SER B 233 40.73 40.57 7.22
CA SER B 233 40.82 40.82 8.65
C SER B 233 42.27 40.95 9.07
N GLN B 234 42.46 41.62 10.20
CA GLN B 234 43.76 42.14 10.58
C GLN B 234 44.81 41.03 10.66
N ASP B 235 44.49 39.96 11.37
CA ASP B 235 45.52 38.96 11.64
C ASP B 235 46.10 38.44 10.32
N LEU B 236 45.22 37.98 9.43
CA LEU B 236 45.61 37.48 8.10
C LEU B 236 46.50 38.46 7.34
N LEU B 237 46.11 39.72 7.28
CA LEU B 237 46.90 40.72 6.58
C LEU B 237 48.31 40.80 7.14
N ASN B 238 48.45 40.60 8.45
CA ASN B 238 49.75 40.65 9.08
C ASN B 238 50.56 39.38 8.84
N ARG B 239 49.88 38.26 8.60
CA ARG B 239 50.60 37.05 8.20
C ARG B 239 51.17 37.20 6.80
N LEU B 240 50.37 37.75 5.88
CA LEU B 240 50.90 38.07 4.55
C LEU B 240 52.00 39.13 4.65
N HIS B 241 51.86 40.07 5.59
CA HIS B 241 52.85 41.12 5.78
C HIS B 241 54.21 40.54 6.14
N GLN B 242 54.24 39.66 7.15
CA GLN B 242 55.50 39.01 7.50
C GLN B 242 55.93 38.04 6.40
N THR B 243 55.00 37.50 5.61
CA THR B 243 55.42 36.64 4.51
C THR B 243 56.25 37.40 3.48
N MET B 244 55.73 38.52 2.97
CA MET B 244 56.50 39.30 2.01
C MET B 244 57.73 39.95 2.63
N LYS B 245 57.62 40.40 3.90
CA LYS B 245 58.80 40.95 4.55
C LYS B 245 59.89 39.89 4.65
N ASP B 246 59.50 38.65 4.97
CA ASP B 246 60.39 37.50 4.88
C ASP B 246 61.00 37.38 3.49
N LEU B 247 60.19 37.55 2.46
CA LEU B 247 60.65 37.25 1.12
C LEU B 247 61.55 38.35 0.56
N ASN B 248 61.50 39.55 1.16
CA ASN B 248 62.48 40.61 0.95
C ASN B 248 62.67 40.92 -0.54
N ASP B 249 61.56 41.23 -1.20
CA ASP B 249 61.58 41.45 -2.64
C ASP B 249 60.88 42.75 -2.98
N PRO B 250 61.47 43.56 -3.88
CA PRO B 250 60.82 44.82 -4.25
C PRO B 250 59.65 44.65 -5.19
N ASN B 251 59.57 43.54 -5.92
CA ASN B 251 58.52 43.34 -6.93
C ASN B 251 57.46 42.38 -6.43
N LEU B 252 56.88 42.71 -5.29
CA LEU B 252 55.80 41.92 -4.70
C LEU B 252 54.54 42.76 -4.62
N ILE B 253 53.39 42.10 -4.78
CA ILE B 253 52.10 42.77 -4.76
C ILE B 253 51.15 41.96 -3.90
N ALA B 254 50.44 42.63 -2.99
CA ALA B 254 49.45 41.98 -2.15
C ALA B 254 48.07 42.06 -2.79
N THR B 255 47.37 40.93 -2.84
CA THR B 255 46.03 40.87 -3.41
C THR B 255 45.03 40.43 -2.36
N VAL B 256 43.82 40.97 -2.47
CA VAL B 256 42.69 40.60 -1.61
C VAL B 256 41.43 40.69 -2.46
N HIS B 257 40.40 39.96 -2.06
CA HIS B 257 39.10 40.06 -2.72
C HIS B 257 38.07 40.60 -1.74
N TYR B 258 36.98 41.10 -2.29
CA TYR B 258 35.93 41.74 -1.50
C TYR B 258 34.64 41.73 -2.31
N TYR B 259 33.58 41.17 -1.73
CA TYR B 259 32.29 41.12 -2.40
C TYR B 259 31.19 41.75 -1.54
N GLY B 260 31.57 42.69 -0.68
CA GLY B 260 30.61 43.50 0.03
C GLY B 260 30.13 42.89 1.33
N PHE B 261 29.59 43.76 2.18
CA PHE B 261 28.90 43.37 3.40
C PHE B 261 27.90 42.25 3.10
N TRP B 262 28.10 41.10 3.74
CA TRP B 262 27.39 39.88 3.39
C TRP B 262 25.88 40.06 3.22
N PRO B 263 25.13 40.61 4.18
CA PRO B 263 23.67 40.59 4.03
C PRO B 263 23.16 41.47 2.89
N PHE B 264 23.77 42.64 2.68
CA PHE B 264 23.40 43.47 1.53
C PHE B 264 23.86 42.82 0.22
N SER B 265 24.99 42.13 0.24
CA SER B 265 25.54 41.58 -1.00
C SER B 265 24.69 40.47 -1.59
N VAL B 266 23.86 39.81 -0.78
CA VAL B 266 22.97 38.75 -1.22
C VAL B 266 21.52 39.01 -0.88
N ASN B 267 21.20 40.20 -0.35
CA ASN B 267 19.83 40.62 -0.04
C ASN B 267 19.17 39.68 0.98
N VAL B 268 19.71 39.72 2.20
CA VAL B 268 19.24 38.92 3.31
C VAL B 268 19.02 39.85 4.51
N ALA B 269 18.19 39.38 5.45
CA ALA B 269 17.98 40.01 6.76
C ALA B 269 17.39 41.40 6.63
N GLY B 270 16.72 41.71 5.52
CA GLY B 270 16.06 42.98 5.34
C GLY B 270 16.94 44.10 4.84
N TYR B 271 18.25 43.87 4.71
CA TYR B 271 19.18 44.88 4.22
C TYR B 271 18.94 45.07 2.73
N THR B 272 17.88 45.83 2.44
CA THR B 272 17.45 46.13 1.08
C THR B 272 18.09 47.39 0.52
N ARG B 273 18.48 48.30 1.43
CA ARG B 273 19.12 49.61 1.29
C ARG B 273 20.63 49.48 1.16
N PHE B 274 21.23 50.51 0.58
CA PHE B 274 22.66 50.69 0.75
C PHE B 274 22.84 51.66 1.92
N GLU B 275 22.82 51.16 3.17
CA GLU B 275 22.89 52.07 4.33
C GLU B 275 24.28 51.97 4.99
N GLU B 276 24.51 52.68 6.11
CA GLU B 276 25.89 52.85 6.61
C GLU B 276 26.56 51.56 7.09
N GLU B 277 25.84 50.48 7.44
CA GLU B 277 26.61 49.32 7.88
C GLU B 277 27.46 48.81 6.73
N THR B 278 26.89 48.74 5.53
CA THR B 278 27.66 48.36 4.36
C THR B 278 28.85 49.31 4.19
N GLN B 279 28.57 50.61 4.16
CA GLN B 279 29.61 51.61 3.98
C GLN B 279 30.70 51.49 5.04
N GLN B 280 30.30 51.26 6.29
CA GLN B 280 31.30 51.14 7.34
C GLN B 280 32.15 49.89 7.13
N ASP B 281 31.55 48.81 6.63
CA ASP B 281 32.34 47.63 6.28
C ASP B 281 33.38 47.97 5.22
N ILE B 282 32.99 48.71 4.17
CA ILE B 282 33.96 49.19 3.18
C ILE B 282 35.09 49.97 3.87
N ILE B 283 34.73 50.96 4.70
CA ILE B 283 35.72 51.87 5.28
C ILE B 283 36.70 51.11 6.16
N ASP B 284 36.18 50.26 7.05
CA ASP B 284 37.05 49.49 7.95
C ASP B 284 37.95 48.55 7.15
N THR B 285 37.35 47.78 6.23
CA THR B 285 38.11 46.84 5.41
C THR B 285 39.31 47.53 4.76
N PHE B 286 39.06 48.59 4.00
CA PHE B 286 40.13 49.18 3.24
C PHE B 286 41.01 50.14 4.06
N ASN B 287 40.55 50.54 5.24
CA ASN B 287 41.45 51.20 6.18
C ASN B 287 42.48 50.22 6.71
N ARG B 288 42.07 48.98 6.95
CA ARG B 288 43.04 47.97 7.36
C ARG B 288 44.00 47.62 6.22
N VAL B 289 43.48 47.39 5.02
CA VAL B 289 44.39 47.11 3.90
C VAL B 289 45.38 48.26 3.71
N HIS B 290 44.90 49.52 3.80
CA HIS B 290 45.80 50.65 3.57
C HIS B 290 46.82 50.80 4.71
N ASN B 291 46.39 50.67 5.97
CA ASN B 291 47.35 50.74 7.09
C ASN B 291 48.39 49.66 7.02
N THR B 292 47.98 48.46 6.72
CA THR B 292 48.92 47.37 6.87
C THR B 292 49.84 47.22 5.67
N PHE B 293 49.37 47.56 4.48
CA PHE B 293 50.15 47.26 3.29
C PHE B 293 50.59 48.50 2.52
N THR B 294 49.64 49.33 2.04
CA THR B 294 50.02 50.46 1.19
C THR B 294 50.91 51.45 1.93
N ALA B 295 50.57 51.75 3.19
CA ALA B 295 51.32 52.73 3.97
C ALA B 295 52.77 52.31 4.18
N ASN B 296 53.05 51.01 4.13
CA ASN B 296 54.39 50.48 4.32
C ASN B 296 55.06 50.12 3.00
N GLY B 297 54.59 50.71 1.90
CA GLY B 297 55.25 50.65 0.62
C GLY B 297 54.93 49.46 -0.27
N ILE B 298 54.03 48.58 0.15
CA ILE B 298 53.60 47.45 -0.67
C ILE B 298 52.18 47.74 -1.18
N PRO B 299 51.99 47.79 -2.50
CA PRO B 299 50.66 48.11 -3.05
C PRO B 299 49.72 46.91 -3.00
N VAL B 300 48.43 47.22 -2.99
CA VAL B 300 47.38 46.23 -2.86
C VAL B 300 46.55 46.23 -4.13
N VAL B 301 46.36 45.05 -4.72
CA VAL B 301 45.45 44.86 -5.85
C VAL B 301 44.22 44.12 -5.33
N LEU B 302 43.08 44.81 -5.32
CA LEU B 302 41.81 44.15 -5.11
C LEU B 302 41.46 43.43 -6.40
N GLY B 303 41.93 42.18 -6.50
CA GLY B 303 41.91 41.44 -7.76
C GLY B 303 40.54 40.94 -8.18
N GLU B 304 39.52 41.09 -7.34
CA GLU B 304 38.16 40.67 -7.69
C GLU B 304 37.19 41.37 -6.75
N PHE B 305 36.22 42.07 -7.31
CA PHE B 305 35.19 42.70 -6.47
C PHE B 305 33.85 42.68 -7.19
N GLY B 306 32.83 42.89 -6.38
CA GLY B 306 31.44 42.83 -6.78
C GLY B 306 30.60 42.73 -5.53
N LEU B 307 29.38 42.24 -5.71
CA LEU B 307 28.56 41.81 -4.59
C LEU B 307 28.23 40.34 -4.81
N LEU B 308 28.33 39.55 -3.73
CA LEU B 308 28.18 38.11 -3.82
C LEU B 308 26.89 37.69 -4.53
N GLY B 309 25.78 38.39 -4.24
CA GLY B 309 24.48 37.99 -4.77
C GLY B 309 24.35 37.95 -6.28
N PHE B 310 25.23 38.60 -7.02
CA PHE B 310 25.11 38.53 -8.47
C PHE B 310 25.47 37.14 -9.02
N ASP B 311 25.99 36.25 -8.18
CA ASP B 311 26.12 34.87 -8.60
C ASP B 311 24.76 34.24 -8.88
N THR B 312 23.71 34.78 -8.28
CA THR B 312 22.34 34.43 -8.68
C THR B 312 21.94 35.24 -9.92
N SER B 313 21.89 36.56 -9.79
CA SER B 313 21.51 37.47 -10.86
C SER B 313 21.77 38.89 -10.40
N THR B 314 22.05 39.79 -11.34
CA THR B 314 22.16 41.20 -10.99
C THR B 314 20.87 41.80 -10.45
N ASP B 315 19.76 41.06 -10.53
CA ASP B 315 18.47 41.54 -10.05
C ASP B 315 18.23 41.33 -8.56
N VAL B 316 19.17 40.72 -7.82
CA VAL B 316 18.92 40.52 -6.39
C VAL B 316 19.09 41.83 -5.61
N ILE B 317 19.95 42.72 -6.09
CA ILE B 317 20.13 44.04 -5.50
C ILE B 317 19.48 45.08 -6.39
N GLN B 318 18.80 46.05 -5.77
CA GLN B 318 18.14 47.11 -6.51
C GLN B 318 19.14 47.98 -7.24
N GLN B 319 18.73 48.46 -8.43
CA GLN B 319 19.64 49.13 -9.34
C GLN B 319 20.31 50.33 -8.68
N GLY B 320 19.51 51.26 -8.13
CA GLY B 320 20.09 52.45 -7.53
C GLY B 320 20.98 52.15 -6.34
N GLU B 321 20.59 51.16 -5.52
CA GLU B 321 21.41 50.81 -4.37
C GLU B 321 22.71 50.15 -4.82
N LYS B 322 22.64 49.36 -5.89
CA LYS B 322 23.85 48.83 -6.51
C LYS B 322 24.77 49.97 -6.95
N LEU B 323 24.21 50.97 -7.63
CA LEU B 323 25.00 52.10 -8.10
C LEU B 323 25.66 52.84 -6.94
N LYS B 324 24.88 53.12 -5.89
CA LYS B 324 25.45 53.80 -4.73
C LYS B 324 26.57 52.99 -4.10
N PHE B 325 26.36 51.67 -3.97
CA PHE B 325 27.40 50.82 -3.42
C PHE B 325 28.68 50.92 -4.24
N PHE B 326 28.57 50.77 -5.56
CA PHE B 326 29.77 50.76 -6.39
C PHE B 326 30.44 52.13 -6.40
N GLU B 327 29.67 53.22 -6.38
CA GLU B 327 30.28 54.54 -6.38
C GLU B 327 31.02 54.81 -5.08
N PHE B 328 30.38 54.51 -3.94
CA PHE B 328 31.05 54.62 -2.65
C PHE B 328 32.33 53.78 -2.62
N LEU B 329 32.19 52.51 -2.97
CA LEU B 329 33.30 51.56 -2.90
C LEU B 329 34.47 52.01 -3.77
N ILE B 330 34.22 52.32 -5.05
CA ILE B 330 35.30 52.76 -5.93
C ILE B 330 35.88 54.10 -5.47
N HIS B 331 35.04 54.98 -4.91
CA HIS B 331 35.55 56.22 -4.35
C HIS B 331 36.62 55.95 -3.30
N HIS B 332 36.32 55.07 -2.33
CA HIS B 332 37.31 54.82 -1.29
C HIS B 332 38.51 54.06 -1.84
N LEU B 333 38.30 53.17 -2.81
CA LEU B 333 39.41 52.45 -3.43
C LEU B 333 40.41 53.41 -4.03
N ASN B 334 39.91 54.40 -4.77
CA ASN B 334 40.74 55.47 -5.30
C ASN B 334 41.40 56.26 -4.19
N GLU B 335 40.65 56.59 -3.13
CA GLU B 335 41.22 57.38 -2.05
C GLU B 335 42.36 56.67 -1.34
N ARG B 336 42.42 55.34 -1.38
CA ARG B 336 43.54 54.63 -0.77
C ARG B 336 44.38 53.92 -1.81
N ASP B 337 44.32 54.36 -3.07
CA ASP B 337 45.21 53.85 -4.12
C ASP B 337 45.11 52.34 -4.24
N VAL B 338 43.90 51.81 -4.17
CA VAL B 338 43.65 50.39 -4.30
C VAL B 338 43.20 50.14 -5.73
N THR B 339 43.99 49.38 -6.47
CA THR B 339 43.71 49.11 -7.87
C THR B 339 42.64 48.02 -7.97
N HIS B 340 41.55 48.32 -8.66
CA HIS B 340 40.38 47.46 -8.68
C HIS B 340 40.35 46.61 -9.94
N MET B 341 39.86 45.38 -9.80
CA MET B 341 39.57 44.51 -10.93
C MET B 341 38.17 43.94 -10.76
N LEU B 342 37.30 44.26 -11.71
CA LEU B 342 35.90 43.83 -11.63
C LEU B 342 35.78 42.34 -11.92
N TRP B 343 34.95 41.66 -11.13
CA TRP B 343 34.66 40.25 -11.36
C TRP B 343 33.50 40.13 -12.33
N ASP B 344 33.78 39.65 -13.54
CA ASP B 344 32.81 39.50 -14.61
C ASP B 344 32.87 38.05 -15.11
N ASN B 345 31.95 37.21 -14.63
CA ASN B 345 31.84 35.84 -15.11
C ASN B 345 31.15 35.74 -16.46
N GLY B 346 30.91 36.87 -17.13
CA GLY B 346 30.04 36.92 -18.28
C GLY B 346 28.74 37.61 -17.97
N GLN B 347 28.55 38.03 -16.72
CA GLN B 347 27.30 38.61 -16.25
C GLN B 347 27.19 40.10 -16.52
N HIS B 348 28.30 40.79 -16.75
CA HIS B 348 28.28 42.25 -16.88
C HIS B 348 28.44 42.74 -18.30
N LEU B 349 29.37 42.17 -19.07
CA LEU B 349 29.54 42.49 -20.47
C LEU B 349 29.13 41.30 -21.33
N ASN B 350 28.25 41.53 -22.28
CA ASN B 350 27.75 40.49 -23.18
C ASN B 350 28.86 40.19 -24.19
N ARG B 351 29.58 39.09 -23.99
CA ARG B 351 30.73 38.69 -24.79
C ARG B 351 30.37 38.32 -26.22
N GLU B 352 29.10 38.48 -26.58
CA GLU B 352 28.56 38.21 -27.90
C GLU B 352 28.29 39.50 -28.65
N THR B 353 27.68 40.48 -27.95
CA THR B 353 27.52 41.84 -28.43
C THR B 353 28.82 42.65 -28.37
N TYR B 354 29.70 42.37 -27.42
CA TYR B 354 30.76 43.29 -27.04
C TYR B 354 30.16 44.64 -26.63
N SER B 355 29.08 44.57 -25.86
CA SER B 355 28.47 45.73 -25.20
C SER B 355 27.97 45.30 -23.84
N TRP B 356 27.83 46.27 -22.94
CA TRP B 356 27.52 45.98 -21.54
C TRP B 356 26.02 45.70 -21.38
N TYR B 357 25.72 44.60 -20.69
CA TYR B 357 24.32 44.23 -20.42
C TYR B 357 23.56 45.36 -19.75
N ASP B 358 24.23 46.11 -18.87
CA ASP B 358 23.61 47.21 -18.14
C ASP B 358 24.53 48.41 -18.30
N GLN B 359 24.20 49.29 -19.24
CA GLN B 359 25.07 50.42 -19.56
C GLN B 359 25.15 51.40 -18.40
N GLU B 360 24.04 51.61 -17.70
CA GLU B 360 24.02 52.48 -16.53
C GLU B 360 25.08 52.06 -15.52
N PHE B 361 25.17 50.75 -15.26
CA PHE B 361 26.16 50.22 -14.35
C PHE B 361 27.57 50.59 -14.79
N HIS B 362 27.92 50.28 -16.05
CA HIS B 362 29.27 50.55 -16.53
C HIS B 362 29.56 52.05 -16.58
N ASN B 363 28.55 52.85 -16.92
CA ASN B 363 28.72 54.31 -16.91
C ASN B 363 29.08 54.80 -15.51
N MET B 364 28.38 54.29 -14.49
CA MET B 364 28.69 54.71 -13.12
C MET B 364 30.05 54.20 -12.69
N LEU B 365 30.41 52.99 -13.11
CA LEU B 365 31.73 52.47 -12.77
C LEU B 365 32.84 53.38 -13.28
N LYS B 366 32.90 53.59 -14.61
CA LYS B 366 34.05 54.32 -15.13
C LYS B 366 33.94 55.82 -14.94
N ALA B 367 32.78 56.33 -14.51
CA ALA B 367 32.80 57.70 -14.00
C ALA B 367 33.42 57.73 -12.62
N SER B 368 33.18 56.70 -11.81
CA SER B 368 33.85 56.61 -10.53
C SER B 368 35.33 56.29 -10.67
N TRP B 369 35.79 55.82 -11.84
CA TRP B 369 37.23 55.75 -12.07
C TRP B 369 37.86 57.13 -11.90
N GLU B 370 37.19 58.17 -12.40
CA GLU B 370 37.73 59.52 -12.37
C GLU B 370 37.37 60.26 -11.09
N GLY B 371 36.15 60.08 -10.59
CA GLY B 371 35.76 60.78 -9.37
C GLY B 371 34.37 60.41 -8.95
N ARG B 372 33.92 61.03 -7.87
CA ARG B 372 32.63 60.70 -7.30
C ARG B 372 31.49 61.27 -8.14
N SER B 373 30.36 60.57 -8.12
CA SER B 373 29.15 60.98 -8.81
C SER B 373 28.04 61.16 -7.78
N ALA B 374 27.14 62.09 -8.05
CA ALA B 374 26.02 62.33 -7.15
C ALA B 374 25.06 61.16 -7.17
N THR B 375 24.50 60.84 -6.00
CA THR B 375 23.51 59.78 -5.87
C THR B 375 22.28 60.34 -5.19
N ALA B 376 21.29 59.49 -4.96
CA ALA B 376 20.03 59.93 -4.38
C ALA B 376 19.50 58.90 -3.39
N GLU B 377 18.48 59.33 -2.65
CA GLU B 377 17.75 58.44 -1.74
C GLU B 377 17.20 57.21 -2.45
N SER B 378 16.79 57.36 -3.71
CA SER B 378 16.18 56.28 -4.47
C SER B 378 16.53 56.44 -5.94
N ASN B 379 16.31 55.36 -6.70
CA ASN B 379 16.46 55.36 -8.14
C ASN B 379 15.14 55.64 -8.85
N LEU B 380 14.00 55.53 -8.15
CA LEU B 380 12.70 55.78 -8.76
C LEU B 380 11.78 56.66 -7.92
N ILE B 381 10.86 57.31 -8.63
CA ILE B 381 9.88 58.22 -8.06
C ILE B 381 8.51 57.57 -8.26
N HIS B 382 7.79 57.34 -7.17
CA HIS B 382 6.52 56.63 -7.27
C HIS B 382 5.35 57.59 -7.16
N VAL B 383 4.33 57.33 -7.97
CA VAL B 383 3.15 58.15 -8.09
C VAL B 383 1.97 57.24 -8.43
N ARG B 384 0.96 57.21 -7.58
CA ARG B 384 -0.18 56.33 -7.79
C ARG B 384 -1.10 56.87 -8.89
N ASP B 385 -1.60 55.94 -9.71
CA ASP B 385 -2.45 56.31 -10.85
C ASP B 385 -3.78 56.89 -10.42
N GLY B 386 -4.27 56.52 -9.24
CA GLY B 386 -5.59 56.96 -8.84
C GLY B 386 -5.65 58.28 -8.11
N GLU B 387 -4.53 58.71 -7.51
CA GLU B 387 -4.63 59.95 -6.77
C GLU B 387 -4.20 61.14 -7.63
N PRO B 388 -4.73 62.33 -7.35
CA PRO B 388 -4.24 63.54 -8.03
C PRO B 388 -2.74 63.73 -7.83
N ILE B 389 -2.08 64.23 -8.87
CA ILE B 389 -0.63 64.32 -8.91
C ILE B 389 -0.15 65.55 -8.16
N ARG B 390 0.90 65.38 -7.35
CA ARG B 390 1.43 66.39 -6.45
C ARG B 390 2.87 66.71 -6.82
N ASP B 391 3.38 67.86 -6.37
CA ASP B 391 4.83 68.05 -6.34
C ASP B 391 5.49 67.03 -5.43
N GLN B 392 6.65 66.54 -5.88
CA GLN B 392 7.30 65.40 -5.24
C GLN B 392 8.74 65.77 -4.92
N ASP B 393 9.15 65.51 -3.68
CA ASP B 393 10.48 65.81 -3.20
C ASP B 393 11.35 64.57 -3.28
N ILE B 394 12.63 64.79 -3.53
CA ILE B 394 13.56 63.69 -3.72
C ILE B 394 14.95 64.10 -3.27
N GLN B 395 15.47 63.42 -2.26
CA GLN B 395 16.72 63.79 -1.61
C GLN B 395 17.92 63.31 -2.42
N LEU B 396 18.80 64.24 -2.79
CA LEU B 396 20.05 63.93 -3.49
C LEU B 396 21.17 63.79 -2.46
N HIS B 397 22.32 63.30 -2.95
CA HIS B 397 23.53 63.25 -2.15
C HIS B 397 24.66 63.82 -3.00
N LEU B 398 24.83 65.14 -2.94
CA LEU B 398 25.84 65.81 -3.76
C LEU B 398 27.22 65.45 -3.20
N HIS B 399 27.77 64.34 -3.69
CA HIS B 399 29.07 63.84 -3.26
C HIS B 399 30.19 64.76 -3.72
N GLY B 400 30.02 66.06 -3.50
CA GLY B 400 30.97 67.09 -3.85
C GLY B 400 30.70 67.80 -5.16
N ASN B 401 29.60 67.49 -5.83
CA ASN B 401 29.28 68.07 -7.13
C ASN B 401 27.96 68.83 -7.07
N GLU B 402 27.62 69.47 -8.18
CA GLU B 402 26.44 70.32 -8.30
C GLU B 402 25.62 69.92 -9.51
N LEU B 403 24.30 70.09 -9.41
CA LEU B 403 23.40 69.74 -10.50
C LEU B 403 23.28 70.91 -11.48
N THR B 404 23.28 70.59 -12.77
CA THR B 404 23.27 71.60 -13.82
C THR B 404 22.04 71.55 -14.71
N GLY B 405 21.32 70.43 -14.76
CA GLY B 405 20.09 70.38 -15.50
C GLY B 405 19.49 68.99 -15.47
N LEU B 406 18.29 68.89 -16.05
CA LEU B 406 17.67 67.59 -16.26
C LEU B 406 17.18 67.41 -17.68
N GLN B 407 17.22 66.14 -18.08
CA GLN B 407 17.04 65.59 -19.42
C GLN B 407 15.88 64.60 -19.47
N VAL B 408 14.99 64.74 -20.44
CA VAL B 408 14.06 63.68 -20.77
C VAL B 408 14.20 63.37 -22.25
N ASP B 409 14.62 62.16 -22.56
CA ASP B 409 14.97 61.76 -23.92
C ASP B 409 15.89 62.78 -24.57
N GLY B 410 16.92 63.17 -23.84
CA GLY B 410 17.95 64.03 -24.38
C GLY B 410 17.61 65.50 -24.44
N ASP B 411 16.44 65.90 -23.99
CA ASP B 411 16.09 67.29 -23.98
C ASP B 411 15.95 67.82 -22.59
N SER B 412 16.60 68.96 -22.37
CA SER B 412 16.55 69.67 -21.10
C SER B 412 15.13 70.19 -20.91
N LEU B 413 14.69 70.23 -19.66
CA LEU B 413 13.34 70.66 -19.32
C LEU B 413 13.38 71.96 -18.53
N ALA B 414 12.29 72.71 -18.61
CA ALA B 414 12.24 74.01 -17.96
C ALA B 414 12.44 73.98 -16.45
N LEU B 415 13.29 74.91 -16.02
CA LEU B 415 13.61 75.14 -14.62
C LEU B 415 12.43 75.92 -14.06
N GLY B 416 12.22 75.84 -12.76
CA GLY B 416 11.11 76.55 -12.15
C GLY B 416 9.74 76.01 -12.50
N GLU B 417 9.41 75.97 -13.80
CA GLU B 417 8.08 75.49 -14.19
C GLU B 417 7.96 73.99 -14.02
N ASP B 418 9.06 73.25 -14.12
CA ASP B 418 9.06 71.80 -13.98
C ASP B 418 9.78 71.30 -12.74
N TYR B 419 10.78 72.00 -12.25
CA TYR B 419 11.49 71.48 -11.10
C TYR B 419 12.17 72.63 -10.36
N GLU B 420 12.36 72.42 -9.06
CA GLU B 420 13.06 73.34 -8.18
C GLU B 420 14.18 72.59 -7.48
N LEU B 421 15.14 73.34 -6.96
CA LEU B 421 16.22 72.77 -6.17
C LEU B 421 16.45 73.67 -4.97
N ALA B 422 16.23 73.11 -3.77
CA ALA B 422 16.47 73.82 -2.50
C ALA B 422 17.55 73.08 -1.72
N GLY B 423 18.77 73.63 -1.71
CA GLY B 423 19.87 72.96 -1.05
C GLY B 423 20.26 71.67 -1.72
N ASP B 424 19.83 70.54 -1.14
CA ASP B 424 20.04 69.23 -1.74
C ASP B 424 18.73 68.47 -1.92
N VAL B 425 17.59 69.16 -1.83
CA VAL B 425 16.29 68.56 -2.07
C VAL B 425 15.79 69.02 -3.44
N LEU B 426 15.60 68.08 -4.35
CA LEU B 426 15.06 68.38 -5.67
C LEU B 426 13.56 68.08 -5.68
N THR B 427 12.81 68.89 -6.42
CA THR B 427 11.36 68.81 -6.41
C THR B 427 10.86 68.78 -7.85
N MET B 428 10.13 67.73 -8.21
CA MET B 428 9.44 67.66 -9.48
C MET B 428 8.06 68.30 -9.36
N LYS B 429 7.78 69.28 -10.22
CA LYS B 429 6.50 69.98 -10.15
C LYS B 429 5.37 69.12 -10.72
N ALA B 430 4.16 69.36 -10.20
CA ALA B 430 3.01 68.53 -10.53
C ALA B 430 2.74 68.54 -12.03
N ASP B 431 2.74 69.72 -12.65
CA ASP B 431 2.43 69.81 -14.08
C ASP B 431 3.42 69.00 -14.91
N ALA B 432 4.69 68.98 -14.49
CA ALA B 432 5.70 68.22 -15.23
C ALA B 432 5.40 66.73 -15.17
N LEU B 433 5.05 66.23 -13.99
CA LEU B 433 4.71 64.81 -13.85
C LEU B 433 3.40 64.49 -14.58
N THR B 434 2.41 65.36 -14.45
CA THR B 434 1.14 65.17 -15.14
C THR B 434 1.36 65.06 -16.64
N ALA B 435 2.21 65.91 -17.19
CA ALA B 435 2.53 65.84 -18.62
C ALA B 435 3.33 64.57 -18.94
N LEU B 436 4.26 64.20 -18.06
CA LEU B 436 5.15 63.08 -18.33
C LEU B 436 4.49 61.72 -18.16
N MET B 437 3.29 61.66 -17.60
CA MET B 437 2.66 60.40 -17.29
C MET B 437 1.39 60.16 -18.07
N THR B 438 0.96 58.90 -18.08
CA THR B 438 -0.24 58.46 -18.78
C THR B 438 -1.16 57.78 -17.79
N PRO B 439 -2.35 58.30 -17.54
CA PRO B 439 -3.26 57.67 -16.58
C PRO B 439 -3.67 56.27 -17.02
N GLY B 440 -3.35 55.29 -16.19
CA GLY B 440 -3.69 53.91 -16.44
C GLY B 440 -2.52 53.00 -16.75
N GLU B 441 -1.59 53.46 -17.59
CA GLU B 441 -0.42 52.67 -17.95
C GLU B 441 0.53 52.62 -16.78
N LEU B 442 0.55 51.51 -16.06
CA LEU B 442 1.43 51.39 -14.92
C LEU B 442 2.80 50.87 -15.35
N GLY B 443 3.83 51.30 -14.63
CA GLY B 443 5.19 50.97 -14.94
C GLY B 443 6.01 52.20 -15.28
N THR B 444 7.16 51.99 -15.93
CA THR B 444 8.08 53.08 -16.21
C THR B 444 7.52 53.96 -17.33
N ASN B 445 7.12 55.18 -16.97
CA ASN B 445 6.57 56.13 -17.92
C ASN B 445 7.65 56.95 -18.60
N ALA B 446 8.67 57.34 -17.86
CA ALA B 446 9.76 58.16 -18.38
C ALA B 446 10.96 57.99 -17.47
N VAL B 447 12.11 58.51 -17.91
CA VAL B 447 13.34 58.49 -17.13
C VAL B 447 13.88 59.91 -17.06
N ILE B 448 14.01 60.44 -15.84
CA ILE B 448 14.53 61.79 -15.62
C ILE B 448 16.02 61.69 -15.34
N THR B 449 16.82 62.32 -16.19
CA THR B 449 18.27 62.25 -16.13
C THR B 449 18.80 63.50 -15.43
N ALA B 450 19.43 63.30 -14.27
CA ALA B 450 20.01 64.40 -13.51
C ALA B 450 21.46 64.60 -13.95
N GLN B 451 21.76 65.78 -14.50
CA GLN B 451 23.09 66.10 -14.97
C GLN B 451 23.82 66.96 -13.94
N PHE B 452 25.11 66.69 -13.77
CA PHE B 452 25.89 67.38 -12.76
C PHE B 452 27.19 67.91 -13.37
N ASN B 453 27.82 68.83 -12.64
CA ASN B 453 29.07 69.43 -13.11
C ASN B 453 30.21 68.42 -13.12
N SER B 454 30.11 67.34 -12.35
CA SER B 454 31.11 66.29 -12.36
C SER B 454 30.45 64.97 -11.98
N GLY B 455 31.00 63.88 -12.50
CA GLY B 455 30.51 62.55 -12.19
C GLY B 455 29.53 62.04 -13.23
N ALA B 456 29.05 60.82 -12.98
CA ALA B 456 28.13 60.18 -13.90
C ALA B 456 26.75 60.81 -13.81
N ASP B 457 26.05 60.80 -14.95
CA ASP B 457 24.64 61.16 -14.93
C ASP B 457 23.87 60.12 -14.14
N TRP B 458 22.93 60.57 -13.33
CA TRP B 458 22.04 59.70 -12.57
C TRP B 458 20.67 59.72 -13.23
N HIS B 459 20.10 58.53 -13.44
CA HIS B 459 18.84 58.37 -14.17
C HIS B 459 17.77 57.91 -13.19
N PHE B 460 16.68 58.67 -13.10
CA PHE B 460 15.60 58.21 -12.25
C PHE B 460 14.47 57.65 -13.12
N GLN B 461 13.97 56.49 -12.74
CA GLN B 461 12.84 55.85 -13.39
C GLN B 461 11.53 56.33 -12.76
N LEU B 462 10.69 56.96 -13.57
CA LEU B 462 9.42 57.54 -13.13
C LEU B 462 8.34 56.47 -13.16
N GLN B 463 7.99 55.92 -12.00
CA GLN B 463 7.10 54.77 -11.91
C GLN B 463 5.69 55.18 -11.51
N ASN B 464 4.72 54.86 -12.36
CA ASN B 464 3.30 54.95 -12.03
C ASN B 464 2.87 53.60 -11.47
N VAL B 465 2.49 53.56 -10.20
CA VAL B 465 2.26 52.31 -9.48
C VAL B 465 0.86 52.31 -8.89
N ASP B 466 0.26 51.12 -8.83
CA ASP B 466 -0.93 50.85 -8.04
C ASP B 466 -0.57 49.91 -6.90
N GLU B 467 -1.54 49.62 -6.06
CA GLU B 467 -1.28 48.67 -4.98
C GLU B 467 -1.21 47.28 -5.58
N PRO B 468 -0.12 46.55 -5.39
CA PRO B 468 0.02 45.24 -6.02
C PRO B 468 -0.95 44.22 -5.44
N THR B 469 -1.40 43.31 -6.31
CA THR B 469 -2.42 42.33 -5.95
C THR B 469 -1.89 40.92 -6.17
N LEU B 470 -2.27 40.01 -5.28
CA LEU B 470 -1.97 38.60 -5.41
C LEU B 470 -3.27 37.81 -5.55
N GLU B 471 -3.15 36.53 -5.85
CA GLU B 471 -4.29 35.66 -6.04
C GLU B 471 -4.03 34.32 -5.36
N ASN B 472 -5.09 33.54 -5.21
CA ASN B 472 -4.97 32.22 -4.59
C ASN B 472 -4.36 31.23 -5.57
N THR B 473 -3.72 30.21 -5.03
CA THR B 473 -3.10 29.18 -5.85
C THR B 473 -2.99 27.89 -5.04
N GLU B 474 -2.72 26.80 -5.75
CA GLU B 474 -2.53 25.48 -5.16
C GLU B 474 -1.51 24.74 -6.01
N GLY B 475 -0.55 24.09 -5.37
CA GLY B 475 0.44 23.36 -6.14
C GLY B 475 1.43 22.65 -5.25
N SER B 476 2.38 21.98 -5.90
CA SER B 476 3.43 21.24 -5.23
C SER B 476 4.56 22.17 -4.81
N THR B 477 5.36 21.71 -3.86
CA THR B 477 6.55 22.44 -3.45
C THR B 477 7.55 22.60 -4.59
N SER B 478 7.59 21.64 -5.52
CA SER B 478 8.63 21.68 -6.56
C SER B 478 8.44 22.78 -7.58
N ASN B 479 7.20 23.28 -7.76
CA ASN B 479 6.96 24.38 -8.71
C ASN B 479 5.76 25.17 -8.20
N PHE B 480 6.02 26.01 -7.20
CA PHE B 480 5.00 26.81 -6.54
C PHE B 480 5.23 28.27 -6.88
N ALA B 481 4.24 28.91 -7.49
CA ALA B 481 4.34 30.30 -7.92
C ALA B 481 3.01 31.00 -7.66
N ILE B 482 3.09 32.14 -6.99
CA ILE B 482 1.91 32.94 -6.64
C ILE B 482 1.58 33.85 -7.81
N PRO B 483 0.41 33.71 -8.43
CA PRO B 483 0.03 34.68 -9.48
C PRO B 483 -0.04 36.09 -8.92
N ALA B 484 0.62 37.01 -9.59
CA ALA B 484 0.81 38.36 -9.07
C ALA B 484 0.48 39.40 -10.14
N HIS B 485 0.01 40.54 -9.67
CA HIS B 485 -0.15 41.76 -10.48
C HIS B 485 0.72 42.83 -9.82
N PHE B 486 1.95 42.99 -10.32
CA PHE B 486 2.87 43.94 -9.70
C PHE B 486 2.37 45.38 -9.83
N ASN B 487 1.57 45.67 -10.84
CA ASN B 487 0.98 47.00 -11.03
C ASN B 487 2.06 48.08 -11.07
N GLY B 488 3.17 47.78 -11.74
CA GLY B 488 4.27 48.71 -11.87
C GLY B 488 5.28 48.69 -10.74
N ASP B 489 5.05 47.91 -9.69
CA ASP B 489 5.85 47.96 -8.49
C ASP B 489 7.03 46.98 -8.61
N SER B 490 7.76 46.79 -7.52
CA SER B 490 8.95 45.95 -7.52
C SER B 490 9.16 45.38 -6.12
N VAL B 491 9.37 44.08 -6.03
CA VAL B 491 9.58 43.41 -4.76
C VAL B 491 11.02 43.61 -4.31
N ALA B 492 11.20 44.06 -3.06
CA ALA B 492 12.53 44.24 -2.48
C ALA B 492 12.98 43.04 -1.66
N THR B 493 12.14 42.56 -0.75
CA THR B 493 12.45 41.40 0.08
C THR B 493 11.14 40.75 0.52
N MET B 494 11.26 39.59 1.16
CA MET B 494 10.12 38.81 1.61
C MET B 494 10.40 38.31 3.03
N GLU B 495 9.36 38.29 3.85
CA GLU B 495 9.40 37.69 5.17
C GLU B 495 8.60 36.38 5.20
N ALA B 496 8.99 35.48 6.09
CA ALA B 496 8.30 34.20 6.29
C ALA B 496 8.25 33.93 7.78
N VAL B 497 7.05 33.98 8.34
CA VAL B 497 6.84 33.75 9.77
C VAL B 497 5.76 32.70 9.93
N TYR B 498 5.96 31.77 10.86
CA TYR B 498 4.90 30.84 11.20
C TYR B 498 3.83 31.56 12.00
N ALA B 499 2.63 30.97 12.02
CA ALA B 499 1.50 31.62 12.70
C ALA B 499 1.77 31.89 14.18
N ASN B 500 2.82 31.32 14.74
CA ASN B 500 3.22 31.58 16.12
C ASN B 500 4.29 32.65 16.25
N GLY B 501 4.77 33.22 15.14
CA GLY B 501 5.77 34.26 15.20
C GLY B 501 7.20 33.78 15.06
N GLU B 502 7.42 32.47 14.96
CA GLU B 502 8.77 31.95 14.77
C GLU B 502 9.23 32.19 13.34
N PHE B 503 10.51 32.51 13.19
CA PHE B 503 11.07 32.76 11.85
C PHE B 503 11.11 31.46 11.06
N ALA B 504 10.43 31.46 9.91
CA ALA B 504 10.38 30.28 9.05
C ALA B 504 11.50 30.30 8.03
N GLY B 505 11.53 29.29 7.17
CA GLY B 505 12.44 29.23 6.05
C GLY B 505 13.90 29.06 6.45
N PRO B 506 14.78 29.05 5.46
CA PRO B 506 16.22 28.93 5.76
C PRO B 506 16.76 30.19 6.43
N GLN B 507 17.97 30.07 6.96
CA GLN B 507 18.55 31.04 7.88
C GLN B 507 17.49 31.57 8.86
N ASN B 508 16.97 30.64 9.65
CA ASN B 508 15.94 30.85 10.65
C ASN B 508 16.19 32.01 11.61
N TRP B 509 17.39 32.59 11.60
CA TRP B 509 17.69 33.63 12.58
C TRP B 509 17.08 34.98 12.24
N THR B 510 16.37 35.11 11.12
CA THR B 510 15.73 36.37 10.78
C THR B 510 14.46 36.09 9.99
N SER B 511 13.53 37.04 10.04
CA SER B 511 12.27 36.89 9.30
C SER B 511 12.46 37.15 7.82
N PHE B 512 13.47 37.93 7.46
CA PHE B 512 13.68 38.38 6.09
C PHE B 512 14.37 37.30 5.25
N LYS B 513 13.76 36.98 4.11
CA LYS B 513 14.25 36.01 3.14
C LYS B 513 15.60 36.38 2.57
N GLU B 514 16.24 35.37 1.99
CA GLU B 514 17.27 35.61 0.99
C GLU B 514 16.60 35.74 -0.37
N PHE B 515 16.95 36.80 -1.09
CA PHE B 515 16.45 37.01 -2.44
C PHE B 515 17.00 35.95 -3.39
N GLY B 516 16.16 35.49 -4.31
CA GLY B 516 16.58 34.55 -5.32
C GLY B 516 16.60 33.10 -4.89
N TYR B 517 17.38 32.79 -3.84
CA TYR B 517 17.56 31.40 -3.43
C TYR B 517 16.30 30.85 -2.77
N THR B 518 15.50 31.72 -2.14
CA THR B 518 14.27 31.31 -1.48
C THR B 518 13.01 31.74 -2.22
N PHE B 519 13.08 32.79 -3.03
CA PHE B 519 11.92 33.29 -3.77
C PHE B 519 12.44 34.18 -4.88
N SER B 520 11.65 34.27 -5.96
CA SER B 520 12.06 35.15 -7.03
C SER B 520 10.85 35.73 -7.76
N PRO B 521 10.74 37.06 -7.85
CA PRO B 521 9.68 37.67 -8.65
C PRO B 521 10.08 37.63 -10.12
N VAL B 522 9.25 37.01 -10.94
CA VAL B 522 9.46 36.95 -12.39
C VAL B 522 8.36 37.80 -13.01
N TYR B 523 8.74 38.98 -13.47
CA TYR B 523 7.77 39.98 -13.94
C TYR B 523 7.27 39.63 -15.33
N ASP B 524 8.14 39.06 -16.17
CA ASP B 524 7.75 38.68 -17.53
C ASP B 524 6.66 37.61 -17.54
N LYS B 525 6.47 36.88 -16.45
CA LYS B 525 5.42 35.87 -16.37
C LYS B 525 4.40 36.17 -15.28
N GLY B 526 4.46 37.36 -14.66
CA GLY B 526 3.47 37.80 -13.70
C GLY B 526 3.20 36.83 -12.56
N GLU B 527 4.25 36.44 -11.86
CA GLU B 527 4.12 35.49 -10.75
C GLU B 527 5.33 35.59 -9.84
N ILE B 528 5.18 35.07 -8.63
CA ILE B 528 6.25 35.04 -7.64
C ILE B 528 6.49 33.57 -7.29
N VAL B 529 7.65 33.05 -7.68
CA VAL B 529 7.99 31.66 -7.42
C VAL B 529 8.60 31.53 -6.03
N ILE B 530 8.24 30.45 -5.33
CA ILE B 530 8.90 30.03 -4.10
C ILE B 530 9.58 28.70 -4.39
N THR B 531 10.89 28.65 -4.16
CA THR B 531 11.74 27.58 -4.66
C THR B 531 11.67 26.35 -3.75
N ASP B 532 12.12 25.22 -4.30
CA ASP B 532 12.26 24.00 -3.51
C ASP B 532 13.10 24.22 -2.26
N ALA B 533 14.14 25.05 -2.38
CA ALA B 533 15.03 25.29 -1.24
C ALA B 533 14.30 25.89 -0.06
N PHE B 534 13.30 26.74 -0.30
CA PHE B 534 12.55 27.32 0.80
C PHE B 534 11.70 26.27 1.51
N PHE B 535 10.89 25.53 0.76
CA PHE B 535 9.98 24.57 1.37
C PHE B 535 10.72 23.43 2.04
N ASN B 536 11.93 23.11 1.58
CA ASN B 536 12.70 22.04 2.18
C ASN B 536 13.18 22.37 3.59
N GLU B 537 12.99 23.60 4.07
CA GLU B 537 13.43 23.98 5.41
C GLU B 537 12.28 24.59 6.22
N VAL B 538 11.05 24.20 5.94
CA VAL B 538 9.88 24.68 6.67
C VAL B 538 9.04 23.49 7.13
N ARG B 539 8.54 23.56 8.35
CA ARG B 539 7.69 22.51 8.88
C ARG B 539 6.32 22.55 8.22
N ASP B 540 5.60 21.44 8.34
CA ASP B 540 4.21 21.38 7.88
C ASP B 540 3.35 22.24 8.79
N ASP B 541 2.95 23.42 8.32
CA ASP B 541 2.32 24.43 9.15
C ASP B 541 1.78 25.53 8.24
N ASP B 542 1.25 26.58 8.86
CA ASP B 542 0.86 27.78 8.15
C ASP B 542 1.97 28.82 8.27
N ILE B 543 2.36 29.40 7.14
CA ILE B 543 3.44 30.38 7.08
C ILE B 543 2.86 31.69 6.59
N HIS B 544 3.07 32.77 7.35
CA HIS B 544 2.70 34.10 6.91
C HIS B 544 3.89 34.71 6.17
N LEU B 545 3.68 35.12 4.93
CA LEU B 545 4.69 35.84 4.18
C LEU B 545 4.30 37.32 4.07
N THR B 546 5.32 38.17 4.04
CA THR B 546 5.15 39.61 4.03
C THR B 546 6.07 40.17 2.95
N PHE B 547 5.49 40.53 1.81
CA PHE B 547 6.26 41.00 0.67
C PHE B 547 6.55 42.50 0.82
N HIS B 548 7.83 42.85 0.84
CA HIS B 548 8.27 44.24 0.92
C HIS B 548 8.50 44.76 -0.49
N PHE B 549 7.80 45.83 -0.85
CA PHE B 549 7.94 46.44 -2.16
C PHE B 549 8.77 47.71 -2.05
N TRP B 550 9.46 48.04 -3.15
CA TRP B 550 10.29 49.25 -3.15
C TRP B 550 9.46 50.53 -3.15
N SER B 551 8.14 50.43 -3.36
CA SER B 551 7.28 51.59 -3.21
C SER B 551 6.96 51.92 -1.76
N GLY B 552 7.34 51.04 -0.82
CA GLY B 552 6.99 51.18 0.57
C GLY B 552 5.87 50.27 1.02
N GLU B 553 4.96 49.92 0.11
CA GLU B 553 3.80 49.11 0.46
C GLU B 553 4.23 47.71 0.85
N MET B 554 3.33 47.00 1.54
CA MET B 554 3.59 45.64 1.97
C MET B 554 2.31 44.83 1.82
N VAL B 555 2.40 43.69 1.13
CA VAL B 555 1.26 42.82 0.90
C VAL B 555 1.50 41.50 1.62
N GLU B 556 0.46 40.97 2.25
CA GLU B 556 0.56 39.74 3.02
C GLU B 556 -0.01 38.54 2.26
N TYR B 557 0.54 37.38 2.57
CA TYR B 557 0.17 36.12 1.94
C TYR B 557 0.40 35.01 2.96
N THR B 558 -0.42 33.97 2.87
CA THR B 558 -0.34 32.84 3.80
C THR B 558 -0.25 31.55 3.01
N LEU B 559 0.71 30.69 3.40
CA LEU B 559 0.85 29.37 2.84
C LEU B 559 0.48 28.33 3.89
N SER B 560 -0.11 27.23 3.42
CA SER B 560 -0.40 26.07 4.26
C SER B 560 0.33 24.87 3.66
N LYS B 561 1.39 24.42 4.33
CA LYS B 561 2.21 23.33 3.82
C LYS B 561 1.84 22.04 4.55
N ASN B 562 1.55 21.00 3.78
CA ASN B 562 1.38 19.65 4.32
C ASN B 562 2.08 18.68 3.38
N GLY B 563 3.17 18.09 3.86
CA GLY B 563 3.97 17.21 3.02
C GLY B 563 4.56 17.98 1.85
N ASN B 564 4.24 17.55 0.63
CA ASN B 564 4.76 18.17 -0.58
C ASN B 564 3.73 19.03 -1.30
N HIS B 565 2.63 19.36 -0.63
CA HIS B 565 1.59 20.21 -1.20
C HIS B 565 1.42 21.45 -0.33
N VAL B 566 1.11 22.56 -0.96
CA VAL B 566 1.04 23.87 -0.31
C VAL B 566 -0.18 24.61 -0.86
N GLN B 567 -0.91 25.28 0.03
CA GLN B 567 -2.05 26.11 -0.33
C GLN B 567 -1.69 27.58 -0.18
N GLY B 568 -2.06 28.39 -1.18
CA GLY B 568 -1.79 29.81 -1.14
C GLY B 568 -3.04 30.64 -1.17
N ARG B 569 -3.16 31.56 -0.22
CA ARG B 569 -4.35 32.40 -0.09
C ARG B 569 -3.95 33.84 0.20
N ARG B 570 -4.86 34.78 -0.10
CA ARG B 570 -4.51 36.18 -0.02
C ARG B 570 -4.58 36.58 1.44
N LYS C 39 -29.15 -13.45 18.55
CA LYS C 39 -30.54 -13.82 18.77
C LYS C 39 -30.73 -15.32 18.69
N GLN C 40 -29.64 -16.05 18.44
CA GLN C 40 -29.67 -17.49 18.26
C GLN C 40 -29.14 -18.18 19.51
N THR C 41 -29.91 -19.18 19.99
CA THR C 41 -29.61 -19.87 21.23
C THR C 41 -28.27 -20.60 21.13
N ASP C 42 -27.66 -20.87 22.29
CA ASP C 42 -26.43 -21.65 22.33
C ASP C 42 -26.65 -23.07 21.84
N ILE C 43 -27.78 -23.68 22.21
CA ILE C 43 -28.04 -25.05 21.80
C ILE C 43 -28.40 -25.09 20.32
N GLN C 44 -29.01 -24.03 19.80
CA GLN C 44 -29.32 -23.98 18.37
C GLN C 44 -28.06 -23.81 17.53
N SER C 45 -27.08 -23.06 18.04
CA SER C 45 -25.78 -23.01 17.37
C SER C 45 -25.06 -24.34 17.45
N TYR C 46 -25.27 -25.08 18.53
CA TYR C 46 -24.72 -26.43 18.66
C TYR C 46 -25.29 -27.35 17.59
N VAL C 47 -26.61 -27.55 17.61
CA VAL C 47 -27.27 -28.41 16.64
C VAL C 47 -26.99 -27.94 15.22
N ALA C 48 -26.96 -26.63 15.00
CA ALA C 48 -26.62 -26.12 13.67
C ALA C 48 -25.18 -26.46 13.30
N ASP C 49 -24.28 -26.46 14.29
CA ASP C 49 -22.90 -26.85 14.07
C ASP C 49 -22.74 -28.34 13.85
N MET C 50 -23.75 -29.14 14.17
CA MET C 50 -23.70 -30.57 13.85
C MET C 50 -23.81 -30.84 12.36
N GLN C 51 -24.56 -30.00 11.64
CA GLN C 51 -24.88 -30.26 10.25
C GLN C 51 -23.61 -30.36 9.40
N PRO C 52 -23.46 -31.42 8.58
CA PRO C 52 -24.37 -32.57 8.48
C PRO C 52 -23.85 -33.79 9.24
N GLY C 53 -24.72 -34.77 9.47
CA GLY C 53 -24.37 -35.93 10.27
C GLY C 53 -24.34 -37.25 9.52
N TRP C 54 -23.72 -38.26 10.14
CA TRP C 54 -23.55 -39.57 9.54
C TRP C 54 -23.72 -40.64 10.60
N ASN C 55 -24.40 -41.73 10.24
CA ASN C 55 -24.70 -42.82 11.16
C ASN C 55 -23.72 -43.97 10.95
N LEU C 56 -23.10 -44.43 12.04
CA LEU C 56 -22.29 -45.65 12.01
C LEU C 56 -23.22 -46.82 12.30
N GLY C 57 -24.00 -47.20 11.29
CA GLY C 57 -25.05 -48.16 11.49
C GLY C 57 -24.62 -49.60 11.33
N ASN C 58 -25.44 -50.49 11.86
CA ASN C 58 -25.19 -51.94 11.88
C ASN C 58 -23.77 -52.25 12.32
N THR C 59 -23.32 -51.56 13.37
CA THR C 59 -22.00 -51.78 13.93
C THR C 59 -22.22 -52.11 15.40
N PHE C 60 -21.96 -51.17 16.32
CA PHE C 60 -22.22 -51.42 17.74
C PHE C 60 -23.68 -51.72 18.02
N ASP C 61 -24.57 -51.35 17.10
CA ASP C 61 -26.00 -51.59 17.25
C ASP C 61 -26.43 -52.98 16.79
N ALA C 62 -25.53 -53.75 16.19
CA ALA C 62 -25.90 -55.07 15.67
C ALA C 62 -26.27 -56.00 16.82
N VAL C 63 -27.36 -56.76 16.63
CA VAL C 63 -27.82 -57.71 17.63
C VAL C 63 -27.00 -58.99 17.49
N GLY C 64 -25.94 -59.09 18.28
CA GLY C 64 -25.08 -60.26 18.22
C GLY C 64 -24.04 -60.21 19.31
N ASP C 65 -22.98 -60.99 19.12
CA ASP C 65 -21.93 -61.06 20.13
C ASP C 65 -21.00 -59.85 20.09
N ASP C 66 -20.89 -59.16 18.95
CA ASP C 66 -20.04 -57.99 18.87
C ASP C 66 -20.48 -57.14 17.68
N GLU C 67 -19.74 -56.06 17.43
CA GLU C 67 -20.06 -55.07 16.41
C GLU C 67 -20.09 -55.64 15.00
N THR C 68 -19.60 -56.86 14.79
CA THR C 68 -19.47 -57.42 13.45
C THR C 68 -20.50 -58.49 13.15
N ALA C 69 -21.52 -58.63 14.01
CA ALA C 69 -22.52 -59.67 13.80
C ALA C 69 -23.30 -59.46 12.51
N TRP C 70 -23.47 -58.20 12.09
CA TRP C 70 -24.28 -57.87 10.93
C TRP C 70 -23.41 -57.47 9.73
N GLY C 71 -22.18 -57.96 9.67
CA GLY C 71 -21.38 -57.90 8.46
C GLY C 71 -20.41 -56.74 8.37
N ASN C 72 -20.46 -55.80 9.30
CA ASN C 72 -19.50 -54.72 9.11
C ASN C 72 -18.20 -55.03 9.83
N PRO C 73 -17.07 -54.51 9.37
CA PRO C 73 -15.81 -54.72 10.08
C PRO C 73 -15.76 -53.89 11.35
N ARG C 74 -14.81 -54.22 12.21
CA ARG C 74 -14.60 -53.44 13.42
C ARG C 74 -14.09 -52.05 13.07
N VAL C 75 -14.44 -51.07 13.92
CA VAL C 75 -14.20 -49.68 13.58
C VAL C 75 -12.71 -49.40 13.50
N THR C 76 -12.29 -48.76 12.41
CA THR C 76 -10.94 -48.27 12.23
C THR C 76 -10.88 -46.76 12.46
N ARG C 77 -9.69 -46.28 12.82
CA ARG C 77 -9.46 -44.85 12.94
C ARG C 77 -9.48 -44.18 11.58
N GLU C 78 -9.25 -44.94 10.50
CA GLU C 78 -9.37 -44.40 9.15
C GLU C 78 -10.82 -44.11 8.78
N LEU C 79 -11.74 -44.97 9.24
CA LEU C 79 -13.17 -44.74 8.99
C LEU C 79 -13.61 -43.37 9.49
N ILE C 80 -13.38 -43.10 10.76
CA ILE C 80 -13.85 -41.84 11.36
C ILE C 80 -13.16 -40.66 10.69
N LYS C 81 -11.87 -40.79 10.39
CA LYS C 81 -11.16 -39.72 9.69
C LYS C 81 -11.82 -39.43 8.35
N THR C 82 -12.13 -40.49 7.60
CA THR C 82 -12.75 -40.31 6.28
C THR C 82 -14.11 -39.64 6.40
N ILE C 83 -14.91 -40.06 7.41
CA ILE C 83 -16.21 -39.43 7.62
C ILE C 83 -16.03 -37.95 7.92
N ALA C 84 -14.95 -37.59 8.61
CA ALA C 84 -14.72 -36.18 8.89
C ALA C 84 -14.30 -35.42 7.63
N ASP C 85 -13.36 -35.97 6.86
CA ASP C 85 -12.84 -35.25 5.70
C ASP C 85 -13.78 -35.26 4.50
N GLU C 86 -14.87 -36.03 4.56
CA GLU C 86 -15.87 -35.99 3.51
C GLU C 86 -16.89 -34.88 3.72
N GLY C 87 -16.73 -34.07 4.76
CA GLY C 87 -17.58 -32.92 4.99
C GLY C 87 -18.52 -33.05 6.18
N TYR C 88 -18.62 -34.22 6.80
CA TYR C 88 -19.49 -34.40 7.94
C TYR C 88 -18.87 -33.78 9.19
N LYS C 89 -19.72 -33.14 10.00
CA LYS C 89 -19.28 -32.49 11.23
C LYS C 89 -19.95 -33.08 12.47
N SER C 90 -20.68 -34.18 12.33
CA SER C 90 -21.25 -34.88 13.46
C SER C 90 -21.47 -36.34 13.09
N ILE C 91 -21.36 -37.22 14.08
CA ILE C 91 -21.49 -38.66 13.88
C ILE C 91 -22.39 -39.24 14.97
N ARG C 92 -23.33 -40.10 14.56
CA ARG C 92 -24.20 -40.79 15.50
C ARG C 92 -23.70 -42.22 15.65
N ILE C 93 -23.42 -42.61 16.89
CA ILE C 93 -22.93 -43.97 17.17
C ILE C 93 -24.05 -44.75 17.85
N PRO C 94 -24.86 -45.48 17.10
CA PRO C 94 -25.87 -46.34 17.73
C PRO C 94 -25.21 -47.56 18.35
N VAL C 95 -25.72 -47.96 19.51
CA VAL C 95 -25.17 -49.10 20.23
C VAL C 95 -26.30 -49.93 20.81
N THR C 96 -26.22 -51.24 20.66
CA THR C 96 -27.13 -52.19 21.29
C THR C 96 -26.36 -52.90 22.40
N TRP C 97 -26.84 -52.78 23.64
CA TRP C 97 -26.06 -53.19 24.79
C TRP C 97 -26.50 -54.52 25.40
N GLU C 98 -27.67 -55.07 25.01
CA GLU C 98 -28.21 -56.24 25.70
C GLU C 98 -27.20 -57.37 25.81
N ASN C 99 -26.49 -57.65 24.72
CA ASN C 99 -25.54 -58.75 24.67
C ASN C 99 -24.15 -58.36 25.16
N GLN C 100 -24.05 -57.28 25.94
CA GLN C 100 -22.82 -56.98 26.67
C GLN C 100 -23.12 -56.46 28.07
N MET C 101 -24.27 -56.81 28.64
CA MET C 101 -24.59 -56.48 30.01
C MET C 101 -24.46 -57.69 30.92
N GLY C 102 -24.26 -57.41 32.20
CA GLY C 102 -24.17 -58.43 33.23
C GLY C 102 -25.50 -59.07 33.54
N ASN C 103 -25.71 -59.50 34.78
CA ASN C 103 -26.85 -60.35 35.12
C ASN C 103 -27.91 -59.64 35.95
N ALA C 104 -27.51 -58.94 37.03
CA ALA C 104 -28.32 -58.20 38.00
C ALA C 104 -27.55 -58.16 39.31
N PRO C 105 -27.67 -57.08 40.10
CA PRO C 105 -28.45 -55.87 39.83
C PRO C 105 -27.60 -54.77 39.18
N ASP C 106 -26.32 -55.08 38.94
CA ASP C 106 -25.40 -54.10 38.38
C ASP C 106 -25.56 -53.98 36.87
N TYR C 107 -25.74 -55.11 36.18
CA TYR C 107 -25.80 -55.16 34.71
C TYR C 107 -24.57 -54.49 34.11
N THR C 108 -23.40 -54.74 34.71
CA THR C 108 -22.17 -54.12 34.24
C THR C 108 -21.94 -54.43 32.77
N ILE C 109 -21.51 -53.41 32.03
CA ILE C 109 -21.14 -53.58 30.63
C ILE C 109 -19.74 -54.16 30.59
N ASN C 110 -19.50 -55.11 29.69
CA ASN C 110 -18.20 -55.77 29.65
C ASN C 110 -17.15 -54.81 29.10
N GLU C 111 -15.98 -54.81 29.73
CA GLU C 111 -15.04 -53.69 29.60
C GLU C 111 -14.45 -53.57 28.20
N ASP C 112 -14.32 -54.68 27.46
CA ASP C 112 -13.68 -54.58 26.14
C ASP C 112 -14.62 -53.96 25.12
N PHE C 113 -15.90 -54.37 25.14
CA PHE C 113 -16.90 -53.69 24.32
C PHE C 113 -17.01 -52.21 24.69
N PHE C 114 -17.16 -51.93 25.98
CA PHE C 114 -17.22 -50.56 26.47
C PHE C 114 -16.01 -49.74 26.02
N SER C 115 -14.81 -50.31 26.17
CA SER C 115 -13.61 -49.58 25.79
C SER C 115 -13.53 -49.36 24.29
N ARG C 116 -14.12 -50.26 23.49
CA ARG C 116 -14.14 -50.03 22.05
C ARG C 116 -15.09 -48.91 21.69
N VAL C 117 -16.30 -48.93 22.27
CA VAL C 117 -17.23 -47.81 22.15
C VAL C 117 -16.52 -46.50 22.46
N GLU C 118 -15.92 -46.42 23.64
CA GLU C 118 -15.23 -45.21 24.09
C GLU C 118 -14.12 -44.83 23.13
N GLN C 119 -13.44 -45.83 22.57
CA GLN C 119 -12.36 -45.54 21.64
C GLN C 119 -12.86 -44.87 20.38
N VAL C 120 -13.97 -45.38 19.83
CA VAL C 120 -14.53 -44.78 18.62
C VAL C 120 -15.00 -43.35 18.90
N ILE C 121 -15.66 -43.14 20.04
CA ILE C 121 -16.11 -41.80 20.39
C ILE C 121 -14.92 -40.86 20.51
N ASP C 122 -13.89 -41.29 21.25
CA ASP C 122 -12.69 -40.48 21.40
C ASP C 122 -12.14 -40.07 20.04
N TRP C 123 -11.99 -41.04 19.13
CA TRP C 123 -11.51 -40.74 17.78
C TRP C 123 -12.35 -39.67 17.11
N ALA C 124 -13.68 -39.83 17.16
CA ALA C 124 -14.57 -38.85 16.56
C ALA C 124 -14.38 -37.47 17.16
N LEU C 125 -14.03 -37.37 18.44
CA LEU C 125 -13.84 -36.05 19.03
C LEU C 125 -12.46 -35.46 18.76
N GLU C 126 -11.44 -36.30 18.56
CA GLU C 126 -10.16 -35.82 18.03
C GLU C 126 -10.34 -35.25 16.63
N GLU C 127 -11.27 -35.81 15.85
CA GLU C 127 -11.53 -35.28 14.52
C GLU C 127 -12.46 -34.05 14.55
N ASP C 128 -12.62 -33.43 15.71
CA ASP C 128 -13.54 -32.30 15.91
C ASP C 128 -14.92 -32.59 15.30
N LEU C 129 -15.53 -33.68 15.76
CA LEU C 129 -16.88 -34.03 15.36
C LEU C 129 -17.80 -34.01 16.59
N TYR C 130 -19.09 -33.84 16.33
CA TYR C 130 -20.10 -34.05 17.36
C TYR C 130 -20.53 -35.51 17.35
N VAL C 131 -20.71 -36.08 18.53
CA VAL C 131 -21.04 -37.48 18.70
C VAL C 131 -22.33 -37.59 19.49
N MET C 132 -23.24 -38.44 19.03
CA MET C 132 -24.47 -38.74 19.76
C MET C 132 -24.49 -40.23 20.06
N LEU C 133 -24.60 -40.56 21.34
CA LEU C 133 -24.54 -41.92 21.86
C LEU C 133 -25.92 -42.34 22.36
N ASN C 134 -26.32 -43.56 22.01
CA ASN C 134 -27.68 -44.00 22.27
C ASN C 134 -27.69 -45.42 22.85
N LEU C 135 -28.85 -45.77 23.39
CA LEU C 135 -29.26 -47.17 23.49
C LEU C 135 -30.13 -47.44 22.27
N HIS C 136 -29.73 -48.41 21.46
CA HIS C 136 -30.37 -48.55 20.15
C HIS C 136 -31.43 -49.66 20.15
N HIS C 137 -31.06 -50.83 19.62
CA HIS C 137 -32.03 -51.90 19.43
C HIS C 137 -32.54 -52.49 20.73
N ASP C 138 -31.99 -52.07 21.87
CA ASP C 138 -32.60 -52.42 23.15
C ASP C 138 -34.07 -52.01 23.19
N SER C 139 -34.41 -50.93 22.48
CA SER C 139 -35.78 -50.44 22.32
C SER C 139 -36.81 -51.56 22.21
N TRP C 140 -36.67 -52.40 21.18
CA TRP C 140 -37.58 -53.51 20.98
C TRP C 140 -37.10 -54.79 21.65
N LEU C 141 -35.83 -54.82 22.07
CA LEU C 141 -35.28 -56.06 22.61
C LEU C 141 -35.80 -56.33 24.02
N TRP C 142 -35.94 -55.30 24.85
CA TRP C 142 -36.43 -55.49 26.22
C TRP C 142 -37.17 -54.26 26.76
N ILE C 143 -36.73 -53.05 26.40
CA ILE C 143 -37.43 -51.85 26.83
C ILE C 143 -38.87 -51.91 26.37
N TYR C 144 -39.10 -52.51 25.20
CA TYR C 144 -40.43 -52.80 24.67
C TYR C 144 -41.43 -53.30 25.71
N ASN C 145 -41.04 -54.32 26.47
CA ASN C 145 -41.95 -55.00 27.41
C ASN C 145 -42.03 -54.27 28.76
N MET C 146 -42.24 -52.96 28.74
CA MET C 146 -42.17 -52.18 29.97
C MET C 146 -43.47 -52.28 30.77
N GLU C 147 -44.60 -52.53 30.11
CA GLU C 147 -45.85 -52.65 30.83
C GLU C 147 -45.87 -53.86 31.75
N HIS C 148 -45.21 -54.94 31.37
CA HIS C 148 -45.28 -56.21 32.08
C HIS C 148 -43.94 -56.63 32.64
N ASN C 149 -42.98 -55.72 32.69
CA ASN C 149 -41.64 -56.00 33.22
C ASN C 149 -41.02 -54.68 33.64
N TYR C 150 -41.83 -53.83 34.27
CA TYR C 150 -41.46 -52.43 34.47
C TYR C 150 -40.15 -52.28 35.26
N ASP C 151 -40.08 -52.93 36.42
CA ASP C 151 -38.97 -52.70 37.33
C ASP C 151 -37.67 -53.29 36.82
N GLU C 152 -37.74 -54.42 36.11
CA GLU C 152 -36.56 -54.92 35.42
C GLU C 152 -36.12 -53.98 34.30
N VAL C 153 -37.08 -53.54 33.48
CA VAL C 153 -36.76 -52.65 32.36
C VAL C 153 -36.09 -51.39 32.87
N MET C 154 -36.59 -50.82 33.97
CA MET C 154 -35.99 -49.61 34.51
C MET C 154 -34.73 -49.90 35.31
N ALA C 155 -34.54 -51.15 35.77
CA ALA C 155 -33.27 -51.52 36.37
C ALA C 155 -32.15 -51.54 35.32
N LYS C 156 -32.38 -52.22 34.20
CA LYS C 156 -31.37 -52.24 33.14
C LYS C 156 -31.21 -50.86 32.52
N TYR C 157 -32.31 -50.11 32.39
CA TYR C 157 -32.24 -48.76 31.83
C TYR C 157 -31.39 -47.85 32.72
N THR C 158 -31.81 -47.71 33.98
CA THR C 158 -31.09 -46.90 34.96
C THR C 158 -29.64 -47.33 35.05
N ALA C 159 -29.39 -48.63 35.15
CA ALA C 159 -28.02 -49.12 35.24
C ALA C 159 -27.22 -48.71 34.01
N LEU C 160 -27.79 -48.91 32.83
CA LEU C 160 -27.09 -48.61 31.59
C LEU C 160 -26.67 -47.15 31.52
N TRP C 161 -27.62 -46.23 31.72
CA TRP C 161 -27.26 -44.81 31.61
C TRP C 161 -26.47 -44.31 32.82
N GLU C 162 -26.50 -45.02 33.95
CA GLU C 162 -25.57 -44.70 35.02
C GLU C 162 -24.14 -45.00 34.61
N GLN C 163 -23.88 -46.23 34.15
CA GLN C 163 -22.56 -46.58 33.64
C GLN C 163 -22.10 -45.62 32.55
N LEU C 164 -22.96 -45.41 31.55
CA LEU C 164 -22.63 -44.48 30.46
C LEU C 164 -22.24 -43.10 31.01
N SER C 165 -23.13 -42.50 31.80
CA SER C 165 -22.89 -41.15 32.29
C SER C 165 -21.60 -41.08 33.12
N GLU C 166 -21.34 -42.11 33.92
CA GLU C 166 -20.10 -42.14 34.69
C GLU C 166 -18.88 -42.28 33.77
N ARG C 167 -19.01 -43.07 32.71
CA ARG C 167 -17.89 -43.31 31.81
C ARG C 167 -17.49 -42.03 31.08
N PHE C 168 -18.46 -41.33 30.51
CA PHE C 168 -18.18 -40.14 29.71
C PHE C 168 -18.37 -38.86 30.50
N GLN C 169 -18.14 -38.90 31.82
CA GLN C 169 -18.35 -37.73 32.66
C GLN C 169 -17.46 -36.56 32.25
N GLY C 170 -16.18 -36.82 32.06
CA GLY C 170 -15.23 -35.75 31.79
C GLY C 170 -15.03 -35.43 30.32
N HIS C 171 -15.98 -35.82 29.47
CA HIS C 171 -15.82 -35.64 28.04
C HIS C 171 -16.33 -34.25 27.63
N SER C 172 -16.03 -33.89 26.38
CA SER C 172 -16.45 -32.61 25.83
C SER C 172 -17.97 -32.55 25.71
N HIS C 173 -18.49 -31.33 25.53
CA HIS C 173 -19.92 -31.15 25.31
C HIS C 173 -20.32 -31.44 23.87
N LYS C 174 -19.40 -31.81 22.99
CA LYS C 174 -19.77 -32.25 21.66
C LYS C 174 -20.12 -33.73 21.61
N LEU C 175 -20.16 -34.38 22.77
CA LEU C 175 -20.76 -35.70 22.92
C LEU C 175 -22.14 -35.54 23.56
N MET C 176 -23.17 -36.03 22.88
CA MET C 176 -24.54 -35.97 23.37
C MET C 176 -25.01 -37.38 23.73
N PHE C 177 -25.97 -37.42 24.65
CA PHE C 177 -26.64 -38.64 25.03
C PHE C 177 -28.05 -38.62 24.43
N GLU C 178 -28.40 -39.70 23.75
CA GLU C 178 -29.74 -39.91 23.22
C GLU C 178 -30.40 -41.03 24.01
N SER C 179 -31.60 -40.76 24.53
CA SER C 179 -32.18 -41.63 25.54
C SER C 179 -32.34 -43.04 25.01
N VAL C 180 -33.17 -43.20 23.98
CA VAL C 180 -33.51 -44.52 23.44
C VAL C 180 -33.88 -44.34 21.97
N ASN C 181 -33.37 -45.25 21.13
CA ASN C 181 -33.73 -45.23 19.72
C ASN C 181 -35.15 -45.73 19.50
N GLU C 182 -35.85 -45.07 18.57
CA GLU C 182 -37.21 -45.35 18.11
C GLU C 182 -38.03 -46.14 19.12
N PRO C 183 -38.36 -45.55 20.27
CA PRO C 183 -39.03 -46.32 21.31
C PRO C 183 -40.45 -46.70 20.90
N ARG C 184 -40.84 -47.92 21.27
CA ARG C 184 -42.21 -48.37 21.14
C ARG C 184 -42.45 -49.43 22.20
N PHE C 185 -43.71 -49.78 22.41
CA PHE C 185 -44.08 -50.72 23.47
C PHE C 185 -45.20 -51.64 22.98
N THR C 186 -45.43 -52.69 23.76
CA THR C 186 -46.26 -53.81 23.31
C THR C 186 -47.71 -53.38 23.16
N ARG C 187 -48.31 -53.79 22.04
CA ARG C 187 -49.69 -53.47 21.72
C ARG C 187 -50.64 -54.28 22.60
N ASP C 188 -51.41 -53.60 23.46
CA ASP C 188 -52.53 -54.25 24.13
C ASP C 188 -53.71 -54.38 23.18
N TRP C 189 -54.19 -53.27 22.63
CA TRP C 189 -55.18 -53.26 21.59
C TRP C 189 -54.65 -52.72 20.27
N GLY C 190 -53.35 -52.41 20.21
CA GLY C 190 -52.72 -51.84 19.04
C GLY C 190 -51.94 -50.60 19.37
N GLU C 191 -51.13 -50.18 18.39
CA GLU C 191 -50.36 -48.95 18.48
C GLU C 191 -51.23 -47.80 17.98
N ILE C 192 -51.25 -46.70 18.72
CA ILE C 192 -50.50 -46.52 19.95
C ILE C 192 -51.48 -46.32 21.09
N GLN C 193 -50.98 -46.22 22.32
CA GLN C 193 -51.82 -46.24 23.50
C GLN C 193 -51.46 -45.11 24.44
N GLU C 194 -52.44 -44.75 25.28
CA GLU C 194 -52.22 -43.87 26.43
C GLU C 194 -50.94 -44.20 27.20
N ASN C 195 -50.86 -45.42 27.74
CA ASN C 195 -49.71 -45.82 28.56
C ASN C 195 -48.38 -45.60 27.83
N HIS C 196 -48.34 -45.84 26.51
CA HIS C 196 -47.06 -45.75 25.79
C HIS C 196 -46.41 -44.39 26.01
N HIS C 197 -47.22 -43.33 25.92
CA HIS C 197 -46.71 -41.98 26.15
C HIS C 197 -46.15 -41.83 27.56
N ALA C 198 -46.89 -42.35 28.55
CA ALA C 198 -46.40 -42.35 29.92
C ALA C 198 -45.05 -43.03 30.03
N PHE C 199 -44.95 -44.26 29.51
CA PHE C 199 -43.68 -45.01 29.54
C PHE C 199 -42.54 -44.21 28.95
N LEU C 200 -42.74 -43.66 27.74
CA LEU C 200 -41.66 -42.92 27.10
C LEU C 200 -41.29 -41.68 27.92
N GLU C 201 -42.28 -40.98 28.48
CA GLU C 201 -41.96 -39.82 29.30
C GLU C 201 -41.18 -40.22 30.55
N GLU C 202 -41.54 -41.35 31.17
CA GLU C 202 -40.80 -41.81 32.34
C GLU C 202 -39.37 -42.19 31.99
N LEU C 203 -39.17 -42.81 30.82
CA LEU C 203 -37.81 -43.14 30.39
C LEU C 203 -37.00 -41.87 30.14
N ASN C 204 -37.60 -40.90 29.45
CA ASN C 204 -36.91 -39.65 29.16
C ASN C 204 -36.54 -38.90 30.44
N THR C 205 -37.47 -38.80 31.39
CA THR C 205 -37.20 -38.04 32.60
C THR C 205 -36.21 -38.78 33.49
N ALA C 206 -36.32 -40.10 33.58
CA ALA C 206 -35.35 -40.88 34.35
C ALA C 206 -33.95 -40.72 33.77
N PHE C 207 -33.83 -40.87 32.45
CA PHE C 207 -32.55 -40.70 31.77
C PHE C 207 -31.97 -39.31 32.06
N TYR C 208 -32.79 -38.27 31.85
CA TYR C 208 -32.39 -36.90 32.16
C TYR C 208 -31.87 -36.78 33.59
N HIS C 209 -32.65 -37.22 34.57
CA HIS C 209 -32.27 -37.01 35.96
C HIS C 209 -31.00 -37.79 36.31
N ILE C 210 -30.78 -38.94 35.69
CA ILE C 210 -29.53 -39.67 35.88
C ILE C 210 -28.35 -38.84 35.36
N VAL C 211 -28.43 -38.39 34.11
CA VAL C 211 -27.32 -37.64 33.52
C VAL C 211 -27.06 -36.36 34.31
N ARG C 212 -28.12 -35.63 34.65
CA ARG C 212 -27.95 -34.40 35.39
C ARG C 212 -27.38 -34.66 36.78
N GLU C 213 -27.73 -35.79 37.39
CA GLU C 213 -27.22 -36.11 38.72
C GLU C 213 -25.80 -36.64 38.69
N SER C 214 -25.30 -37.05 37.52
CA SER C 214 -23.87 -37.38 37.42
C SER C 214 -22.98 -36.16 37.58
N GLY C 215 -23.50 -34.97 37.25
CA GLY C 215 -22.71 -33.76 37.36
C GLY C 215 -21.51 -33.74 36.41
N GLY C 216 -20.61 -32.79 36.70
CA GLY C 216 -19.43 -32.65 35.85
C GLY C 216 -19.80 -32.07 34.51
N SER C 217 -19.14 -32.56 33.46
CA SER C 217 -19.52 -32.16 32.10
C SER C 217 -20.90 -32.69 31.71
N ASN C 218 -21.49 -33.59 32.51
CA ASN C 218 -22.83 -34.07 32.26
C ASN C 218 -23.91 -33.10 32.72
N THR C 219 -23.54 -32.03 33.45
CA THR C 219 -24.52 -31.04 33.87
C THR C 219 -25.06 -30.27 32.68
N GLU C 220 -24.18 -29.73 31.84
CA GLU C 220 -24.62 -28.98 30.68
C GLU C 220 -24.58 -29.79 29.40
N ARG C 221 -24.10 -31.03 29.45
CA ARG C 221 -24.10 -31.94 28.32
C ARG C 221 -25.47 -31.94 27.63
N PRO C 222 -25.54 -31.66 26.33
CA PRO C 222 -26.83 -31.70 25.65
C PRO C 222 -27.43 -33.10 25.69
N LEU C 223 -28.75 -33.15 25.72
CA LEU C 223 -29.49 -34.40 25.87
C LEU C 223 -30.54 -34.48 24.77
N VAL C 224 -30.57 -35.60 24.09
CA VAL C 224 -31.43 -35.80 22.94
C VAL C 224 -32.61 -36.68 23.33
N LEU C 225 -33.83 -36.19 23.08
CA LEU C 225 -35.04 -36.89 23.44
C LEU C 225 -35.94 -37.13 22.24
N PRO C 226 -36.50 -38.32 22.10
CA PRO C 226 -37.27 -38.65 20.89
C PRO C 226 -38.78 -38.63 21.09
N THR C 227 -39.51 -38.30 20.03
CA THR C 227 -40.91 -38.70 19.96
C THR C 227 -41.00 -40.22 19.87
N LEU C 228 -42.22 -40.73 20.01
CA LEU C 228 -42.41 -42.18 20.11
C LEU C 228 -42.32 -42.79 18.71
N GLU C 229 -41.54 -43.88 18.60
CA GLU C 229 -41.09 -44.43 17.31
C GLU C 229 -40.39 -43.39 16.45
N THR C 230 -39.89 -42.31 17.05
CA THR C 230 -39.28 -41.19 16.32
C THR C 230 -40.20 -40.68 15.21
N ALA C 231 -41.51 -40.85 15.39
CA ALA C 231 -42.45 -40.43 14.38
C ALA C 231 -42.69 -38.93 14.44
N THR C 232 -43.37 -38.41 13.42
CA THR C 232 -43.52 -36.97 13.21
C THR C 232 -44.99 -36.62 13.01
N SER C 233 -45.87 -37.14 13.85
CA SER C 233 -47.27 -36.76 13.82
C SER C 233 -47.58 -35.87 15.01
N GLN C 234 -48.61 -35.04 14.85
CA GLN C 234 -48.76 -33.86 15.71
C GLN C 234 -48.85 -34.24 17.18
N ASP C 235 -49.70 -35.22 17.52
CA ASP C 235 -49.84 -35.64 18.91
C ASP C 235 -48.49 -36.00 19.52
N LEU C 236 -47.77 -36.93 18.87
CA LEU C 236 -46.45 -37.33 19.35
C LEU C 236 -45.53 -36.12 19.57
N LEU C 237 -45.46 -35.22 18.58
CA LEU C 237 -44.59 -34.05 18.70
C LEU C 237 -44.95 -33.19 19.90
N ASN C 238 -46.25 -33.04 20.20
CA ASN C 238 -46.65 -32.22 21.34
C ASN C 238 -46.47 -32.95 22.66
N ARG C 239 -46.48 -34.27 22.68
CA ARG C 239 -46.10 -34.98 23.90
C ARG C 239 -44.61 -34.85 24.18
N LEU C 240 -43.76 -34.96 23.15
CA LEU C 240 -42.34 -34.69 23.38
C LEU C 240 -42.12 -33.24 23.81
N HIS C 241 -42.89 -32.33 23.23
CA HIS C 241 -42.80 -30.91 23.59
C HIS C 241 -43.15 -30.71 25.06
N GLN C 242 -44.26 -31.30 25.50
CA GLN C 242 -44.64 -31.19 26.90
C GLN C 242 -43.61 -31.84 27.81
N THR C 243 -42.92 -32.88 27.32
CA THR C 243 -41.83 -33.45 28.11
C THR C 243 -40.70 -32.43 28.30
N MET C 244 -40.26 -31.80 27.21
CA MET C 244 -39.18 -30.83 27.34
C MET C 244 -39.56 -29.67 28.23
N LYS C 245 -40.80 -29.17 28.11
CA LYS C 245 -41.21 -28.10 29.01
C LYS C 245 -41.24 -28.57 30.45
N ASP C 246 -41.73 -29.79 30.70
CA ASP C 246 -41.67 -30.37 32.04
C ASP C 246 -40.26 -30.33 32.61
N LEU C 247 -39.27 -30.74 31.84
CA LEU C 247 -37.93 -30.83 32.40
C LEU C 247 -37.18 -29.51 32.42
N ASN C 248 -37.64 -28.49 31.68
CA ASN C 248 -37.19 -27.11 31.90
C ASN C 248 -35.67 -26.99 31.84
N ASP C 249 -35.11 -27.41 30.70
CA ASP C 249 -33.67 -27.44 30.52
C ASP C 249 -33.30 -26.74 29.23
N PRO C 250 -32.26 -25.90 29.25
CA PRO C 250 -31.89 -25.18 28.01
C PRO C 250 -31.19 -26.04 26.98
N ASN C 251 -30.57 -27.15 27.40
CA ASN C 251 -29.76 -27.96 26.50
C ASN C 251 -30.47 -29.26 26.12
N LEU C 252 -31.67 -29.16 25.55
CA LEU C 252 -32.40 -30.32 25.09
C LEU C 252 -32.58 -30.25 23.58
N ILE C 253 -32.63 -31.41 22.94
CA ILE C 253 -32.75 -31.51 21.49
C ILE C 253 -33.81 -32.53 21.12
N ALA C 254 -34.68 -32.17 20.18
CA ALA C 254 -35.74 -33.05 19.69
C ALA C 254 -35.25 -33.87 18.50
N THR C 255 -35.53 -35.16 18.52
CA THR C 255 -35.14 -36.04 17.43
C THR C 255 -36.36 -36.70 16.80
N VAL C 256 -36.30 -36.87 15.48
CA VAL C 256 -37.28 -37.60 14.69
C VAL C 256 -36.52 -38.27 13.57
N HIS C 257 -37.08 -39.36 13.06
CA HIS C 257 -36.51 -40.07 11.93
C HIS C 257 -37.49 -40.03 10.77
N TYR C 258 -36.97 -40.26 9.57
CA TYR C 258 -37.79 -40.13 8.36
C TYR C 258 -37.13 -40.90 7.24
N TYR C 259 -37.88 -41.82 6.62
CA TYR C 259 -37.34 -42.63 5.53
C TYR C 259 -38.21 -42.51 4.28
N GLY C 260 -38.91 -41.39 4.13
CA GLY C 260 -39.64 -41.09 2.93
C GLY C 260 -41.07 -41.64 2.96
N PHE C 261 -41.91 -41.05 2.13
CA PHE C 261 -43.26 -41.56 1.89
C PHE C 261 -43.21 -43.05 1.61
N TRP C 262 -43.88 -43.82 2.47
CA TRP C 262 -43.74 -45.28 2.49
C TRP C 262 -43.83 -45.94 1.11
N PRO C 263 -44.86 -45.71 0.28
CA PRO C 263 -44.95 -46.51 -0.96
C PRO C 263 -43.83 -46.22 -1.93
N PHE C 264 -43.43 -44.95 -2.06
CA PHE C 264 -42.26 -44.63 -2.88
C PHE C 264 -40.98 -45.16 -2.25
N SER C 265 -40.90 -45.15 -0.93
CA SER C 265 -39.66 -45.53 -0.27
C SER C 265 -39.34 -47.01 -0.43
N VAL C 266 -40.34 -47.83 -0.76
CA VAL C 266 -40.13 -49.27 -0.95
C VAL C 266 -40.53 -49.73 -2.34
N ASN C 267 -40.94 -48.81 -3.22
CA ASN C 267 -41.31 -49.12 -4.60
C ASN C 267 -42.45 -50.14 -4.64
N VAL C 268 -43.60 -49.72 -4.10
CA VAL C 268 -44.81 -50.52 -4.06
C VAL C 268 -45.96 -49.64 -4.55
N ALA C 269 -47.03 -50.29 -5.00
CA ALA C 269 -48.28 -49.63 -5.36
C ALA C 269 -48.11 -48.64 -6.50
N GLY C 270 -47.07 -48.81 -7.32
CA GLY C 270 -46.85 -47.99 -8.50
C GLY C 270 -46.08 -46.71 -8.26
N TYR C 271 -45.80 -46.34 -7.02
CA TYR C 271 -45.03 -45.13 -6.72
C TYR C 271 -43.56 -45.36 -7.09
N THR C 272 -43.27 -45.29 -8.39
CA THR C 272 -41.92 -45.52 -8.87
C THR C 272 -41.10 -44.25 -9.01
N ARG C 273 -41.72 -43.14 -9.33
CA ARG C 273 -41.00 -41.89 -9.51
C ARG C 273 -41.28 -40.96 -8.33
N PHE C 274 -40.44 -39.94 -8.22
CA PHE C 274 -40.53 -38.98 -7.11
C PHE C 274 -41.56 -37.92 -7.51
N GLU C 275 -42.82 -38.19 -7.16
CA GLU C 275 -43.96 -37.41 -7.59
C GLU C 275 -44.46 -36.52 -6.46
N GLU C 276 -45.63 -35.90 -6.69
CA GLU C 276 -46.09 -34.80 -5.85
C GLU C 276 -46.39 -35.27 -4.44
N GLU C 277 -46.81 -36.52 -4.28
CA GLU C 277 -47.22 -37.05 -2.98
C GLU C 277 -46.03 -37.16 -2.03
N THR C 278 -44.90 -37.70 -2.51
CA THR C 278 -43.69 -37.77 -1.69
C THR C 278 -43.25 -36.39 -1.23
N GLN C 279 -43.12 -35.45 -2.19
CA GLN C 279 -42.72 -34.10 -1.86
C GLN C 279 -43.65 -33.47 -0.83
N GLN C 280 -44.96 -33.65 -1.01
CA GLN C 280 -45.92 -33.10 -0.06
C GLN C 280 -45.77 -33.74 1.32
N ASP C 281 -45.52 -35.04 1.37
CA ASP C 281 -45.28 -35.68 2.66
C ASP C 281 -44.09 -35.05 3.37
N ILE C 282 -42.99 -34.81 2.64
CA ILE C 282 -41.86 -34.09 3.21
C ILE C 282 -42.31 -32.74 3.78
N ILE C 283 -43.02 -31.95 2.96
CA ILE C 283 -43.36 -30.58 3.33
C ILE C 283 -44.23 -30.57 4.59
N ASP C 284 -45.28 -31.40 4.61
CA ASP C 284 -46.16 -31.43 5.77
C ASP C 284 -45.41 -31.88 7.02
N THR C 285 -44.69 -33.01 6.90
CA THR C 285 -43.94 -33.56 8.03
C THR C 285 -43.04 -32.50 8.68
N PHE C 286 -42.15 -31.92 7.88
CA PHE C 286 -41.16 -31.05 8.50
C PHE C 286 -41.68 -29.63 8.75
N ASN C 287 -42.82 -29.26 8.17
CA ASN C 287 -43.49 -28.06 8.64
C ASN C 287 -44.09 -28.28 10.03
N ARG C 288 -44.59 -29.48 10.30
CA ARG C 288 -45.07 -29.77 11.65
C ARG C 288 -43.91 -29.79 12.65
N VAL C 289 -42.83 -30.50 12.33
CA VAL C 289 -41.67 -30.49 13.24
C VAL C 289 -41.15 -29.07 13.42
N HIS C 290 -41.10 -28.28 12.34
CA HIS C 290 -40.56 -26.93 12.43
C HIS C 290 -41.42 -26.05 13.31
N ASN C 291 -42.75 -26.12 13.14
CA ASN C 291 -43.64 -25.29 13.94
C ASN C 291 -43.66 -25.72 15.40
N THR C 292 -43.54 -27.01 15.66
CA THR C 292 -43.66 -27.48 17.05
C THR C 292 -42.36 -27.33 17.82
N PHE C 293 -41.21 -27.45 17.17
CA PHE C 293 -39.93 -27.46 17.89
C PHE C 293 -39.02 -26.31 17.47
N THR C 294 -38.64 -26.23 16.20
CA THR C 294 -37.68 -25.21 15.79
C THR C 294 -38.21 -23.80 16.03
N ALA C 295 -39.49 -23.57 15.69
CA ALA C 295 -40.06 -22.24 15.85
C ALA C 295 -40.14 -21.81 17.31
N ASN C 296 -40.18 -22.76 18.25
CA ASN C 296 -40.22 -22.44 19.67
C ASN C 296 -38.85 -22.56 20.33
N GLY C 297 -37.78 -22.48 19.56
CA GLY C 297 -36.46 -22.40 20.14
C GLY C 297 -35.85 -23.73 20.49
N ILE C 298 -36.49 -24.83 20.15
CA ILE C 298 -35.97 -26.17 20.42
C ILE C 298 -35.41 -26.72 19.12
N PRO C 299 -34.11 -26.99 19.03
CA PRO C 299 -33.53 -27.47 17.78
C PRO C 299 -33.82 -28.95 17.57
N VAL C 300 -33.84 -29.35 16.31
CA VAL C 300 -34.24 -30.69 15.91
C VAL C 300 -33.07 -31.40 15.23
N VAL C 301 -32.77 -32.60 15.69
CA VAL C 301 -31.83 -33.49 15.00
C VAL C 301 -32.63 -34.58 14.30
N LEU C 302 -32.62 -34.55 12.96
CA LEU C 302 -33.12 -35.67 12.19
C LEU C 302 -32.03 -36.73 12.26
N GLY C 303 -32.09 -37.56 13.30
CA GLY C 303 -31.00 -38.46 13.61
C GLY C 303 -30.87 -39.65 12.68
N GLU C 304 -31.80 -39.82 11.76
CA GLU C 304 -31.76 -40.95 10.83
C GLU C 304 -32.63 -40.62 9.64
N PHE C 305 -32.07 -40.64 8.44
CA PHE C 305 -32.87 -40.47 7.25
C PHE C 305 -32.30 -41.30 6.11
N GLY C 306 -33.13 -41.52 5.11
CA GLY C 306 -32.81 -42.40 4.00
C GLY C 306 -34.09 -42.75 3.25
N LEU C 307 -34.01 -43.86 2.52
CA LEU C 307 -35.19 -44.47 1.91
C LEU C 307 -35.35 -45.85 2.50
N LEU C 308 -36.58 -46.17 2.94
CA LEU C 308 -36.84 -47.46 3.58
C LEU C 308 -36.35 -48.62 2.72
N GLY C 309 -36.56 -48.53 1.41
CA GLY C 309 -36.18 -49.60 0.50
C GLY C 309 -34.70 -49.93 0.50
N PHE C 310 -33.85 -49.04 1.02
CA PHE C 310 -32.43 -49.36 1.06
C PHE C 310 -32.09 -50.45 2.06
N ASP C 311 -33.03 -50.87 2.91
CA ASP C 311 -32.79 -52.07 3.70
C ASP C 311 -32.84 -53.32 2.83
N THR C 312 -33.54 -53.25 1.70
CA THR C 312 -33.40 -54.29 0.68
C THR C 312 -32.16 -54.03 -0.17
N SER C 313 -32.16 -52.92 -0.90
CA SER C 313 -31.04 -52.52 -1.74
C SER C 313 -31.30 -51.12 -2.27
N THR C 314 -30.22 -50.37 -2.51
CA THR C 314 -30.36 -49.08 -3.18
C THR C 314 -30.88 -49.21 -4.61
N ASP C 315 -30.97 -50.44 -5.13
CA ASP C 315 -31.51 -50.68 -6.46
C ASP C 315 -33.03 -50.72 -6.47
N VAL C 316 -33.66 -50.60 -5.30
CA VAL C 316 -35.12 -50.60 -5.22
C VAL C 316 -35.69 -49.28 -5.73
N ILE C 317 -34.95 -48.18 -5.56
CA ILE C 317 -35.36 -46.88 -6.06
C ILE C 317 -34.51 -46.56 -7.28
N GLN C 318 -35.15 -46.05 -8.32
CA GLN C 318 -34.41 -45.72 -9.53
C GLN C 318 -33.49 -44.56 -9.24
N GLN C 319 -32.32 -44.55 -9.90
CA GLN C 319 -31.25 -43.64 -9.52
C GLN C 319 -31.69 -42.18 -9.54
N GLY C 320 -32.23 -41.72 -10.67
CA GLY C 320 -32.59 -40.32 -10.78
C GLY C 320 -33.63 -39.92 -9.75
N GLU C 321 -34.57 -40.82 -9.47
CA GLU C 321 -35.61 -40.52 -8.50
C GLU C 321 -35.06 -40.45 -7.08
N LYS C 322 -34.09 -41.31 -6.75
CA LYS C 322 -33.39 -41.19 -5.48
C LYS C 322 -32.73 -39.83 -5.35
N LEU C 323 -31.98 -39.42 -6.38
CA LEU C 323 -31.28 -38.15 -6.33
C LEU C 323 -32.24 -36.98 -6.14
N LYS C 324 -33.33 -36.98 -6.92
CA LYS C 324 -34.32 -35.92 -6.79
C LYS C 324 -34.95 -35.91 -5.41
N PHE C 325 -35.27 -37.09 -4.88
CA PHE C 325 -35.82 -37.18 -3.53
C PHE C 325 -34.89 -36.57 -2.49
N PHE C 326 -33.62 -36.97 -2.51
CA PHE C 326 -32.69 -36.50 -1.48
C PHE C 326 -32.41 -35.01 -1.62
N GLU C 327 -32.36 -34.50 -2.85
CA GLU C 327 -32.14 -33.07 -3.05
C GLU C 327 -33.33 -32.27 -2.53
N PHE C 328 -34.55 -32.71 -2.83
CA PHE C 328 -35.74 -32.10 -2.25
C PHE C 328 -35.70 -32.10 -0.73
N LEU C 329 -35.50 -33.28 -0.15
CA LEU C 329 -35.53 -33.43 1.31
C LEU C 329 -34.51 -32.52 1.96
N ILE C 330 -33.24 -32.60 1.56
CA ILE C 330 -32.20 -31.78 2.19
C ILE C 330 -32.48 -30.31 1.97
N HIS C 331 -33.06 -29.94 0.82
CA HIS C 331 -33.43 -28.54 0.62
C HIS C 331 -34.41 -28.07 1.69
N HIS C 332 -35.49 -28.82 1.89
CA HIS C 332 -36.49 -28.36 2.85
C HIS C 332 -35.98 -28.42 4.29
N LEU C 333 -35.16 -29.44 4.59
CA LEU C 333 -34.56 -29.52 5.91
C LEU C 333 -33.67 -28.30 6.19
N ASN C 334 -32.88 -27.91 5.19
CA ASN C 334 -32.09 -26.69 5.31
C ASN C 334 -32.99 -25.48 5.52
N GLU C 335 -34.09 -25.41 4.77
CA GLU C 335 -35.02 -24.28 4.91
C GLU C 335 -35.65 -24.25 6.29
N ARG C 336 -35.70 -25.37 7.01
CA ARG C 336 -36.26 -25.39 8.36
C ARG C 336 -35.23 -25.68 9.43
N ASP C 337 -33.95 -25.45 9.13
CA ASP C 337 -32.87 -25.54 10.13
C ASP C 337 -32.89 -26.86 10.88
N VAL C 338 -33.13 -27.95 10.16
CA VAL C 338 -33.17 -29.28 10.73
C VAL C 338 -31.84 -29.97 10.42
N THR C 339 -31.09 -30.30 11.47
CA THR C 339 -29.81 -30.97 11.29
C THR C 339 -30.06 -32.47 11.06
N HIS C 340 -29.64 -32.95 9.89
CA HIS C 340 -29.92 -34.31 9.45
C HIS C 340 -28.68 -35.19 9.56
N MET C 341 -28.91 -36.47 9.88
CA MET C 341 -27.86 -37.47 9.96
C MET C 341 -28.26 -38.66 9.09
N LEU C 342 -27.46 -38.96 8.07
CA LEU C 342 -27.78 -40.02 7.13
C LEU C 342 -27.55 -41.38 7.76
N TRP C 343 -28.13 -42.31 7.47
CA TRP C 343 -28.06 -43.69 7.89
C TRP C 343 -27.35 -44.47 6.80
N ASP C 344 -26.34 -44.94 7.48
CA ASP C 344 -25.41 -45.72 6.68
C ASP C 344 -25.10 -47.01 7.43
N ASN C 345 -25.78 -48.10 7.07
CA ASN C 345 -25.51 -49.40 7.65
C ASN C 345 -24.27 -50.06 7.07
N GLY C 346 -23.49 -49.34 6.27
CA GLY C 346 -22.40 -49.91 5.52
C GLY C 346 -22.66 -50.01 4.03
N GLN C 347 -23.87 -49.69 3.57
CA GLN C 347 -24.23 -49.81 2.16
C GLN C 347 -23.87 -48.59 1.34
N HIS C 348 -23.57 -47.45 1.98
CA HIS C 348 -23.35 -46.21 1.26
C HIS C 348 -21.88 -45.86 1.09
N LEU C 349 -21.08 -46.04 2.13
CA LEU C 349 -19.64 -45.84 2.04
C LEU C 349 -18.95 -47.19 2.17
N ASN C 350 -18.05 -47.49 1.25
CA ASN C 350 -17.36 -48.77 1.25
C ASN C 350 -16.32 -48.76 2.37
N ARG C 351 -16.64 -49.43 3.47
CA ARG C 351 -15.77 -49.41 4.65
C ARG C 351 -14.43 -50.14 4.43
N GLU C 352 -14.13 -50.61 3.22
CA GLU C 352 -12.84 -51.21 2.93
C GLU C 352 -11.96 -50.27 2.12
N THR C 353 -12.53 -49.71 1.05
CA THR C 353 -11.87 -48.65 0.27
C THR C 353 -11.89 -47.30 0.96
N TYR C 354 -12.89 -47.04 1.82
CA TYR C 354 -13.18 -45.70 2.34
C TYR C 354 -13.47 -44.73 1.20
N SER C 355 -14.33 -45.17 0.28
CA SER C 355 -14.89 -44.32 -0.76
C SER C 355 -16.34 -44.72 -0.96
N TRP C 356 -17.12 -43.82 -1.54
CA TRP C 356 -18.56 -44.01 -1.62
C TRP C 356 -18.92 -45.01 -2.70
N TYR C 357 -19.77 -45.99 -2.33
CA TYR C 357 -20.24 -46.98 -3.29
C TYR C 357 -20.86 -46.32 -4.51
N ASP C 358 -21.53 -45.19 -4.31
CA ASP C 358 -22.22 -44.46 -5.37
C ASP C 358 -21.81 -42.99 -5.25
N GLN C 359 -20.83 -42.59 -6.06
CA GLN C 359 -20.29 -41.24 -5.96
C GLN C 359 -21.33 -40.19 -6.36
N GLU C 360 -22.14 -40.51 -7.37
CA GLU C 360 -23.21 -39.61 -7.78
C GLU C 360 -24.13 -39.25 -6.61
N PHE C 361 -24.54 -40.26 -5.85
CA PHE C 361 -25.38 -40.03 -4.68
C PHE C 361 -24.72 -39.09 -3.68
N HIS C 362 -23.49 -39.40 -3.26
CA HIS C 362 -22.81 -38.55 -2.29
C HIS C 362 -22.53 -37.17 -2.85
N ASN C 363 -22.24 -37.08 -4.15
CA ASN C 363 -22.06 -35.76 -4.76
C ASN C 363 -23.33 -34.93 -4.63
N MET C 364 -24.50 -35.54 -4.85
CA MET C 364 -25.73 -34.79 -4.73
C MET C 364 -26.03 -34.43 -3.27
N LEU C 365 -25.73 -35.33 -2.34
CA LEU C 365 -25.87 -35.01 -0.92
C LEU C 365 -25.02 -33.80 -0.54
N LYS C 366 -23.73 -33.85 -0.90
CA LYS C 366 -22.79 -32.81 -0.47
C LYS C 366 -23.00 -31.52 -1.24
N ALA C 367 -23.71 -31.57 -2.37
CA ALA C 367 -24.17 -30.34 -3.00
C ALA C 367 -25.43 -29.81 -2.30
N SER C 368 -26.30 -30.71 -1.83
CA SER C 368 -27.50 -30.30 -1.14
C SER C 368 -27.19 -29.71 0.24
N TRP C 369 -26.01 -30.00 0.79
CA TRP C 369 -25.57 -29.28 1.99
C TRP C 369 -25.50 -27.78 1.76
N GLU C 370 -24.98 -27.36 0.61
CA GLU C 370 -24.78 -25.95 0.34
C GLU C 370 -25.95 -25.29 -0.37
N GLY C 371 -26.61 -26.00 -1.29
CA GLY C 371 -27.73 -25.41 -1.99
C GLY C 371 -28.37 -26.41 -2.92
N ARG C 372 -29.38 -25.92 -3.66
CA ARG C 372 -30.16 -26.77 -4.53
C ARG C 372 -29.39 -27.09 -5.81
N SER C 373 -29.66 -28.27 -6.37
CA SER C 373 -29.08 -28.69 -7.63
C SER C 373 -30.19 -28.95 -8.64
N ALA C 374 -29.92 -28.65 -9.90
CA ALA C 374 -30.90 -28.88 -10.94
C ALA C 374 -31.10 -30.37 -11.18
N THR C 375 -32.34 -30.74 -11.46
CA THR C 375 -32.72 -32.12 -11.76
C THR C 375 -33.46 -32.15 -13.09
N ALA C 376 -33.92 -33.33 -13.47
CA ALA C 376 -34.60 -33.50 -14.75
C ALA C 376 -35.76 -34.47 -14.56
N GLU C 377 -36.59 -34.57 -15.61
CA GLU C 377 -37.66 -35.55 -15.62
C GLU C 377 -37.12 -36.94 -15.37
N SER C 378 -35.93 -37.22 -15.90
CA SER C 378 -35.29 -38.51 -15.73
C SER C 378 -33.78 -38.31 -15.79
N ASN C 379 -33.05 -39.30 -15.29
CA ASN C 379 -31.61 -39.41 -15.46
C ASN C 379 -31.27 -40.30 -16.64
N LEU C 380 -32.26 -40.67 -17.44
CA LEU C 380 -32.07 -41.54 -18.58
C LEU C 380 -32.54 -40.88 -19.86
N ILE C 381 -31.86 -41.19 -20.95
CA ILE C 381 -32.25 -40.83 -22.31
C ILE C 381 -32.29 -42.13 -23.10
N HIS C 382 -33.47 -42.45 -23.64
CA HIS C 382 -33.68 -43.69 -24.36
C HIS C 382 -33.76 -43.42 -25.86
N VAL C 383 -33.14 -44.29 -26.65
CA VAL C 383 -33.07 -44.16 -28.10
C VAL C 383 -33.19 -45.57 -28.65
N ARG C 384 -34.25 -45.83 -29.42
CA ARG C 384 -34.45 -47.18 -29.91
C ARG C 384 -33.42 -47.50 -30.98
N ASP C 385 -32.86 -48.70 -30.89
CA ASP C 385 -31.73 -49.05 -31.75
C ASP C 385 -32.15 -49.21 -33.20
N GLY C 386 -33.42 -49.53 -33.46
CA GLY C 386 -33.88 -49.77 -34.81
C GLY C 386 -34.40 -48.53 -35.51
N GLU C 387 -34.73 -47.49 -34.74
CA GLU C 387 -35.34 -46.33 -35.35
C GLU C 387 -34.30 -45.28 -35.73
N PRO C 388 -34.57 -44.51 -36.78
CA PRO C 388 -33.71 -43.36 -37.10
C PRO C 388 -33.62 -42.39 -35.94
N ILE C 389 -32.45 -41.82 -35.74
CA ILE C 389 -32.18 -41.00 -34.56
C ILE C 389 -32.72 -39.59 -34.77
N ARG C 390 -33.40 -39.10 -33.73
CA ARG C 390 -34.11 -37.83 -33.78
C ARG C 390 -33.52 -36.89 -32.73
N ASP C 391 -33.78 -35.60 -32.91
CA ASP C 391 -33.61 -34.70 -31.79
C ASP C 391 -34.50 -35.15 -30.64
N GLN C 392 -34.00 -35.01 -29.42
CA GLN C 392 -34.67 -35.53 -28.23
C GLN C 392 -34.74 -34.44 -27.18
N ASP C 393 -35.94 -34.23 -26.63
CA ASP C 393 -36.14 -33.20 -25.63
C ASP C 393 -36.07 -33.81 -24.24
N ILE C 394 -35.62 -33.01 -23.29
CA ILE C 394 -35.40 -33.45 -21.92
C ILE C 394 -35.76 -32.31 -20.99
N GLN C 395 -36.76 -32.53 -20.14
CA GLN C 395 -37.25 -31.47 -19.28
C GLN C 395 -36.37 -31.35 -18.05
N LEU C 396 -35.83 -30.16 -17.81
CA LEU C 396 -35.02 -29.91 -16.63
C LEU C 396 -35.86 -29.32 -15.51
N HIS C 397 -35.26 -29.30 -14.32
CA HIS C 397 -35.83 -28.66 -13.13
C HIS C 397 -34.68 -27.86 -12.54
N LEU C 398 -34.57 -26.60 -12.97
CA LEU C 398 -33.39 -25.81 -12.66
C LEU C 398 -33.25 -25.51 -11.18
N HIS C 399 -34.34 -25.62 -10.41
CA HIS C 399 -34.31 -25.39 -8.96
C HIS C 399 -33.56 -24.12 -8.60
N GLY C 400 -33.74 -23.05 -9.37
CA GLY C 400 -33.11 -21.79 -9.08
C GLY C 400 -31.78 -21.57 -9.74
N ASN C 401 -31.33 -22.49 -10.58
CA ASN C 401 -30.00 -22.46 -11.18
C ASN C 401 -30.12 -22.32 -12.69
N GLU C 402 -28.97 -22.16 -13.34
CA GLU C 402 -28.91 -21.96 -14.78
C GLU C 402 -27.94 -22.96 -15.39
N LEU C 403 -28.22 -23.37 -16.61
CA LEU C 403 -27.38 -24.33 -17.31
C LEU C 403 -26.23 -23.60 -18.00
N THR C 404 -25.03 -24.19 -17.89
CA THR C 404 -23.83 -23.57 -18.40
C THR C 404 -23.11 -24.37 -19.49
N GLY C 405 -23.34 -25.68 -19.56
CA GLY C 405 -22.78 -26.46 -20.64
C GLY C 405 -23.08 -27.93 -20.45
N LEU C 406 -22.70 -28.72 -21.45
CA LEU C 406 -22.77 -30.17 -21.32
C LEU C 406 -21.44 -30.77 -21.73
N GLN C 407 -21.02 -31.80 -21.01
CA GLN C 407 -19.75 -32.46 -21.25
C GLN C 407 -19.98 -33.94 -21.46
N VAL C 408 -19.25 -34.53 -22.40
CA VAL C 408 -19.15 -35.98 -22.52
C VAL C 408 -17.69 -36.37 -22.32
N ASP C 409 -17.44 -37.17 -21.28
CA ASP C 409 -16.11 -37.60 -20.89
C ASP C 409 -15.14 -36.42 -20.75
N GLY C 410 -15.59 -35.40 -20.01
CA GLY C 410 -14.76 -34.26 -19.69
C GLY C 410 -14.61 -33.22 -20.77
N ASP C 411 -15.16 -33.45 -21.96
CA ASP C 411 -15.06 -32.52 -23.08
C ASP C 411 -16.42 -31.87 -23.32
N SER C 412 -16.43 -30.53 -23.32
CA SER C 412 -17.66 -29.78 -23.58
C SER C 412 -18.22 -30.13 -24.96
N LEU C 413 -19.53 -30.01 -25.09
CA LEU C 413 -20.17 -30.32 -26.36
C LEU C 413 -20.51 -29.02 -27.10
N ALA C 414 -20.99 -29.19 -28.33
CA ALA C 414 -21.12 -28.06 -29.26
C ALA C 414 -22.45 -27.38 -29.00
N LEU C 415 -22.41 -26.08 -28.73
CA LEU C 415 -23.63 -25.31 -28.70
C LEU C 415 -24.25 -25.28 -30.09
N GLY C 416 -25.58 -25.39 -30.14
CA GLY C 416 -26.28 -25.38 -31.42
C GLY C 416 -26.14 -26.68 -32.20
N GLU C 417 -24.90 -27.07 -32.51
CA GLU C 417 -24.68 -28.25 -33.34
C GLU C 417 -24.92 -29.54 -32.57
N ASP C 418 -24.71 -29.54 -31.25
CA ASP C 418 -24.94 -30.72 -30.43
C ASP C 418 -26.16 -30.60 -29.53
N TYR C 419 -26.51 -29.40 -29.07
CA TYR C 419 -27.62 -29.26 -28.14
C TYR C 419 -28.19 -27.84 -28.14
N GLU C 420 -29.46 -27.74 -27.77
CA GLU C 420 -30.15 -26.47 -27.60
C GLU C 420 -30.79 -26.41 -26.22
N LEU C 421 -31.10 -25.19 -25.79
CA LEU C 421 -31.84 -24.96 -24.55
C LEU C 421 -32.91 -23.90 -24.80
N ALA C 422 -34.16 -24.28 -24.59
CA ALA C 422 -35.30 -23.36 -24.68
C ALA C 422 -35.92 -23.32 -23.28
N GLY C 423 -35.66 -22.25 -22.55
CA GLY C 423 -36.10 -22.15 -21.18
C GLY C 423 -35.43 -23.16 -20.28
N ASP C 424 -36.17 -24.23 -19.93
CA ASP C 424 -35.61 -25.33 -19.17
C ASP C 424 -35.83 -26.66 -19.87
N VAL C 425 -36.14 -26.64 -21.16
CA VAL C 425 -36.25 -27.84 -21.98
C VAL C 425 -34.97 -27.97 -22.78
N LEU C 426 -34.22 -29.04 -22.53
CA LEU C 426 -32.97 -29.29 -23.24
C LEU C 426 -33.19 -30.25 -24.38
N THR C 427 -32.45 -30.05 -25.46
CA THR C 427 -32.62 -30.81 -26.69
C THR C 427 -31.25 -31.33 -27.12
N MET C 428 -31.11 -32.65 -27.19
CA MET C 428 -29.93 -33.27 -27.76
C MET C 428 -30.13 -33.42 -29.26
N LYS C 429 -29.18 -32.90 -30.04
CA LYS C 429 -29.32 -32.94 -31.48
C LYS C 429 -29.03 -34.34 -32.03
N ALA C 430 -29.66 -34.64 -33.17
CA ALA C 430 -29.57 -35.98 -33.75
C ALA C 430 -28.12 -36.36 -34.03
N ASP C 431 -27.35 -35.44 -34.63
CA ASP C 431 -25.97 -35.73 -34.97
C ASP C 431 -25.13 -36.06 -33.74
N ALA C 432 -25.38 -35.36 -32.62
CA ALA C 432 -24.63 -35.61 -31.41
C ALA C 432 -24.91 -36.99 -30.84
N LEU C 433 -26.19 -37.38 -30.79
CA LEU C 433 -26.53 -38.71 -30.31
C LEU C 433 -26.04 -39.78 -31.29
N THR C 434 -26.21 -39.54 -32.59
CA THR C 434 -25.71 -40.48 -33.59
C THR C 434 -24.22 -40.73 -33.43
N ALA C 435 -23.45 -39.67 -33.18
CA ALA C 435 -22.02 -39.83 -32.97
C ALA C 435 -21.74 -40.55 -31.65
N LEU C 436 -22.48 -40.20 -30.60
CA LEU C 436 -22.24 -40.76 -29.26
C LEU C 436 -22.73 -42.19 -29.10
N MET C 437 -23.46 -42.72 -30.08
CA MET C 437 -24.05 -44.04 -29.95
C MET C 437 -23.45 -45.02 -30.96
N THR C 438 -23.66 -46.30 -30.69
CA THR C 438 -23.12 -47.39 -31.50
C THR C 438 -24.27 -48.27 -31.97
N PRO C 439 -24.50 -48.40 -33.28
CA PRO C 439 -25.61 -49.25 -33.76
C PRO C 439 -25.39 -50.69 -33.34
N GLY C 440 -26.32 -51.21 -32.54
CA GLY C 440 -26.23 -52.58 -32.07
C GLY C 440 -25.92 -52.67 -30.59
N GLU C 441 -25.05 -51.79 -30.10
CA GLU C 441 -24.64 -51.79 -28.70
C GLU C 441 -25.80 -51.33 -27.83
N LEU C 442 -26.49 -52.29 -27.22
CA LEU C 442 -27.62 -51.98 -26.35
C LEU C 442 -27.11 -51.72 -24.93
N GLY C 443 -27.77 -50.80 -24.25
CA GLY C 443 -27.34 -50.38 -22.94
C GLY C 443 -26.85 -48.95 -22.93
N THR C 444 -26.05 -48.64 -21.91
CA THR C 444 -25.52 -47.30 -21.74
C THR C 444 -24.41 -47.05 -22.76
N ASN C 445 -24.68 -46.19 -23.74
CA ASN C 445 -23.68 -45.84 -24.74
C ASN C 445 -22.79 -44.68 -24.29
N ALA C 446 -23.34 -43.71 -23.58
CA ALA C 446 -22.56 -42.56 -23.15
C ALA C 446 -23.25 -41.92 -21.95
N VAL C 447 -22.56 -40.95 -21.35
CA VAL C 447 -23.09 -40.18 -20.23
C VAL C 447 -22.96 -38.71 -20.58
N ILE C 448 -24.10 -38.02 -20.67
CA ILE C 448 -24.15 -36.59 -20.98
C ILE C 448 -24.26 -35.85 -19.64
N THR C 449 -23.26 -35.04 -19.34
CA THR C 449 -23.17 -34.36 -18.05
C THR C 449 -23.67 -32.93 -18.19
N ALA C 450 -24.76 -32.61 -17.49
CA ALA C 450 -25.31 -31.26 -17.49
C ALA C 450 -24.72 -30.46 -16.34
N GLN C 451 -23.98 -29.40 -16.67
CA GLN C 451 -23.34 -28.53 -15.68
C GLN C 451 -24.15 -27.26 -15.51
N PHE C 452 -24.16 -26.76 -14.28
CA PHE C 452 -24.96 -25.59 -13.93
C PHE C 452 -24.11 -24.59 -13.17
N ASN C 453 -24.62 -23.35 -13.07
CA ASN C 453 -23.89 -22.31 -12.37
C ASN C 453 -23.76 -22.59 -10.87
N SER C 454 -24.63 -23.43 -10.32
CA SER C 454 -24.55 -23.82 -8.92
C SER C 454 -25.14 -25.22 -8.77
N GLY C 455 -24.60 -25.96 -7.80
CA GLY C 455 -25.13 -27.28 -7.50
C GLY C 455 -24.38 -28.40 -8.20
N ALA C 456 -24.85 -29.62 -7.93
CA ALA C 456 -24.24 -30.80 -8.50
C ALA C 456 -24.57 -30.92 -9.99
N ASP C 457 -23.63 -31.51 -10.73
CA ASP C 457 -23.90 -31.86 -12.12
C ASP C 457 -24.96 -32.95 -12.19
N TRP C 458 -25.82 -32.86 -13.20
CA TRP C 458 -26.81 -33.89 -13.46
C TRP C 458 -26.32 -34.71 -14.66
N HIS C 459 -26.32 -36.01 -14.52
CA HIS C 459 -25.71 -36.92 -15.48
C HIS C 459 -26.81 -37.72 -16.17
N PHE C 460 -26.85 -37.65 -17.49
CA PHE C 460 -27.82 -38.40 -18.27
C PHE C 460 -27.18 -39.70 -18.76
N GLN C 461 -27.86 -40.81 -18.52
CA GLN C 461 -27.42 -42.09 -19.07
C GLN C 461 -28.11 -42.29 -20.41
N LEU C 462 -27.31 -42.31 -21.48
CA LEU C 462 -27.84 -42.42 -22.84
C LEU C 462 -28.04 -43.89 -23.16
N GLN C 463 -29.30 -44.33 -23.12
CA GLN C 463 -29.64 -45.74 -23.23
C GLN C 463 -30.04 -46.07 -24.66
N ASN C 464 -29.32 -47.00 -25.28
CA ASN C 464 -29.71 -47.58 -26.55
C ASN C 464 -30.52 -48.83 -26.23
N VAL C 465 -31.81 -48.80 -26.56
CA VAL C 465 -32.74 -49.81 -26.09
C VAL C 465 -33.46 -50.47 -27.25
N ASP C 466 -33.75 -51.75 -27.08
CA ASP C 466 -34.70 -52.49 -27.89
C ASP C 466 -35.88 -52.91 -27.01
N GLU C 467 -36.86 -53.54 -27.61
CA GLU C 467 -38.02 -53.98 -26.85
C GLU C 467 -37.64 -55.18 -25.98
N PRO C 468 -37.80 -55.10 -24.65
CA PRO C 468 -37.39 -56.24 -23.82
C PRO C 468 -38.33 -57.42 -24.00
N THR C 469 -37.74 -58.62 -23.98
CA THR C 469 -38.48 -59.85 -24.22
C THR C 469 -38.23 -60.83 -23.08
N LEU C 470 -39.23 -61.65 -22.79
CA LEU C 470 -39.14 -62.71 -21.80
C LEU C 470 -39.23 -64.07 -22.50
N GLU C 471 -39.02 -65.12 -21.72
CA GLU C 471 -38.97 -66.48 -22.27
C GLU C 471 -39.79 -67.41 -21.38
N ASN C 472 -40.08 -68.59 -21.92
CA ASN C 472 -40.81 -69.59 -21.15
C ASN C 472 -39.89 -70.24 -20.13
N THR C 473 -40.47 -70.70 -19.03
CA THR C 473 -39.71 -71.40 -17.99
C THR C 473 -40.65 -72.26 -17.17
N GLU C 474 -40.06 -73.17 -16.40
CA GLU C 474 -40.80 -74.03 -15.50
C GLU C 474 -39.90 -74.35 -14.30
N GLY C 475 -40.47 -74.27 -13.10
CA GLY C 475 -39.67 -74.53 -11.91
C GLY C 475 -40.52 -74.44 -10.66
N SER C 476 -39.84 -74.64 -9.53
CA SER C 476 -40.46 -74.59 -8.21
C SER C 476 -40.62 -73.14 -7.75
N THR C 477 -41.51 -72.96 -6.76
CA THR C 477 -41.66 -71.65 -6.15
C THR C 477 -40.37 -71.16 -5.49
N SER C 478 -39.58 -72.09 -4.94
CA SER C 478 -38.37 -71.71 -4.22
C SER C 478 -37.26 -71.26 -5.14
N ASN C 479 -37.32 -71.61 -6.43
CA ASN C 479 -36.28 -71.26 -7.40
C ASN C 479 -36.95 -71.04 -8.76
N PHE C 480 -37.62 -69.90 -8.89
CA PHE C 480 -38.32 -69.52 -10.12
C PHE C 480 -37.69 -68.25 -10.68
N ALA C 481 -37.19 -68.32 -11.91
CA ALA C 481 -36.58 -67.17 -12.55
C ALA C 481 -36.97 -67.15 -14.01
N ILE C 482 -37.48 -66.02 -14.48
CA ILE C 482 -37.91 -65.86 -15.85
C ILE C 482 -36.69 -65.41 -16.68
N PRO C 483 -36.25 -66.21 -17.64
CA PRO C 483 -35.17 -65.75 -18.52
C PRO C 483 -35.60 -64.49 -19.26
N ALA C 484 -34.75 -63.47 -19.21
CA ALA C 484 -35.13 -62.15 -19.69
C ALA C 484 -34.07 -61.62 -20.63
N HIS C 485 -34.52 -60.77 -21.57
CA HIS C 485 -33.65 -60.00 -22.43
C HIS C 485 -33.97 -58.54 -22.16
N PHE C 486 -33.25 -57.94 -21.21
CA PHE C 486 -33.48 -56.54 -20.88
C PHE C 486 -33.09 -55.63 -22.03
N ASN C 487 -32.20 -56.11 -22.90
CA ASN C 487 -31.70 -55.36 -24.06
C ASN C 487 -31.05 -54.08 -23.56
N GLY C 488 -31.80 -52.99 -23.55
CA GLY C 488 -31.26 -51.74 -23.06
C GLY C 488 -32.10 -51.19 -21.92
N ASP C 489 -33.19 -51.88 -21.61
CA ASP C 489 -34.21 -51.34 -20.72
C ASP C 489 -33.91 -51.66 -19.25
N SER C 490 -34.86 -51.34 -18.38
CA SER C 490 -34.72 -51.46 -16.94
C SER C 490 -36.10 -51.64 -16.34
N VAL C 491 -36.23 -52.62 -15.43
CA VAL C 491 -37.53 -52.89 -14.81
C VAL C 491 -37.82 -51.86 -13.74
N ALA C 492 -38.99 -51.24 -13.83
CA ALA C 492 -39.49 -50.28 -12.84
C ALA C 492 -40.41 -50.93 -11.82
N THR C 493 -41.39 -51.72 -12.29
CA THR C 493 -42.32 -52.40 -11.41
C THR C 493 -42.83 -53.65 -12.11
N MET C 494 -43.55 -54.45 -11.34
CA MET C 494 -44.20 -55.66 -11.81
C MET C 494 -45.61 -55.63 -11.26
N GLU C 495 -46.59 -55.94 -12.10
CA GLU C 495 -47.96 -56.11 -11.64
C GLU C 495 -48.31 -57.58 -11.64
N ALA C 496 -49.23 -57.95 -10.75
CA ALA C 496 -49.64 -59.34 -10.60
C ALA C 496 -51.16 -59.36 -10.44
N VAL C 497 -51.86 -59.86 -11.45
CA VAL C 497 -53.31 -59.94 -11.43
C VAL C 497 -53.72 -61.37 -11.78
N TYR C 498 -54.73 -61.87 -11.09
CA TYR C 498 -55.33 -63.14 -11.50
C TYR C 498 -56.09 -62.97 -12.80
N ALA C 499 -56.34 -64.09 -13.48
CA ALA C 499 -57.02 -64.06 -14.77
C ALA C 499 -58.40 -63.43 -14.70
N ASN C 500 -58.97 -63.25 -13.50
CA ASN C 500 -60.24 -62.58 -13.33
C ASN C 500 -60.09 -61.11 -12.95
N GLY C 501 -58.85 -60.62 -12.84
CA GLY C 501 -58.61 -59.23 -12.49
C GLY C 501 -58.35 -58.97 -11.03
N GLU C 502 -58.38 -59.98 -10.17
CA GLU C 502 -58.09 -59.79 -8.77
C GLU C 502 -56.59 -59.58 -8.56
N PHE C 503 -56.26 -58.69 -7.62
CA PHE C 503 -54.86 -58.42 -7.32
C PHE C 503 -54.22 -59.65 -6.68
N ALA C 504 -53.16 -60.18 -7.30
CA ALA C 504 -52.48 -61.34 -6.77
C ALA C 504 -51.33 -60.92 -5.86
N GLY C 505 -50.63 -61.91 -5.31
CA GLY C 505 -49.43 -61.67 -4.55
C GLY C 505 -49.67 -60.96 -3.24
N PRO C 506 -48.58 -60.66 -2.52
CA PRO C 506 -48.71 -59.93 -1.26
C PRO C 506 -49.13 -58.48 -1.49
N GLN C 507 -49.48 -57.82 -0.39
CA GLN C 507 -50.18 -56.54 -0.37
C GLN C 507 -51.23 -56.47 -1.49
N ASN C 508 -52.17 -57.40 -1.40
CA ASN C 508 -53.27 -57.58 -2.35
C ASN C 508 -54.09 -56.32 -2.62
N TRP C 509 -53.88 -55.24 -1.86
CA TRP C 509 -54.69 -54.04 -2.06
C TRP C 509 -54.28 -53.24 -3.30
N THR C 510 -53.23 -53.67 -4.02
CA THR C 510 -52.80 -52.99 -5.23
C THR C 510 -52.21 -54.01 -6.19
N SER C 511 -52.24 -53.67 -7.48
CA SER C 511 -51.68 -54.57 -8.49
C SER C 511 -50.16 -54.52 -8.53
N PHE C 512 -49.56 -53.40 -8.14
CA PHE C 512 -48.11 -53.23 -8.25
C PHE C 512 -47.45 -53.89 -7.05
N LYS C 513 -46.71 -54.97 -7.30
CA LYS C 513 -45.96 -55.66 -6.27
C LYS C 513 -44.77 -54.81 -5.77
N GLU C 514 -44.24 -55.22 -4.63
CA GLU C 514 -43.07 -54.59 -4.02
C GLU C 514 -41.78 -55.05 -4.69
N PHE C 515 -40.90 -54.09 -5.00
CA PHE C 515 -39.61 -54.39 -5.59
C PHE C 515 -38.74 -55.19 -4.62
N GLY C 516 -38.01 -56.16 -5.16
CA GLY C 516 -37.09 -56.93 -4.34
C GLY C 516 -37.75 -58.05 -3.58
N TYR C 517 -38.73 -57.69 -2.74
CA TYR C 517 -39.33 -58.66 -1.83
C TYR C 517 -40.21 -59.66 -2.55
N THR C 518 -40.85 -59.26 -3.66
CA THR C 518 -41.71 -60.16 -4.43
C THR C 518 -41.11 -60.57 -5.76
N PHE C 519 -40.18 -59.79 -6.29
CA PHE C 519 -39.54 -60.05 -7.57
C PHE C 519 -38.26 -59.26 -7.60
N SER C 520 -37.29 -59.73 -8.37
CA SER C 520 -36.09 -58.93 -8.46
C SER C 520 -35.43 -59.09 -9.82
N PRO C 521 -35.20 -57.98 -10.53
CA PRO C 521 -34.44 -58.05 -11.78
C PRO C 521 -32.96 -58.16 -11.46
N VAL C 522 -32.34 -59.24 -11.91
CA VAL C 522 -30.90 -59.44 -11.75
C VAL C 522 -30.32 -59.41 -13.16
N TYR C 523 -29.68 -58.28 -13.51
CA TYR C 523 -29.26 -58.04 -14.88
C TYR C 523 -28.00 -58.82 -15.22
N ASP C 524 -27.06 -58.93 -14.27
CA ASP C 524 -25.82 -59.66 -14.52
C ASP C 524 -26.05 -61.12 -14.82
N LYS C 525 -27.24 -61.65 -14.51
CA LYS C 525 -27.58 -63.04 -14.78
C LYS C 525 -28.71 -63.16 -15.78
N GLY C 526 -29.15 -62.04 -16.36
CA GLY C 526 -30.16 -62.03 -17.40
C GLY C 526 -31.43 -62.78 -17.07
N GLU C 527 -32.06 -62.47 -15.93
CA GLU C 527 -33.29 -63.16 -15.54
C GLU C 527 -34.03 -62.31 -14.53
N ILE C 528 -35.30 -62.66 -14.32
CA ILE C 528 -36.17 -62.02 -13.35
C ILE C 528 -36.63 -63.10 -12.38
N VAL C 529 -36.20 -62.99 -11.12
CA VAL C 529 -36.59 -63.98 -10.12
C VAL C 529 -37.94 -63.62 -9.55
N ILE C 530 -38.76 -64.63 -9.29
CA ILE C 530 -40.00 -64.48 -8.54
C ILE C 530 -39.83 -65.21 -7.22
N THR C 531 -39.99 -64.49 -6.12
CA THR C 531 -39.52 -64.94 -4.82
C THR C 531 -40.52 -65.88 -4.15
N ASP C 532 -40.01 -66.62 -3.15
CA ASP C 532 -40.87 -67.45 -2.32
C ASP C 532 -41.97 -66.62 -1.66
N ALA C 533 -41.65 -65.38 -1.27
CA ALA C 533 -42.63 -64.54 -0.61
C ALA C 533 -43.82 -64.25 -1.51
N PHE C 534 -43.60 -64.15 -2.82
CA PHE C 534 -44.70 -63.92 -3.74
C PHE C 534 -45.61 -65.14 -3.84
N PHE C 535 -45.03 -66.31 -4.11
CA PHE C 535 -45.83 -67.51 -4.32
C PHE C 535 -46.53 -67.97 -3.04
N ASN C 536 -45.95 -67.67 -1.87
CA ASN C 536 -46.58 -68.07 -0.62
C ASN C 536 -47.86 -67.30 -0.33
N GLU C 537 -48.17 -66.28 -1.13
CA GLU C 537 -49.37 -65.47 -0.99
C GLU C 537 -50.15 -65.46 -2.29
N VAL C 538 -50.05 -66.54 -3.06
CA VAL C 538 -50.73 -66.69 -4.34
C VAL C 538 -51.49 -68.01 -4.33
N ARG C 539 -52.74 -67.97 -4.77
CA ARG C 539 -53.56 -69.17 -4.89
C ARG C 539 -53.19 -69.96 -6.14
N ASP C 540 -53.60 -71.23 -6.16
CA ASP C 540 -53.40 -72.06 -7.35
C ASP C 540 -54.29 -71.55 -8.47
N ASP C 541 -53.69 -70.87 -9.43
CA ASP C 541 -54.43 -70.14 -10.47
C ASP C 541 -53.44 -69.70 -11.53
N ASP C 542 -53.95 -68.95 -12.50
CA ASP C 542 -53.12 -68.29 -13.50
C ASP C 542 -52.92 -66.84 -13.11
N ILE C 543 -51.67 -66.39 -13.13
CA ILE C 543 -51.31 -65.02 -12.77
C ILE C 543 -50.73 -64.35 -14.00
N HIS C 544 -51.31 -63.22 -14.37
CA HIS C 544 -50.76 -62.36 -15.41
C HIS C 544 -49.83 -61.34 -14.77
N LEU C 545 -48.59 -61.31 -15.23
CA LEU C 545 -47.64 -60.31 -14.77
C LEU C 545 -47.45 -59.24 -15.83
N THR C 546 -47.22 -58.01 -15.35
CA THR C 546 -47.11 -56.85 -16.23
C THR C 546 -45.87 -56.07 -15.79
N PHE C 547 -44.77 -56.26 -16.51
CA PHE C 547 -43.51 -55.62 -16.16
C PHE C 547 -43.49 -54.21 -16.74
N HIS C 548 -43.38 -53.22 -15.86
CA HIS C 548 -43.29 -51.83 -16.27
C HIS C 548 -41.82 -51.44 -16.36
N PHE C 549 -41.40 -50.99 -17.54
CA PHE C 549 -40.01 -50.59 -17.74
C PHE C 549 -39.88 -49.07 -17.75
N TRP C 550 -38.70 -48.60 -17.36
CA TRP C 550 -38.42 -47.17 -17.29
C TRP C 550 -38.32 -46.52 -18.67
N SER C 551 -38.26 -47.30 -19.74
CA SER C 551 -38.33 -46.76 -21.08
C SER C 551 -39.76 -46.44 -21.50
N GLY C 552 -40.75 -46.84 -20.71
CA GLY C 552 -42.14 -46.72 -21.06
C GLY C 552 -42.78 -48.04 -21.46
N GLU C 553 -41.98 -48.98 -21.97
CA GLU C 553 -42.50 -50.24 -22.47
C GLU C 553 -43.13 -51.07 -21.37
N MET C 554 -43.97 -52.02 -21.77
CA MET C 554 -44.64 -52.92 -20.85
C MET C 554 -44.71 -54.29 -21.48
N VAL C 555 -44.24 -55.30 -20.74
CA VAL C 555 -44.20 -56.67 -21.22
C VAL C 555 -45.12 -57.52 -20.35
N GLU C 556 -45.89 -58.39 -20.99
CA GLU C 556 -46.81 -59.26 -20.28
C GLU C 556 -46.27 -60.68 -20.19
N TYR C 557 -46.63 -61.36 -19.11
CA TYR C 557 -46.18 -62.71 -18.80
C TYR C 557 -47.26 -63.39 -17.99
N THR C 558 -47.36 -64.71 -18.15
CA THR C 558 -48.38 -65.49 -17.45
C THR C 558 -47.74 -66.64 -16.70
N LEU C 559 -48.08 -66.78 -15.42
CA LEU C 559 -47.66 -67.91 -14.60
C LEU C 559 -48.86 -68.79 -14.30
N SER C 560 -48.62 -70.09 -14.22
CA SER C 560 -49.61 -71.06 -13.78
C SER C 560 -49.05 -71.78 -12.56
N LYS C 561 -49.58 -71.49 -11.38
CA LYS C 561 -49.08 -72.07 -10.14
C LYS C 561 -50.00 -73.21 -9.73
N ASN C 562 -49.40 -74.38 -9.47
CA ASN C 562 -50.12 -75.52 -8.89
C ASN C 562 -49.22 -76.12 -7.82
N GLY C 563 -49.65 -76.01 -6.57
CA GLY C 563 -48.83 -76.50 -5.46
C GLY C 563 -47.54 -75.73 -5.40
N ASN C 564 -46.41 -76.45 -5.49
CA ASN C 564 -45.09 -75.84 -5.44
C ASN C 564 -44.46 -75.74 -6.82
N HIS C 565 -45.23 -75.96 -7.88
CA HIS C 565 -44.73 -75.91 -9.25
C HIS C 565 -45.42 -74.79 -10.01
N VAL C 566 -44.67 -74.14 -10.88
CA VAL C 566 -45.14 -72.98 -11.63
C VAL C 566 -44.62 -73.06 -13.05
N GLN C 567 -45.49 -72.76 -14.01
CA GLN C 567 -45.10 -72.63 -15.40
C GLN C 567 -45.22 -71.17 -15.82
N GLY C 568 -44.19 -70.67 -16.49
CA GLY C 568 -44.23 -69.31 -16.99
C GLY C 568 -44.11 -69.30 -18.50
N ARG C 569 -45.05 -68.65 -19.19
CA ARG C 569 -45.05 -68.62 -20.64
C ARG C 569 -45.30 -67.20 -21.12
N ARG C 570 -44.91 -66.92 -22.36
CA ARG C 570 -44.87 -65.53 -22.83
C ARG C 570 -46.26 -65.01 -23.16
#